data_3F5H
# 
_entry.id   3F5H 
# 
_audit_conform.dict_name       mmcif_pdbx.dic 
_audit_conform.dict_version    5.383 
_audit_conform.dict_location   http://mmcif.pdb.org/dictionaries/ascii/mmcif_pdbx.dic 
# 
loop_
_database_2.database_id 
_database_2.database_code 
_database_2.pdbx_database_accession 
_database_2.pdbx_DOI 
PDB   3F5H         pdb_00003f5h 10.2210/pdb3f5h/pdb 
RCSB  RCSB050170   ?            ?                   
WWPDB D_1000050170 ?            ?                   
# 
loop_
_pdbx_audit_revision_history.ordinal 
_pdbx_audit_revision_history.data_content_type 
_pdbx_audit_revision_history.major_revision 
_pdbx_audit_revision_history.minor_revision 
_pdbx_audit_revision_history.revision_date 
1 'Structure model' 1 0 2009-01-27 
2 'Structure model' 1 1 2011-07-13 
3 'Structure model' 1 2 2017-08-02 
4 'Structure model' 1 3 2017-10-25 
5 'Structure model' 1 4 2023-12-27 
# 
_pdbx_audit_revision_details.ordinal             1 
_pdbx_audit_revision_details.revision_ordinal    1 
_pdbx_audit_revision_details.data_content_type   'Structure model' 
_pdbx_audit_revision_details.provider            repository 
_pdbx_audit_revision_details.type                'Initial release' 
_pdbx_audit_revision_details.description         ? 
_pdbx_audit_revision_details.details             ? 
# 
loop_
_pdbx_audit_revision_group.ordinal 
_pdbx_audit_revision_group.revision_ordinal 
_pdbx_audit_revision_group.data_content_type 
_pdbx_audit_revision_group.group 
1 2 'Structure model' 'Version format compliance' 
2 3 'Structure model' 'Refinement description'    
3 3 'Structure model' 'Source and taxonomy'       
4 4 'Structure model' 'Refinement description'    
5 5 'Structure model' 'Data collection'           
6 5 'Structure model' 'Database references'       
7 5 'Structure model' 'Derived calculations'      
# 
loop_
_pdbx_audit_revision_category.ordinal 
_pdbx_audit_revision_category.revision_ordinal 
_pdbx_audit_revision_category.data_content_type 
_pdbx_audit_revision_category.category 
1 3 'Structure model' entity_src_gen         
2 3 'Structure model' software               
3 4 'Structure model' software               
4 5 'Structure model' chem_comp_atom         
5 5 'Structure model' chem_comp_bond         
6 5 'Structure model' database_2             
7 5 'Structure model' pdbx_struct_conn_angle 
8 5 'Structure model' struct_conn            
9 5 'Structure model' struct_ref_seq_dif     
# 
loop_
_pdbx_audit_revision_item.ordinal 
_pdbx_audit_revision_item.revision_ordinal 
_pdbx_audit_revision_item.data_content_type 
_pdbx_audit_revision_item.item 
1  5 'Structure model' '_database_2.pdbx_DOI'                        
2  5 'Structure model' '_database_2.pdbx_database_accession'         
3  5 'Structure model' '_pdbx_struct_conn_angle.ptnr1_auth_comp_id'  
4  5 'Structure model' '_pdbx_struct_conn_angle.ptnr1_auth_seq_id'   
5  5 'Structure model' '_pdbx_struct_conn_angle.ptnr1_label_asym_id' 
6  5 'Structure model' '_pdbx_struct_conn_angle.ptnr1_label_atom_id' 
7  5 'Structure model' '_pdbx_struct_conn_angle.ptnr1_label_comp_id' 
8  5 'Structure model' '_pdbx_struct_conn_angle.ptnr1_label_seq_id'  
9  5 'Structure model' '_pdbx_struct_conn_angle.ptnr3_auth_comp_id'  
10 5 'Structure model' '_pdbx_struct_conn_angle.ptnr3_auth_seq_id'   
11 5 'Structure model' '_pdbx_struct_conn_angle.ptnr3_label_asym_id' 
12 5 'Structure model' '_pdbx_struct_conn_angle.ptnr3_label_atom_id' 
13 5 'Structure model' '_pdbx_struct_conn_angle.ptnr3_label_comp_id' 
14 5 'Structure model' '_pdbx_struct_conn_angle.ptnr3_label_seq_id'  
15 5 'Structure model' '_pdbx_struct_conn_angle.value'               
16 5 'Structure model' '_struct_conn.pdbx_dist_value'                
17 5 'Structure model' '_struct_conn.ptnr1_auth_comp_id'             
18 5 'Structure model' '_struct_conn.ptnr1_auth_seq_id'              
19 5 'Structure model' '_struct_conn.ptnr1_label_asym_id'            
20 5 'Structure model' '_struct_conn.ptnr1_label_atom_id'            
21 5 'Structure model' '_struct_conn.ptnr1_label_comp_id'            
22 5 'Structure model' '_struct_conn.ptnr1_label_seq_id'             
23 5 'Structure model' '_struct_conn.ptnr2_auth_comp_id'             
24 5 'Structure model' '_struct_conn.ptnr2_auth_seq_id'              
25 5 'Structure model' '_struct_conn.ptnr2_label_asym_id'            
26 5 'Structure model' '_struct_conn.ptnr2_label_atom_id'            
27 5 'Structure model' '_struct_conn.ptnr2_label_comp_id'            
28 5 'Structure model' '_struct_ref_seq_dif.details'                 
# 
_pdbx_database_status.entry_id                        3F5H 
_pdbx_database_status.deposit_site                    RCSB 
_pdbx_database_status.process_site                    RCSB 
_pdbx_database_status.recvd_initial_deposition_date   2008-11-03 
_pdbx_database_status.status_code                     REL 
_pdbx_database_status.status_code_sf                  REL 
_pdbx_database_status.status_code_mr                  ? 
_pdbx_database_status.SG_entry                        ? 
_pdbx_database_status.pdb_format_compatible           Y 
_pdbx_database_status.status_code_cs                  ? 
_pdbx_database_status.methods_development_category    ? 
_pdbx_database_status.status_code_nmr_data            ? 
# 
_pdbx_database_related.db_name        PDB 
_pdbx_database_related.db_id          1pzr 
_pdbx_database_related.details        
;Structure of fused docking domains from the erythromycin polyketide synthase (DEBS), a model for the interaction between DEBS 2 and DEBS 3: The A domain
;
_pdbx_database_related.content_type   unspecified 
# 
loop_
_audit_author.name 
_audit_author.pdbx_ordinal 
'Buchholz, T.J.' 1 
'Geders, T.W.'   2 
'Bartley, F.E.'  3 
'Reynolds, K.A.' 4 
'Smith, J.L.'    5 
'Sherman, D.H.'  6 
# 
_citation.id                        primary 
_citation.title                     
'Structural basis for binding specificity between subclasses of modular polyketide synthase docking domains.' 
_citation.journal_abbrev            'Acs Chem.Biol.' 
_citation.journal_volume            4 
_citation.page_first                41 
_citation.page_last                 52 
_citation.year                      2009 
_citation.journal_id_ASTM           ? 
_citation.country                   US 
_citation.journal_id_ISSN           1554-8929 
_citation.journal_id_CSD            ? 
_citation.book_publisher            ? 
_citation.pdbx_database_id_PubMed   19146481 
_citation.pdbx_database_id_DOI      10.1021/cb8002607 
# 
loop_
_citation_author.citation_id 
_citation_author.name 
_citation_author.ordinal 
_citation_author.identifier_ORCID 
primary 'Buchholz, T.J.' 1 ? 
primary 'Geders, T.W.'   2 ? 
primary 'Bartley, F.E.'  3 ? 
primary 'Reynolds, K.A.' 4 ? 
primary 'Smith, J.L.'    5 ? 
primary 'Sherman, D.H.'  6 ? 
# 
loop_
_entity.id 
_entity.type 
_entity.src_method 
_entity.pdbx_description 
_entity.formula_weight 
_entity.pdbx_number_of_molecules 
_entity.pdbx_ec 
_entity.pdbx_mutation 
_entity.pdbx_fragment 
_entity.details 
1 polymer     man 'Type I polyketide synthase PikAIII, Type I polyketide synthase PikAIV fusion protein' 7634.411 2   ? ? 
'C-terminal domain of PikAIII fused to N-terminal domain of PikAIV' ? 
2 non-polymer syn 'SODIUM ION'                                                                           22.990   1   ? ? ? ? 
3 water       nat water                                                                                  18.015   151 ? ? ? ? 
# 
_entity_poly.entity_id                      1 
_entity_poly.type                           'polypeptide(L)' 
_entity_poly.nstd_linkage                   no 
_entity_poly.nstd_monomer                   no 
_entity_poly.pdbx_seq_one_letter_code       SNADPGAEPEASIDDLDAEALIRMALGPRNTMTSSNEQLVDALRASLKENEELRKESRRRADRRQEPM 
_entity_poly.pdbx_seq_one_letter_code_can   SNADPGAEPEASIDDLDAEALIRMALGPRNTMTSSNEQLVDALRASLKENEELRKESRRRADRRQEPM 
_entity_poly.pdbx_strand_id                 A,B 
_entity_poly.pdbx_target_identifier         ? 
# 
loop_
_pdbx_entity_nonpoly.entity_id 
_pdbx_entity_nonpoly.name 
_pdbx_entity_nonpoly.comp_id 
2 'SODIUM ION' NA  
3 water        HOH 
# 
loop_
_entity_poly_seq.entity_id 
_entity_poly_seq.num 
_entity_poly_seq.mon_id 
_entity_poly_seq.hetero 
1 1  SER n 
1 2  ASN n 
1 3  ALA n 
1 4  ASP n 
1 5  PRO n 
1 6  GLY n 
1 7  ALA n 
1 8  GLU n 
1 9  PRO n 
1 10 GLU n 
1 11 ALA n 
1 12 SER n 
1 13 ILE n 
1 14 ASP n 
1 15 ASP n 
1 16 LEU n 
1 17 ASP n 
1 18 ALA n 
1 19 GLU n 
1 20 ALA n 
1 21 LEU n 
1 22 ILE n 
1 23 ARG n 
1 24 MET n 
1 25 ALA n 
1 26 LEU n 
1 27 GLY n 
1 28 PRO n 
1 29 ARG n 
1 30 ASN n 
1 31 THR n 
1 32 MET n 
1 33 THR n 
1 34 SER n 
1 35 SER n 
1 36 ASN n 
1 37 GLU n 
1 38 GLN n 
1 39 LEU n 
1 40 VAL n 
1 41 ASP n 
1 42 ALA n 
1 43 LEU n 
1 44 ARG n 
1 45 ALA n 
1 46 SER n 
1 47 LEU n 
1 48 LYS n 
1 49 GLU n 
1 50 ASN n 
1 51 GLU n 
1 52 GLU n 
1 53 LEU n 
1 54 ARG n 
1 55 LYS n 
1 56 GLU n 
1 57 SER n 
1 58 ARG n 
1 59 ARG n 
1 60 ARG n 
1 61 ALA n 
1 62 ASP n 
1 63 ARG n 
1 64 ARG n 
1 65 GLN n 
1 66 GLU n 
1 67 PRO n 
1 68 MET n 
# 
loop_
_entity_src_gen.entity_id 
_entity_src_gen.pdbx_src_id 
_entity_src_gen.pdbx_alt_source_flag 
_entity_src_gen.pdbx_seq_type 
_entity_src_gen.pdbx_beg_seq_num 
_entity_src_gen.pdbx_end_seq_num 
_entity_src_gen.gene_src_common_name 
_entity_src_gen.gene_src_genus 
_entity_src_gen.pdbx_gene_src_gene 
_entity_src_gen.gene_src_species 
_entity_src_gen.gene_src_strain 
_entity_src_gen.gene_src_tissue 
_entity_src_gen.gene_src_tissue_fraction 
_entity_src_gen.gene_src_details 
_entity_src_gen.pdbx_gene_src_fragment 
_entity_src_gen.pdbx_gene_src_scientific_name 
_entity_src_gen.pdbx_gene_src_ncbi_taxonomy_id 
_entity_src_gen.pdbx_gene_src_variant 
_entity_src_gen.pdbx_gene_src_cell_line 
_entity_src_gen.pdbx_gene_src_atcc 
_entity_src_gen.pdbx_gene_src_organ 
_entity_src_gen.pdbx_gene_src_organelle 
_entity_src_gen.pdbx_gene_src_cell 
_entity_src_gen.pdbx_gene_src_cellular_location 
_entity_src_gen.host_org_common_name 
_entity_src_gen.pdbx_host_org_scientific_name 
_entity_src_gen.pdbx_host_org_ncbi_taxonomy_id 
_entity_src_gen.host_org_genus 
_entity_src_gen.pdbx_host_org_gene 
_entity_src_gen.pdbx_host_org_organ 
_entity_src_gen.host_org_species 
_entity_src_gen.pdbx_host_org_tissue 
_entity_src_gen.pdbx_host_org_tissue_fraction 
_entity_src_gen.pdbx_host_org_strain 
_entity_src_gen.pdbx_host_org_variant 
_entity_src_gen.pdbx_host_org_cell_line 
_entity_src_gen.pdbx_host_org_atcc 
_entity_src_gen.pdbx_host_org_culture_collection 
_entity_src_gen.pdbx_host_org_cell 
_entity_src_gen.pdbx_host_org_organelle 
_entity_src_gen.pdbx_host_org_cellular_location 
_entity_src_gen.pdbx_host_org_vector_type 
_entity_src_gen.pdbx_host_org_vector 
_entity_src_gen.host_org_details 
_entity_src_gen.expression_system_id 
_entity_src_gen.plasmid_name 
_entity_src_gen.plasmid_details 
_entity_src_gen.pdbx_description 
1 1 sample ? 3  31 ? ? 'pIKAIII, pIKAIV' ? ATCC15439 ? ? ? ? 'Streptomyces venezuelae' 54571 ? ? ? ? ? ? ? ? 'Escherichia coli' 
562 ? ? ? ? ? ? 'BL21(DE3)' ? ? ? ? ? ? ? Plasmid ? ? ? pMCSG7 ? ? 
1 2 sample ? 32 68 ? ? 'pIKAIII, pIKAIV' ? ATCC15439 ? ? ? ? 'Streptomyces venezuelae' 54571 ? ? ? ? ? ? ? ? 'Escherichia coli' 
562 ? ? ? ? ? ? 'BL21(DE3)' ? ? ? ? ? ? ? Plasmid ? ? ? pMCSG7 ? ? 
# 
loop_
_chem_comp.id 
_chem_comp.type 
_chem_comp.mon_nstd_flag 
_chem_comp.name 
_chem_comp.pdbx_synonyms 
_chem_comp.formula 
_chem_comp.formula_weight 
ALA 'L-peptide linking' y ALANINE         ? 'C3 H7 N O2'     89.093  
ARG 'L-peptide linking' y ARGININE        ? 'C6 H15 N4 O2 1' 175.209 
ASN 'L-peptide linking' y ASPARAGINE      ? 'C4 H8 N2 O3'    132.118 
ASP 'L-peptide linking' y 'ASPARTIC ACID' ? 'C4 H7 N O4'     133.103 
GLN 'L-peptide linking' y GLUTAMINE       ? 'C5 H10 N2 O3'   146.144 
GLU 'L-peptide linking' y 'GLUTAMIC ACID' ? 'C5 H9 N O4'     147.129 
GLY 'peptide linking'   y GLYCINE         ? 'C2 H5 N O2'     75.067  
HOH non-polymer         . WATER           ? 'H2 O'           18.015  
ILE 'L-peptide linking' y ISOLEUCINE      ? 'C6 H13 N O2'    131.173 
LEU 'L-peptide linking' y LEUCINE         ? 'C6 H13 N O2'    131.173 
LYS 'L-peptide linking' y LYSINE          ? 'C6 H15 N2 O2 1' 147.195 
MET 'L-peptide linking' y METHIONINE      ? 'C5 H11 N O2 S'  149.211 
NA  non-polymer         . 'SODIUM ION'    ? 'Na 1'           22.990  
PRO 'L-peptide linking' y PROLINE         ? 'C5 H9 N O2'     115.130 
SER 'L-peptide linking' y SERINE          ? 'C3 H7 N O3'     105.093 
THR 'L-peptide linking' y THREONINE       ? 'C4 H9 N O3'     119.119 
VAL 'L-peptide linking' y VALINE          ? 'C5 H11 N O2'    117.146 
# 
loop_
_pdbx_poly_seq_scheme.asym_id 
_pdbx_poly_seq_scheme.entity_id 
_pdbx_poly_seq_scheme.seq_id 
_pdbx_poly_seq_scheme.mon_id 
_pdbx_poly_seq_scheme.ndb_seq_num 
_pdbx_poly_seq_scheme.pdb_seq_num 
_pdbx_poly_seq_scheme.auth_seq_num 
_pdbx_poly_seq_scheme.pdb_mon_id 
_pdbx_poly_seq_scheme.auth_mon_id 
_pdbx_poly_seq_scheme.pdb_strand_id 
_pdbx_poly_seq_scheme.pdb_ins_code 
_pdbx_poly_seq_scheme.hetero 
A 1 1  SER 1  1532 ?    ?   ?   A . n 
A 1 2  ASN 2  1533 ?    ?   ?   A . n 
A 1 3  ALA 3  1534 ?    ?   ?   A . n 
A 1 4  ASP 4  1535 ?    ?   ?   A . n 
A 1 5  PRO 5  1536 ?    ?   ?   A . n 
A 1 6  GLY 6  1537 ?    ?   ?   A . n 
A 1 7  ALA 7  1538 ?    ?   ?   A . n 
A 1 8  GLU 8  1539 ?    ?   ?   A . n 
A 1 9  PRO 9  1540 ?    ?   ?   A . n 
A 1 10 GLU 10 1541 ?    ?   ?   A . n 
A 1 11 ALA 11 1542 ?    ?   ?   A . n 
A 1 12 SER 12 1543 1543 SER SER A . n 
A 1 13 ILE 13 1544 1544 ILE ILE A . n 
A 1 14 ASP 14 1545 1545 ASP ASP A . n 
A 1 15 ASP 15 1546 1546 ASP ASP A . n 
A 1 16 LEU 16 1547 1547 LEU LEU A . n 
A 1 17 ASP 17 1548 1548 ASP ASP A . n 
A 1 18 ALA 18 1549 1549 ALA ALA A . n 
A 1 19 GLU 19 1550 1550 GLU GLU A . n 
A 1 20 ALA 20 1551 1551 ALA ALA A . n 
A 1 21 LEU 21 1552 1552 LEU LEU A . n 
A 1 22 ILE 22 1553 1553 ILE ILE A . n 
A 1 23 ARG 23 1554 1554 ARG ARG A . n 
A 1 24 MET 24 1555 1555 MET MET A . n 
A 1 25 ALA 25 1556 1556 ALA ALA A . n 
A 1 26 LEU 26 1557 1557 LEU LEU A . n 
A 1 27 GLY 27 1558 1558 GLY GLY A . n 
A 1 28 PRO 28 1559 1559 PRO PRO A . n 
A 1 29 ARG 29 1560 1560 ARG ARG A . n 
A 1 30 ASN 30 1561 1561 ASN ASN A . n 
A 1 31 THR 31 1562 1562 THR THR A . n 
A 1 32 MET 32 1    1    MET MET A . n 
A 1 33 THR 33 2    2    THR THR A . n 
A 1 34 SER 34 3    3    SER SER A . n 
A 1 35 SER 35 4    4    SER SER A . n 
A 1 36 ASN 36 5    5    ASN ASN A . n 
A 1 37 GLU 37 6    6    GLU GLU A . n 
A 1 38 GLN 38 7    7    GLN GLN A . n 
A 1 39 LEU 39 8    8    LEU LEU A . n 
A 1 40 VAL 40 9    9    VAL VAL A . n 
A 1 41 ASP 41 10   10   ASP ASP A . n 
A 1 42 ALA 42 11   11   ALA ALA A . n 
A 1 43 LEU 43 12   12   LEU LEU A . n 
A 1 44 ARG 44 13   13   ARG ARG A . n 
A 1 45 ALA 45 14   14   ALA ALA A . n 
A 1 46 SER 46 15   15   SER SER A . n 
A 1 47 LEU 47 16   16   LEU LEU A . n 
A 1 48 LYS 48 17   17   LYS LYS A . n 
A 1 49 GLU 49 18   18   GLU GLU A . n 
A 1 50 ASN 50 19   19   ASN ASN A . n 
A 1 51 GLU 51 20   20   GLU GLU A . n 
A 1 52 GLU 52 21   21   GLU GLU A . n 
A 1 53 LEU 53 22   22   LEU LEU A . n 
A 1 54 ARG 54 23   23   ARG ARG A . n 
A 1 55 LYS 55 24   24   LYS LYS A . n 
A 1 56 GLU 56 25   25   GLU GLU A . n 
A 1 57 SER 57 26   26   SER SER A . n 
A 1 58 ARG 58 27   27   ARG ARG A . n 
A 1 59 ARG 59 28   28   ARG ARG A . n 
A 1 60 ARG 60 29   29   ARG ARG A . n 
A 1 61 ALA 61 30   30   ALA ALA A . n 
A 1 62 ASP 62 31   31   ASP ASP A . n 
A 1 63 ARG 63 32   32   ARG ARG A . n 
A 1 64 ARG 64 33   33   ARG ARG A . n 
A 1 65 GLN 65 34   34   GLN GLN A . n 
A 1 66 GLU 66 35   ?    ?   ?   A . n 
A 1 67 PRO 67 36   ?    ?   ?   A . n 
A 1 68 MET 68 37   ?    ?   ?   A . n 
B 1 1  SER 1  1532 ?    ?   ?   B . n 
B 1 2  ASN 2  1533 ?    ?   ?   B . n 
B 1 3  ALA 3  1534 ?    ?   ?   B . n 
B 1 4  ASP 4  1535 ?    ?   ?   B . n 
B 1 5  PRO 5  1536 ?    ?   ?   B . n 
B 1 6  GLY 6  1537 ?    ?   ?   B . n 
B 1 7  ALA 7  1538 ?    ?   ?   B . n 
B 1 8  GLU 8  1539 ?    ?   ?   B . n 
B 1 9  PRO 9  1540 ?    ?   ?   B . n 
B 1 10 GLU 10 1541 ?    ?   ?   B . n 
B 1 11 ALA 11 1542 ?    ?   ?   B . n 
B 1 12 SER 12 1543 1543 SER SER B . n 
B 1 13 ILE 13 1544 1544 ILE ILE B . n 
B 1 14 ASP 14 1545 1545 ASP ASP B . n 
B 1 15 ASP 15 1546 1546 ASP ASP B . n 
B 1 16 LEU 16 1547 1547 LEU LEU B . n 
B 1 17 ASP 17 1548 1548 ASP ASP B . n 
B 1 18 ALA 18 1549 1549 ALA ALA B . n 
B 1 19 GLU 19 1550 1550 GLU GLU B . n 
B 1 20 ALA 20 1551 1551 ALA ALA B . n 
B 1 21 LEU 21 1552 1552 LEU LEU B . n 
B 1 22 ILE 22 1553 1553 ILE ILE B . n 
B 1 23 ARG 23 1554 1554 ARG ARG B . n 
B 1 24 MET 24 1555 1555 MET MET B . n 
B 1 25 ALA 25 1556 1556 ALA ALA B . n 
B 1 26 LEU 26 1557 1557 LEU LEU B . n 
B 1 27 GLY 27 1558 1558 GLY GLY B . n 
B 1 28 PRO 28 1559 1559 PRO PRO B . n 
B 1 29 ARG 29 1560 1560 ARG ARG B . n 
B 1 30 ASN 30 1561 1561 ASN ASN B . n 
B 1 31 THR 31 1562 1562 THR THR B . n 
B 1 32 MET 32 1    1    MET MET B . n 
B 1 33 THR 33 2    2    THR THR B . n 
B 1 34 SER 34 3    3    SER SER B . n 
B 1 35 SER 35 4    4    SER SER B . n 
B 1 36 ASN 36 5    5    ASN ASN B . n 
B 1 37 GLU 37 6    6    GLU GLU B . n 
B 1 38 GLN 38 7    7    GLN GLN B . n 
B 1 39 LEU 39 8    8    LEU LEU B . n 
B 1 40 VAL 40 9    9    VAL VAL B . n 
B 1 41 ASP 41 10   10   ASP ASP B . n 
B 1 42 ALA 42 11   11   ALA ALA B . n 
B 1 43 LEU 43 12   12   LEU LEU B . n 
B 1 44 ARG 44 13   13   ARG ARG B . n 
B 1 45 ALA 45 14   14   ALA ALA B . n 
B 1 46 SER 46 15   15   SER SER B . n 
B 1 47 LEU 47 16   16   LEU LEU B . n 
B 1 48 LYS 48 17   17   LYS LYS B . n 
B 1 49 GLU 49 18   18   GLU GLU B . n 
B 1 50 ASN 50 19   19   ASN ASN B . n 
B 1 51 GLU 51 20   20   GLU GLU B . n 
B 1 52 GLU 52 21   21   GLU GLU B . n 
B 1 53 LEU 53 22   22   LEU LEU B . n 
B 1 54 ARG 54 23   23   ARG ARG B . n 
B 1 55 LYS 55 24   24   LYS LYS B . n 
B 1 56 GLU 56 25   25   GLU GLU B . n 
B 1 57 SER 57 26   26   SER SER B . n 
B 1 58 ARG 58 27   27   ARG ARG B . n 
B 1 59 ARG 59 28   28   ARG ARG B . n 
B 1 60 ARG 60 29   29   ARG ARG B . n 
B 1 61 ALA 61 30   30   ALA ALA B . n 
B 1 62 ASP 62 31   31   ASP ASP B . n 
B 1 63 ARG 63 32   32   ARG ARG B . n 
B 1 64 ARG 64 33   33   ARG ARG B . n 
B 1 65 GLN 65 34   34   GLN GLN B . n 
B 1 66 GLU 66 35   35   GLU GLU B . n 
B 1 67 PRO 67 36   36   PRO PRO B . n 
B 1 68 MET 68 37   37   MET MET B . n 
# 
loop_
_pdbx_nonpoly_scheme.asym_id 
_pdbx_nonpoly_scheme.entity_id 
_pdbx_nonpoly_scheme.mon_id 
_pdbx_nonpoly_scheme.ndb_seq_num 
_pdbx_nonpoly_scheme.pdb_seq_num 
_pdbx_nonpoly_scheme.auth_seq_num 
_pdbx_nonpoly_scheme.pdb_mon_id 
_pdbx_nonpoly_scheme.auth_mon_id 
_pdbx_nonpoly_scheme.pdb_strand_id 
_pdbx_nonpoly_scheme.pdb_ins_code 
C 2 NA  1  1563 1   NA  NA  B . 
D 3 HOH 1  38   38  HOH HOH A . 
D 3 HOH 2  39   39  HOH HOH A . 
D 3 HOH 3  40   40  HOH HOH A . 
D 3 HOH 4  43   43  HOH HOH A . 
D 3 HOH 5  47   47  HOH HOH A . 
D 3 HOH 6  48   48  HOH HOH A . 
D 3 HOH 7  50   50  HOH HOH A . 
D 3 HOH 8  51   51  HOH HOH A . 
D 3 HOH 9  53   53  HOH HOH A . 
D 3 HOH 10 54   54  HOH HOH A . 
D 3 HOH 11 55   55  HOH HOH A . 
D 3 HOH 12 57   57  HOH HOH A . 
D 3 HOH 13 59   59  HOH HOH A . 
D 3 HOH 14 63   63  HOH HOH A . 
D 3 HOH 15 65   65  HOH HOH A . 
D 3 HOH 16 67   67  HOH HOH A . 
D 3 HOH 17 69   69  HOH HOH A . 
D 3 HOH 18 70   70  HOH HOH A . 
D 3 HOH 19 71   71  HOH HOH A . 
D 3 HOH 20 75   75  HOH HOH A . 
D 3 HOH 21 77   77  HOH HOH A . 
D 3 HOH 22 78   78  HOH HOH A . 
D 3 HOH 23 81   81  HOH HOH A . 
D 3 HOH 24 83   83  HOH HOH A . 
D 3 HOH 25 84   84  HOH HOH A . 
D 3 HOH 26 85   85  HOH HOH A . 
D 3 HOH 27 86   86  HOH HOH A . 
D 3 HOH 28 89   89  HOH HOH A . 
D 3 HOH 29 90   90  HOH HOH A . 
D 3 HOH 30 94   94  HOH HOH A . 
D 3 HOH 31 95   95  HOH HOH A . 
D 3 HOH 32 97   97  HOH HOH A . 
D 3 HOH 33 98   98  HOH HOH A . 
D 3 HOH 34 99   99  HOH HOH A . 
D 3 HOH 35 102  102 HOH HOH A . 
D 3 HOH 36 104  104 HOH HOH A . 
D 3 HOH 37 106  106 HOH HOH A . 
D 3 HOH 38 107  107 HOH HOH A . 
D 3 HOH 39 108  108 HOH HOH A . 
D 3 HOH 40 109  109 HOH HOH A . 
D 3 HOH 41 111  111 HOH HOH A . 
D 3 HOH 42 112  112 HOH HOH A . 
D 3 HOH 43 113  113 HOH HOH A . 
D 3 HOH 44 115  115 HOH HOH A . 
D 3 HOH 45 116  116 HOH HOH A . 
D 3 HOH 46 117  117 HOH HOH A . 
D 3 HOH 47 119  119 HOH HOH A . 
D 3 HOH 48 122  122 HOH HOH A . 
D 3 HOH 49 124  124 HOH HOH A . 
D 3 HOH 50 125  125 HOH HOH A . 
D 3 HOH 51 126  126 HOH HOH A . 
D 3 HOH 52 127  127 HOH HOH A . 
D 3 HOH 53 129  129 HOH HOH A . 
D 3 HOH 54 132  132 HOH HOH A . 
D 3 HOH 55 134  134 HOH HOH A . 
D 3 HOH 56 135  135 HOH HOH A . 
D 3 HOH 57 137  137 HOH HOH A . 
D 3 HOH 58 143  143 HOH HOH A . 
D 3 HOH 59 149  149 HOH HOH A . 
D 3 HOH 60 151  151 HOH HOH A . 
D 3 HOH 61 1563 1   HOH HOH A . 
D 3 HOH 62 1564 2   HOH HOH A . 
D 3 HOH 63 1565 3   HOH HOH A . 
D 3 HOH 64 1566 4   HOH HOH A . 
D 3 HOH 65 1567 6   HOH HOH A . 
D 3 HOH 66 1568 7   HOH HOH A . 
D 3 HOH 67 1569 8   HOH HOH A . 
D 3 HOH 68 1570 14  HOH HOH A . 
D 3 HOH 69 1571 15  HOH HOH A . 
D 3 HOH 70 1572 16  HOH HOH A . 
D 3 HOH 71 1573 17  HOH HOH A . 
D 3 HOH 72 1574 18  HOH HOH A . 
D 3 HOH 73 1575 19  HOH HOH A . 
D 3 HOH 74 1576 20  HOH HOH A . 
D 3 HOH 75 1577 25  HOH HOH A . 
D 3 HOH 76 1578 27  HOH HOH A . 
D 3 HOH 77 1579 29  HOH HOH A . 
D 3 HOH 78 1580 35  HOH HOH A . 
D 3 HOH 79 1581 36  HOH HOH A . 
E 3 HOH 1  41   41  HOH HOH B . 
E 3 HOH 2  42   42  HOH HOH B . 
E 3 HOH 3  44   44  HOH HOH B . 
E 3 HOH 4  45   45  HOH HOH B . 
E 3 HOH 5  46   46  HOH HOH B . 
E 3 HOH 6  49   49  HOH HOH B . 
E 3 HOH 7  52   52  HOH HOH B . 
E 3 HOH 8  56   56  HOH HOH B . 
E 3 HOH 9  58   58  HOH HOH B . 
E 3 HOH 10 60   60  HOH HOH B . 
E 3 HOH 11 61   61  HOH HOH B . 
E 3 HOH 12 62   62  HOH HOH B . 
E 3 HOH 13 64   64  HOH HOH B . 
E 3 HOH 14 66   66  HOH HOH B . 
E 3 HOH 15 68   68  HOH HOH B . 
E 3 HOH 16 72   72  HOH HOH B . 
E 3 HOH 17 73   73  HOH HOH B . 
E 3 HOH 18 74   74  HOH HOH B . 
E 3 HOH 19 76   76  HOH HOH B . 
E 3 HOH 20 79   79  HOH HOH B . 
E 3 HOH 21 80   80  HOH HOH B . 
E 3 HOH 22 82   82  HOH HOH B . 
E 3 HOH 23 87   87  HOH HOH B . 
E 3 HOH 24 88   88  HOH HOH B . 
E 3 HOH 25 91   91  HOH HOH B . 
E 3 HOH 26 92   92  HOH HOH B . 
E 3 HOH 27 93   93  HOH HOH B . 
E 3 HOH 28 96   96  HOH HOH B . 
E 3 HOH 29 100  100 HOH HOH B . 
E 3 HOH 30 101  101 HOH HOH B . 
E 3 HOH 31 103  103 HOH HOH B . 
E 3 HOH 32 105  105 HOH HOH B . 
E 3 HOH 33 110  110 HOH HOH B . 
E 3 HOH 34 114  114 HOH HOH B . 
E 3 HOH 35 118  118 HOH HOH B . 
E 3 HOH 36 120  120 HOH HOH B . 
E 3 HOH 37 121  121 HOH HOH B . 
E 3 HOH 38 123  123 HOH HOH B . 
E 3 HOH 39 128  128 HOH HOH B . 
E 3 HOH 40 130  130 HOH HOH B . 
E 3 HOH 41 131  131 HOH HOH B . 
E 3 HOH 42 133  133 HOH HOH B . 
E 3 HOH 43 136  136 HOH HOH B . 
E 3 HOH 44 138  138 HOH HOH B . 
E 3 HOH 45 139  139 HOH HOH B . 
E 3 HOH 46 140  140 HOH HOH B . 
E 3 HOH 47 141  141 HOH HOH B . 
E 3 HOH 48 142  142 HOH HOH B . 
E 3 HOH 49 144  144 HOH HOH B . 
E 3 HOH 50 145  145 HOH HOH B . 
E 3 HOH 51 146  146 HOH HOH B . 
E 3 HOH 52 147  147 HOH HOH B . 
E 3 HOH 53 148  148 HOH HOH B . 
E 3 HOH 54 150  150 HOH HOH B . 
E 3 HOH 55 1564 5   HOH HOH B . 
E 3 HOH 56 1565 9   HOH HOH B . 
E 3 HOH 57 1566 10  HOH HOH B . 
E 3 HOH 58 1567 11  HOH HOH B . 
E 3 HOH 59 1568 12  HOH HOH B . 
E 3 HOH 60 1569 13  HOH HOH B . 
E 3 HOH 61 1570 21  HOH HOH B . 
E 3 HOH 62 1571 22  HOH HOH B . 
E 3 HOH 63 1572 23  HOH HOH B . 
E 3 HOH 64 1573 24  HOH HOH B . 
E 3 HOH 65 1574 26  HOH HOH B . 
E 3 HOH 66 1575 28  HOH HOH B . 
E 3 HOH 67 1576 30  HOH HOH B . 
E 3 HOH 68 1577 31  HOH HOH B . 
E 3 HOH 69 1578 32  HOH HOH B . 
E 3 HOH 70 1579 33  HOH HOH B . 
E 3 HOH 71 1580 34  HOH HOH B . 
E 3 HOH 72 1581 37  HOH HOH B . 
# 
loop_
_software.name 
_software.version 
_software.date 
_software.type 
_software.contact_author 
_software.contact_author_email 
_software.classification 
_software.location 
_software.language 
_software.citation_id 
_software.pdbx_ordinal 
DENZO       .     ?               package 'Zbyszek Otwinowski'    hkl@hkl-xray.com      'data reduction'  http://www.hkl-xray.com/ 
?          ? 1 
SCALEPACK   .     ?               package 'Zbyszek Otwinowski'    hkl@hkl-xray.com      'data scaling'    http://www.hkl-xray.com/ 
?          ? 2 
SOLVE       2.13  6-Sept-2007     program 'Tom Terwilliger'       terwilliger@LANL.gov  phasing           
http://www.solve.lanl.gov/                   ?          ? 3 
RESOLVE     2.13  19-Sept-2007    program 'Thomas C. Terwilliger' terwilliger@lanl.gov  phasing           
http://www.solve.lanl.gov/                   ?          ? 4 
REFMAC      .     ?               program 'Garib N. Murshudov'    garib@ysbl.york.ac.uk refinement        
http://www.ccp4.ac.uk/dist/html/refmac5.html Fortran_77 ? 5 
PDB_EXTRACT 3.006 'June 11, 2008' package PDB                     help@deposit.rcsb.org 'data extraction' 
http://sw-tools.pdb.org/apps/PDB_EXTRACT/    C++        ? 6 
HKL-2000    .     ?               ?       ?                       ?                     'data collection' ? ?          ? 7 
# 
_cell.entry_id           3F5H 
_cell.length_a           59.016 
_cell.length_b           117.944 
_cell.length_c           41.773 
_cell.angle_alpha        90.00 
_cell.angle_beta         90.00 
_cell.angle_gamma        90.00 
_cell.Z_PDB              16 
_cell.pdbx_unique_axis   ? 
_cell.length_a_esd       ? 
_cell.length_b_esd       ? 
_cell.length_c_esd       ? 
_cell.angle_alpha_esd    ? 
_cell.angle_beta_esd     ? 
_cell.angle_gamma_esd    ? 
# 
_symmetry.entry_id                         3F5H 
_symmetry.space_group_name_H-M             'C 2 2 21' 
_symmetry.pdbx_full_space_group_name_H-M   ? 
_symmetry.cell_setting                     ? 
_symmetry.Int_Tables_number                20 
_symmetry.space_group_name_Hall            ? 
# 
_exptl.crystals_number   1 
_exptl.entry_id          3F5H 
_exptl.method            'X-RAY DIFFRACTION' 
# 
_exptl_crystal.id                    1 
_exptl_crystal.density_Matthews      2.38 
_exptl_crystal.density_meas          ? 
_exptl_crystal.density_percent_sol   48.33 
_exptl_crystal.description           ? 
_exptl_crystal.F_000                 ? 
_exptl_crystal.preparation           ? 
# 
_exptl_crystal_grow.crystal_id      1 
_exptl_crystal_grow.method          'VAPOR DIFFUSION, HANGING DROP' 
_exptl_crystal_grow.pH              5.0 
_exptl_crystal_grow.temp            277 
_exptl_crystal_grow.temp_details    ? 
_exptl_crystal_grow.pdbx_details    
;20 mM HEPES pH 7.8, 150 mM NaCl, 55% 2-methyl-2,4-pentanediol, 200 mM sodium acetate pH 5.0, VAPOR DIFFUSION, HANGING DROP, temperature 277K
;
_exptl_crystal_grow.pdbx_pH_range   ? 
# 
loop_
_diffrn.id 
_diffrn.ambient_temp 
_diffrn.ambient_temp_details 
_diffrn.crystal_id 
1 100 ? 1 
2 100 ? 1 
# 
loop_
_diffrn_detector.diffrn_id 
_diffrn_detector.detector 
_diffrn_detector.type 
_diffrn_detector.pdbx_collection_date 
_diffrn_detector.details 
1 CCD 'MARMOSAIC 300 mm CCD' 2008-02-10 'K-B PAIR OF BIOMORPH MIRRORS FOR VERTICAL AND HORIZONTAL FOCUSING' 
2 CCD 'MARMOSAIC 300 mm CCD' 2008-04-21 'K-B PAIR OF BIOMORPH MIRRORS FOR VERTICAL AND HORIZONTAL FOCUSING' 
# 
loop_
_diffrn_radiation.diffrn_id 
_diffrn_radiation.wavelength_id 
_diffrn_radiation.pdbx_diffrn_protocol 
_diffrn_radiation.monochromator 
_diffrn_radiation.pdbx_monochromatic_or_laue_m_l 
_diffrn_radiation.pdbx_scattering_type 
1 1 'SINGLE WAVELENGTH' 'DOUBLE CRYSTAL MONOCHROMATOR' M x-ray 
2 1 'SINGLE WAVELENGTH' 'DOUBLE CRYSTAL MONOCHROMATOR' M x-ray 
# 
loop_
_diffrn_radiation_wavelength.id 
_diffrn_radiation_wavelength.wavelength 
_diffrn_radiation_wavelength.wt 
1 0.97934 1.0 
2 0.97940 1.0 
# 
loop_
_diffrn_source.diffrn_id 
_diffrn_source.source 
_diffrn_source.type 
_diffrn_source.pdbx_wavelength 
_diffrn_source.pdbx_wavelength_list 
_diffrn_source.pdbx_synchrotron_site 
_diffrn_source.pdbx_synchrotron_beamline 
1 SYNCHROTRON 'APS BEAMLINE 23-ID-D' ? 0.97934 APS 23-ID-D 
2 SYNCHROTRON 'APS BEAMLINE 23-ID-B' ? 0.97940 APS 23-ID-B 
# 
_reflns.entry_id                     3F5H 
_reflns.d_resolution_high            1.750 
_reflns.d_resolution_low             50.000 
_reflns.number_obs                   14954 
_reflns.pdbx_Rmerge_I_obs            0.069 
_reflns.pdbx_netI_over_sigmaI        15.586 
_reflns.pdbx_chi_squared             0.996 
_reflns.pdbx_redundancy              3.600 
_reflns.percent_possible_obs         99.200 
_reflns.observed_criterion_sigma_F   0 
_reflns.observed_criterion_sigma_I   0 
_reflns.number_all                   15084 
_reflns.pdbx_Rsym_value              0.069 
_reflns.B_iso_Wilson_estimate        20.3 
_reflns.R_free_details               ? 
_reflns.limit_h_max                  ? 
_reflns.limit_h_min                  ? 
_reflns.limit_k_max                  ? 
_reflns.limit_k_min                  ? 
_reflns.limit_l_max                  ? 
_reflns.limit_l_min                  ? 
_reflns.observed_criterion_F_max     ? 
_reflns.observed_criterion_F_min     ? 
_reflns.pdbx_scaling_rejects         ? 
_reflns.pdbx_diffrn_id               1,2 
_reflns.pdbx_ordinal                 1 
# 
_reflns_shell.d_res_high             1.75 
_reflns_shell.d_res_low              1.81 
_reflns_shell.number_measured_obs    ? 
_reflns_shell.number_measured_all    ? 
_reflns_shell.number_unique_obs      ? 
_reflns_shell.Rmerge_I_obs           0.507 
_reflns_shell.meanI_over_sigI_obs    2.1 
_reflns_shell.pdbx_Rsym_value        0.507 
_reflns_shell.pdbx_chi_squared       0.993 
_reflns_shell.pdbx_redundancy        3.10 
_reflns_shell.percent_possible_obs   ? 
_reflns_shell.number_unique_all      1471 
_reflns_shell.percent_possible_all   98.00 
_reflns_shell.pdbx_diffrn_id         ? 
_reflns_shell.pdbx_ordinal           1 
# 
_refine.entry_id                                 3F5H 
_refine.ls_d_res_high                            1.750 
_refine.ls_d_res_low                             32.760 
_refine.pdbx_ls_sigma_F                          0.00 
_refine.ls_percent_reflns_obs                    99.090 
_refine.ls_number_reflns_obs                     14942 
_refine.pdbx_ls_cross_valid_method               THROUGHOUT 
_refine.pdbx_R_Free_selection_details            RANDOM 
_refine.details                                  'HYDROGENS HAVE BEEN ADDED IN THE RIDING POSITIONS' 
_refine.ls_R_factor_obs                          0.203 
_refine.ls_R_factor_R_work                       0.201 
_refine.ls_wR_factor_R_work                      0.206 
_refine.ls_R_factor_R_free                       0.250 
_refine.ls_wR_factor_R_free                      0.250 
_refine.ls_percent_reflns_R_free                 5.000 
_refine.ls_number_reflns_R_free                  750 
_refine.B_iso_mean                               26.546 
_refine.aniso_B[1][1]                            3.520 
_refine.aniso_B[2][2]                            -1.880 
_refine.aniso_B[3][3]                            -1.650 
_refine.aniso_B[1][2]                            0.000 
_refine.aniso_B[1][3]                            0.000 
_refine.aniso_B[2][3]                            0.000 
_refine.correlation_coeff_Fo_to_Fc               0.955 
_refine.correlation_coeff_Fo_to_Fc_free          0.932 
_refine.overall_SU_R_Cruickshank_DPI             0.118 
_refine.overall_SU_R_free                        0.123 
_refine.pdbx_overall_ESU_R                       0.118 
_refine.pdbx_overall_ESU_R_Free                  0.123 
_refine.overall_SU_ML                            0.091 
_refine.overall_SU_B                             2.945 
_refine.solvent_model_details                    'BABINET MODEL WITH MASK' 
_refine.pdbx_solvent_vdw_probe_radii             1.200 
_refine.pdbx_solvent_ion_probe_radii             0.800 
_refine.pdbx_solvent_shrinkage_radii             0.800 
_refine.pdbx_method_to_determine_struct          SAD 
_refine.pdbx_stereochemistry_target_values       'MAXIMUM LIKELIHOOD' 
_refine.overall_FOM_work_R_set                   0.801 
_refine.B_iso_max                                63.09 
_refine.B_iso_min                                12.69 
_refine.occupancy_max                            1.00 
_refine.occupancy_min                            0.50 
_refine.pdbx_ls_sigma_I                          0 
_refine.ls_number_reflns_all                     15079 
_refine.ls_R_factor_all                          0.203 
_refine.ls_redundancy_reflns_obs                 ? 
_refine.pdbx_data_cutoff_high_absF               ? 
_refine.pdbx_data_cutoff_low_absF                ? 
_refine.ls_number_parameters                     ? 
_refine.ls_number_restraints                     ? 
_refine.ls_R_factor_R_free_error                 ? 
_refine.ls_R_factor_R_free_error_details         ? 
_refine.pdbx_starting_model                      ? 
_refine.pdbx_stereochem_target_val_spec_case     ? 
_refine.solvent_model_param_bsol                 ? 
_refine.solvent_model_param_ksol                 ? 
_refine.pdbx_isotropic_thermal_model             ISOTROPIC 
_refine.pdbx_data_cutoff_high_rms_absF           ? 
_refine.overall_FOM_free_R_set                   ? 
_refine.pdbx_overall_phase_error                 ? 
_refine.pdbx_refine_id                           'X-RAY DIFFRACTION' 
_refine.pdbx_diffrn_id                           1 
_refine.pdbx_TLS_residual_ADP_flag               ? 
_refine.pdbx_overall_SU_R_free_Cruickshank_DPI   ? 
_refine.pdbx_overall_SU_R_Blow_DPI               ? 
_refine.pdbx_overall_SU_R_free_Blow_DPI          ? 
# 
_refine_hist.pdbx_refine_id                   'X-RAY DIFFRACTION' 
_refine_hist.cycle_id                         LAST 
_refine_hist.pdbx_number_atoms_protein        919 
_refine_hist.pdbx_number_atoms_nucleic_acid   0 
_refine_hist.pdbx_number_atoms_ligand         1 
_refine_hist.number_atoms_solvent             151 
_refine_hist.number_atoms_total               1071 
_refine_hist.d_res_high                       1.750 
_refine_hist.d_res_low                        32.760 
# 
loop_
_refine_ls_restr.type 
_refine_ls_restr.number 
_refine_ls_restr.dev_ideal 
_refine_ls_restr.dev_ideal_target 
_refine_ls_restr.weight 
_refine_ls_restr.pdbx_refine_id 
_refine_ls_restr.pdbx_restraint_function 
r_bond_refined_d       926  0.011  0.021  ? 'X-RAY DIFFRACTION' ? 
r_angle_refined_deg    1244 1.216  2.001  ? 'X-RAY DIFFRACTION' ? 
r_dihedral_angle_1_deg 120  3.958  5.000  ? 'X-RAY DIFFRACTION' ? 
r_dihedral_angle_2_deg 53   34.241 22.830 ? 'X-RAY DIFFRACTION' ? 
r_dihedral_angle_3_deg 198  12.765 15.000 ? 'X-RAY DIFFRACTION' ? 
r_dihedral_angle_4_deg 19   16.877 15.000 ? 'X-RAY DIFFRACTION' ? 
r_chiral_restr         139  0.071  0.200  ? 'X-RAY DIFFRACTION' ? 
r_gen_planes_refined   707  0.005  0.021  ? 'X-RAY DIFFRACTION' ? 
r_mcbond_it            573  0.802  1.500  ? 'X-RAY DIFFRACTION' ? 
r_mcangle_it           921  1.652  2.000  ? 'X-RAY DIFFRACTION' ? 
r_scbond_it            353  3.211  3.000  ? 'X-RAY DIFFRACTION' ? 
r_scangle_it           317  5.759  4.500  ? 'X-RAY DIFFRACTION' ? 
# 
_refine_ls_shell.d_res_high                       1.752 
_refine_ls_shell.d_res_low                        1.797 
_refine_ls_shell.pdbx_total_number_of_bins_used   20 
_refine_ls_shell.percent_reflns_obs               96.390 
_refine_ls_shell.number_reflns_R_work             982 
_refine_ls_shell.R_factor_all                     ? 
_refine_ls_shell.R_factor_R_work                  0.281 
_refine_ls_shell.R_factor_R_free                  0.258 
_refine_ls_shell.percent_reflns_R_free            ? 
_refine_ls_shell.number_reflns_R_free             59 
_refine_ls_shell.R_factor_R_free_error            ? 
_refine_ls_shell.number_reflns_all                1041 
_refine_ls_shell.number_reflns_obs                ? 
_refine_ls_shell.redundancy_reflns_obs            ? 
_refine_ls_shell.pdbx_refine_id                   'X-RAY DIFFRACTION' 
# 
_struct.entry_id                  3F5H 
_struct.title                     
'Crystal structure of fused docking domains from PikAIII and PikAIV of the pikromycin polyketide synthase' 
_struct.pdbx_model_details        ? 
_struct.pdbx_CASP_flag            ? 
_struct.pdbx_model_type_details   ? 
# 
_struct_keywords.entry_id        3F5H 
_struct_keywords.pdbx_keywords   'PROTEIN BINDING' 
_struct_keywords.text            'docking domain, polyketide synthase, pikromycin, H2-T2, PROTEIN BINDING' 
# 
loop_
_struct_asym.id 
_struct_asym.pdbx_blank_PDB_chainid_flag 
_struct_asym.pdbx_modified 
_struct_asym.entity_id 
_struct_asym.details 
A N N 1 ? 
B N N 1 ? 
C N N 2 ? 
D N N 3 ? 
E N N 3 ? 
# 
loop_
_struct_ref.id 
_struct_ref.db_name 
_struct_ref.db_code 
_struct_ref.pdbx_db_accession 
_struct_ref.entity_id 
_struct_ref.pdbx_seq_one_letter_code 
_struct_ref.pdbx_align_begin 
_struct_ref.pdbx_db_isoform 
1 UNP Q9ZGI3_9ACTO Q9ZGI3 1 ADPGAEPEASIDDLDAEALIRMALGPRNT         1534 ? 
2 UNP Q9ZGI2_9ACTO Q9ZGI2 1 MTSSNEQLVDALRASLKENEELRKESRRRADRRQEPM 1    ? 
# 
loop_
_struct_ref_seq.align_id 
_struct_ref_seq.ref_id 
_struct_ref_seq.pdbx_PDB_id_code 
_struct_ref_seq.pdbx_strand_id 
_struct_ref_seq.seq_align_beg 
_struct_ref_seq.pdbx_seq_align_beg_ins_code 
_struct_ref_seq.seq_align_end 
_struct_ref_seq.pdbx_seq_align_end_ins_code 
_struct_ref_seq.pdbx_db_accession 
_struct_ref_seq.db_align_beg 
_struct_ref_seq.pdbx_db_align_beg_ins_code 
_struct_ref_seq.db_align_end 
_struct_ref_seq.pdbx_db_align_end_ins_code 
_struct_ref_seq.pdbx_auth_seq_align_beg 
_struct_ref_seq.pdbx_auth_seq_align_end 
1 1 3F5H A 3  ? 31 ? Q9ZGI3 1534 ? 1562 ? 1534 1562 
2 2 3F5H A 32 ? 68 ? Q9ZGI2 1    ? 37   ? 1    37   
3 1 3F5H B 3  ? 31 ? Q9ZGI3 1534 ? 1562 ? 1534 1562 
4 2 3F5H B 32 ? 68 ? Q9ZGI2 1    ? 37   ? 1    37   
# 
loop_
_struct_ref_seq_dif.align_id 
_struct_ref_seq_dif.pdbx_pdb_id_code 
_struct_ref_seq_dif.mon_id 
_struct_ref_seq_dif.pdbx_pdb_strand_id 
_struct_ref_seq_dif.seq_num 
_struct_ref_seq_dif.pdbx_pdb_ins_code 
_struct_ref_seq_dif.pdbx_seq_db_name 
_struct_ref_seq_dif.pdbx_seq_db_accession_code 
_struct_ref_seq_dif.db_mon_id 
_struct_ref_seq_dif.pdbx_seq_db_seq_num 
_struct_ref_seq_dif.details 
_struct_ref_seq_dif.pdbx_auth_seq_num 
_struct_ref_seq_dif.pdbx_ordinal 
1 3F5H SER A 1 ? UNP Q9ZGI3 ? ? 'expression tag' 1532 1 
1 3F5H ASN A 2 ? UNP Q9ZGI3 ? ? 'expression tag' 1533 2 
3 3F5H SER B 1 ? UNP Q9ZGI3 ? ? 'expression tag' 1532 3 
3 3F5H ASN B 2 ? UNP Q9ZGI3 ? ? 'expression tag' 1533 4 
# 
_pdbx_struct_assembly.id                   1 
_pdbx_struct_assembly.details              software_defined_assembly 
_pdbx_struct_assembly.method_details       PISA 
_pdbx_struct_assembly.oligomeric_details   dimeric 
_pdbx_struct_assembly.oligomeric_count     2 
# 
loop_
_pdbx_struct_assembly_prop.biol_id 
_pdbx_struct_assembly_prop.type 
_pdbx_struct_assembly_prop.value 
_pdbx_struct_assembly_prop.details 
1 'ABSA (A^2)' 1830 ? 
1 MORE         -20  ? 
1 'SSA (A^2)'  9320 ? 
# 
_pdbx_struct_assembly_gen.assembly_id       1 
_pdbx_struct_assembly_gen.oper_expression   1 
_pdbx_struct_assembly_gen.asym_id_list      A,B,C,D,E 
# 
_pdbx_struct_oper_list.id                   1 
_pdbx_struct_oper_list.type                 'identity operation' 
_pdbx_struct_oper_list.name                 1_555 
_pdbx_struct_oper_list.symmetry_operation   x,y,z 
_pdbx_struct_oper_list.matrix[1][1]         1.0000000000 
_pdbx_struct_oper_list.matrix[1][2]         0.0000000000 
_pdbx_struct_oper_list.matrix[1][3]         0.0000000000 
_pdbx_struct_oper_list.vector[1]            0.0000000000 
_pdbx_struct_oper_list.matrix[2][1]         0.0000000000 
_pdbx_struct_oper_list.matrix[2][2]         1.0000000000 
_pdbx_struct_oper_list.matrix[2][3]         0.0000000000 
_pdbx_struct_oper_list.vector[2]            0.0000000000 
_pdbx_struct_oper_list.matrix[3][1]         0.0000000000 
_pdbx_struct_oper_list.matrix[3][2]         0.0000000000 
_pdbx_struct_oper_list.matrix[3][3]         1.0000000000 
_pdbx_struct_oper_list.vector[3]            0.0000000000 
# 
_struct_biol.id        1 
_struct_biol.details   
;THE CONTENTS OF THE ASYMMETRIC UNIT IS AN UNNATURAL FUSION OF THE C-TERMINUS OF ONE PROTEIN TO THE N-TERMINUS OF A SECOND PROTEIN. THE BIOLOGICAL ASSEMBLY IS FORMED PARTIALLY THROUGH CRYSTALLOGRAPHIC SYMMETRY. THE RELEVANT BIOLOGICAL ASSEMBLY IS FORMED BY APPLYING THE FOLLOWING TRANSFORMATIONS: RESIDUES 1-34 OF CHAIN A AND RESIDUES 1-37 OF CHAIN B:[X, Y, Z]. RESIDUES 1543-1562 OF CHAIN A:[-X+3/2, -Y+1/2, Z-1/2]. RESIDUES 1543-1562 OF CHAIN B:[-X+3/2, -Y+1/2, Z+1/2].
;
# 
loop_
_struct_conf.conf_type_id 
_struct_conf.id 
_struct_conf.pdbx_PDB_helix_id 
_struct_conf.beg_label_comp_id 
_struct_conf.beg_label_asym_id 
_struct_conf.beg_label_seq_id 
_struct_conf.pdbx_beg_PDB_ins_code 
_struct_conf.end_label_comp_id 
_struct_conf.end_label_asym_id 
_struct_conf.end_label_seq_id 
_struct_conf.pdbx_end_PDB_ins_code 
_struct_conf.beg_auth_comp_id 
_struct_conf.beg_auth_asym_id 
_struct_conf.beg_auth_seq_id 
_struct_conf.end_auth_comp_id 
_struct_conf.end_auth_asym_id 
_struct_conf.end_auth_seq_id 
_struct_conf.pdbx_PDB_helix_class 
_struct_conf.details 
_struct_conf.pdbx_PDB_helix_length 
HELX_P HELX_P1 1 SER A 12 ? LEU A 16 ? SER A 1543 LEU A 1547 5 ? 5  
HELX_P HELX_P2 2 ASP A 17 ? GLY A 27 ? ASP A 1548 GLY A 1558 1 ? 11 
HELX_P HELX_P3 3 GLY A 27 ? ARG A 64 ? GLY A 1558 ARG A 33   1 ? 38 
HELX_P HELX_P4 4 SER B 12 ? LEU B 16 ? SER B 1543 LEU B 1547 5 ? 5  
HELX_P HELX_P5 5 ASP B 17 ? GLY B 27 ? ASP B 1548 GLY B 1558 1 ? 11 
HELX_P HELX_P6 6 GLY B 27 ? ASP B 62 ? GLY B 1558 ASP B 31   1 ? 36 
HELX_P HELX_P7 7 ARG B 63 ? GLU B 66 ? ARG B 32   GLU B 35   5 ? 4  
# 
_struct_conf_type.id          HELX_P 
_struct_conf_type.criteria    ? 
_struct_conf_type.reference   ? 
# 
loop_
_struct_conn.id 
_struct_conn.conn_type_id 
_struct_conn.pdbx_leaving_atom_flag 
_struct_conn.pdbx_PDB_id 
_struct_conn.ptnr1_label_asym_id 
_struct_conn.ptnr1_label_comp_id 
_struct_conn.ptnr1_label_seq_id 
_struct_conn.ptnr1_label_atom_id 
_struct_conn.pdbx_ptnr1_label_alt_id 
_struct_conn.pdbx_ptnr1_PDB_ins_code 
_struct_conn.pdbx_ptnr1_standard_comp_id 
_struct_conn.ptnr1_symmetry 
_struct_conn.ptnr2_label_asym_id 
_struct_conn.ptnr2_label_comp_id 
_struct_conn.ptnr2_label_seq_id 
_struct_conn.ptnr2_label_atom_id 
_struct_conn.pdbx_ptnr2_label_alt_id 
_struct_conn.pdbx_ptnr2_PDB_ins_code 
_struct_conn.ptnr1_auth_asym_id 
_struct_conn.ptnr1_auth_comp_id 
_struct_conn.ptnr1_auth_seq_id 
_struct_conn.ptnr2_auth_asym_id 
_struct_conn.ptnr2_auth_comp_id 
_struct_conn.ptnr2_auth_seq_id 
_struct_conn.ptnr2_symmetry 
_struct_conn.pdbx_ptnr3_label_atom_id 
_struct_conn.pdbx_ptnr3_label_seq_id 
_struct_conn.pdbx_ptnr3_label_comp_id 
_struct_conn.pdbx_ptnr3_label_asym_id 
_struct_conn.pdbx_ptnr3_label_alt_id 
_struct_conn.pdbx_ptnr3_PDB_ins_code 
_struct_conn.details 
_struct_conn.pdbx_dist_value 
_struct_conn.pdbx_value_order 
_struct_conn.pdbx_role 
metalc1 metalc ? ? B ARG 59 O   ? ? ? 1_555 C NA . NA ? ? B ARG 28  B NA 1563 1_555 ? ? ? ? ? ? ? 2.316 ? ? 
metalc2 metalc ? ? B ASP 62 O   ? ? ? 1_555 C NA . NA ? ? B ASP 31  B NA 1563 1_555 ? ? ? ? ? ? ? 2.253 ? ? 
metalc3 metalc ? ? B GLN 65 OE1 ? ? ? 1_555 C NA . NA ? ? B GLN 34  B NA 1563 1_555 ? ? ? ? ? ? ? 2.564 ? ? 
metalc4 metalc ? ? E HOH .  O   ? ? ? 1_555 C NA . NA ? ? B HOH 44  B NA 1563 1_555 ? ? ? ? ? ? ? 2.280 ? ? 
metalc5 metalc ? ? E HOH .  O   ? ? ? 1_555 C NA . NA ? ? B HOH 140 B NA 1563 1_555 ? ? ? ? ? ? ? 2.241 ? ? 
# 
_struct_conn_type.id          metalc 
_struct_conn_type.criteria    ? 
_struct_conn_type.reference   ? 
# 
loop_
_pdbx_struct_conn_angle.id 
_pdbx_struct_conn_angle.ptnr1_label_atom_id 
_pdbx_struct_conn_angle.ptnr1_label_alt_id 
_pdbx_struct_conn_angle.ptnr1_label_asym_id 
_pdbx_struct_conn_angle.ptnr1_label_comp_id 
_pdbx_struct_conn_angle.ptnr1_label_seq_id 
_pdbx_struct_conn_angle.ptnr1_auth_atom_id 
_pdbx_struct_conn_angle.ptnr1_auth_asym_id 
_pdbx_struct_conn_angle.ptnr1_auth_comp_id 
_pdbx_struct_conn_angle.ptnr1_auth_seq_id 
_pdbx_struct_conn_angle.ptnr1_PDB_ins_code 
_pdbx_struct_conn_angle.ptnr1_symmetry 
_pdbx_struct_conn_angle.ptnr2_label_atom_id 
_pdbx_struct_conn_angle.ptnr2_label_alt_id 
_pdbx_struct_conn_angle.ptnr2_label_asym_id 
_pdbx_struct_conn_angle.ptnr2_label_comp_id 
_pdbx_struct_conn_angle.ptnr2_label_seq_id 
_pdbx_struct_conn_angle.ptnr2_auth_atom_id 
_pdbx_struct_conn_angle.ptnr2_auth_asym_id 
_pdbx_struct_conn_angle.ptnr2_auth_comp_id 
_pdbx_struct_conn_angle.ptnr2_auth_seq_id 
_pdbx_struct_conn_angle.ptnr2_PDB_ins_code 
_pdbx_struct_conn_angle.ptnr2_symmetry 
_pdbx_struct_conn_angle.ptnr3_label_atom_id 
_pdbx_struct_conn_angle.ptnr3_label_alt_id 
_pdbx_struct_conn_angle.ptnr3_label_asym_id 
_pdbx_struct_conn_angle.ptnr3_label_comp_id 
_pdbx_struct_conn_angle.ptnr3_label_seq_id 
_pdbx_struct_conn_angle.ptnr3_auth_atom_id 
_pdbx_struct_conn_angle.ptnr3_auth_asym_id 
_pdbx_struct_conn_angle.ptnr3_auth_comp_id 
_pdbx_struct_conn_angle.ptnr3_auth_seq_id 
_pdbx_struct_conn_angle.ptnr3_PDB_ins_code 
_pdbx_struct_conn_angle.ptnr3_symmetry 
_pdbx_struct_conn_angle.value 
_pdbx_struct_conn_angle.value_esd 
1  O   ? B ARG 59 ? B ARG 28 ? 1_555 NA ? C NA . ? B NA 1563 ? 1_555 O   ? B ASP 62 ? B ASP 31  ? 1_555 93.8  ? 
2  O   ? B ARG 59 ? B ARG 28 ? 1_555 NA ? C NA . ? B NA 1563 ? 1_555 OE1 ? B GLN 65 ? B GLN 34  ? 1_555 125.3 ? 
3  O   ? B ASP 62 ? B ASP 31 ? 1_555 NA ? C NA . ? B NA 1563 ? 1_555 OE1 ? B GLN 65 ? B GLN 34  ? 1_555 77.9  ? 
4  O   ? B ARG 59 ? B ARG 28 ? 1_555 NA ? C NA . ? B NA 1563 ? 1_555 O   ? E HOH .  ? B HOH 44  ? 1_555 92.1  ? 
5  O   ? B ASP 62 ? B ASP 31 ? 1_555 NA ? C NA . ? B NA 1563 ? 1_555 O   ? E HOH .  ? B HOH 44  ? 1_555 170.4 ? 
6  OE1 ? B GLN 65 ? B GLN 34 ? 1_555 NA ? C NA . ? B NA 1563 ? 1_555 O   ? E HOH .  ? B HOH 44  ? 1_555 104.7 ? 
7  O   ? B ARG 59 ? B ARG 28 ? 1_555 NA ? C NA . ? B NA 1563 ? 1_555 O   ? E HOH .  ? B HOH 140 ? 1_555 109.5 ? 
8  O   ? B ASP 62 ? B ASP 31 ? 1_555 NA ? C NA . ? B NA 1563 ? 1_555 O   ? E HOH .  ? B HOH 140 ? 1_555 87.2  ? 
9  OE1 ? B GLN 65 ? B GLN 34 ? 1_555 NA ? C NA . ? B NA 1563 ? 1_555 O   ? E HOH .  ? B HOH 140 ? 1_555 123.7 ? 
10 O   ? E HOH .  ? B HOH 44 ? 1_555 NA ? C NA . ? B NA 1563 ? 1_555 O   ? E HOH .  ? B HOH 140 ? 1_555 83.7  ? 
# 
_struct_site.id                   AC1 
_struct_site.pdbx_evidence_code   Software 
_struct_site.pdbx_auth_asym_id    ? 
_struct_site.pdbx_auth_comp_id    ? 
_struct_site.pdbx_auth_seq_id     ? 
_struct_site.pdbx_auth_ins_code   ? 
_struct_site.pdbx_num_residues    5 
_struct_site.details              'BINDING SITE FOR RESIDUE NA B1563' 
# 
loop_
_struct_site_gen.id 
_struct_site_gen.site_id 
_struct_site_gen.pdbx_num_res 
_struct_site_gen.label_comp_id 
_struct_site_gen.label_asym_id 
_struct_site_gen.label_seq_id 
_struct_site_gen.pdbx_auth_ins_code 
_struct_site_gen.auth_comp_id 
_struct_site_gen.auth_asym_id 
_struct_site_gen.auth_seq_id 
_struct_site_gen.label_atom_id 
_struct_site_gen.label_alt_id 
_struct_site_gen.symmetry 
_struct_site_gen.details 
1 AC1 5 ARG B 59 ? ARG B 28  . ? 1_555 ? 
2 AC1 5 ASP B 62 ? ASP B 31  . ? 1_555 ? 
3 AC1 5 GLN B 65 ? GLN B 34  . ? 1_555 ? 
4 AC1 5 HOH E .  ? HOH B 44  . ? 1_555 ? 
5 AC1 5 HOH E .  ? HOH B 140 . ? 1_555 ? 
# 
loop_
_pdbx_validate_close_contact.id 
_pdbx_validate_close_contact.PDB_model_num 
_pdbx_validate_close_contact.auth_atom_id_1 
_pdbx_validate_close_contact.auth_asym_id_1 
_pdbx_validate_close_contact.auth_comp_id_1 
_pdbx_validate_close_contact.auth_seq_id_1 
_pdbx_validate_close_contact.PDB_ins_code_1 
_pdbx_validate_close_contact.label_alt_id_1 
_pdbx_validate_close_contact.auth_atom_id_2 
_pdbx_validate_close_contact.auth_asym_id_2 
_pdbx_validate_close_contact.auth_comp_id_2 
_pdbx_validate_close_contact.auth_seq_id_2 
_pdbx_validate_close_contact.PDB_ins_code_2 
_pdbx_validate_close_contact.label_alt_id_2 
_pdbx_validate_close_contact.dist 
1 1 O A HOH 111 ? ? O A HOH 134 ? ? 1.94 
2 1 O B HOH 130 ? ? O B HOH 147 ? ? 1.98 
# 
_diffrn_reflns.diffrn_id                   1 
_diffrn_reflns.pdbx_d_res_high             2.800 
_diffrn_reflns.pdbx_d_res_low              50.000 
_diffrn_reflns.pdbx_number_obs             7102 
_diffrn_reflns.pdbx_Rmerge_I_obs           0.123 
_diffrn_reflns.pdbx_Rsym_value             ? 
_diffrn_reflns.pdbx_chi_squared            0.98 
_diffrn_reflns.av_sigmaI_over_netI         15.59 
_diffrn_reflns.pdbx_redundancy             5.10 
_diffrn_reflns.pdbx_percent_possible_obs   100.00 
_diffrn_reflns.number                      36536 
_diffrn_reflns.pdbx_observed_criterion     ? 
_diffrn_reflns.limit_h_max                 ? 
_diffrn_reflns.limit_h_min                 ? 
_diffrn_reflns.limit_k_max                 ? 
_diffrn_reflns.limit_k_min                 ? 
_diffrn_reflns.limit_l_max                 ? 
_diffrn_reflns.limit_l_min                 ? 
# 
loop_
_pdbx_diffrn_reflns_shell.diffrn_id 
_pdbx_diffrn_reflns_shell.d_res_high 
_pdbx_diffrn_reflns_shell.d_res_low 
_pdbx_diffrn_reflns_shell.number_obs 
_pdbx_diffrn_reflns_shell.rejects 
_pdbx_diffrn_reflns_shell.Rmerge_I_obs 
_pdbx_diffrn_reflns_shell.Rsym_value 
_pdbx_diffrn_reflns_shell.chi_squared 
_pdbx_diffrn_reflns_shell.redundancy 
_pdbx_diffrn_reflns_shell.percent_possible_obs 
1 6.03 50.00 ? ? 0.091 ? 0.948 5.10 99.90  
1 4.79 6.03  ? ? 0.088 ? 0.969 5.10 100.00 
1 4.18 4.79  ? ? 0.097 ? 1.019 5.20 100.00 
1 3.80 4.18  ? ? 0.097 ? 0.976 5.20 100.00 
1 3.53 3.80  ? ? 0.111 ? 1.047 5.20 100.00 
1 3.32 3.53  ? ? 0.132 ? 0.947 5.10 100.00 
1 3.15 3.32  ? ? 0.153 ? 1.036 5.20 100.00 
1 3.02 3.15  ? ? 0.205 ? 1.002 5.20 100.00 
1 2.90 3.02  ? ? 0.225 ? 0.923 5.10 100.00 
1 2.80 2.90  ? ? 0.297 ? 0.934 5.10 100.00 
# 
_pdbx_phasing_dm.entry_id          3F5H 
_pdbx_phasing_dm.fom_acentric      0.370 
_pdbx_phasing_dm.fom_centric       0.330 
_pdbx_phasing_dm.fom               0.360 
_pdbx_phasing_dm.reflns_acentric   2531 
_pdbx_phasing_dm.reflns_centric    558 
_pdbx_phasing_dm.reflns            3089 
# 
loop_
_pdbx_phasing_dm_shell.d_res_high 
_pdbx_phasing_dm_shell.d_res_low 
_pdbx_phasing_dm_shell.delta_phi_final 
_pdbx_phasing_dm_shell.delta_phi_initial 
_pdbx_phasing_dm_shell.fom_acentric 
_pdbx_phasing_dm_shell.fom_centric 
_pdbx_phasing_dm_shell.fom 
_pdbx_phasing_dm_shell.reflns_acentric 
_pdbx_phasing_dm_shell.reflns_centric 
_pdbx_phasing_dm_shell.reflns 
8.600 34.197 ? ? 0.550 0.420 0.490 88  65  153 
5.400 8.600  ? ? 0.350 0.290 0.340 316 107 423 
4.300 5.400  ? ? 0.450 0.370 0.430 427 101 528 
3.800 4.300  ? ? 0.470 0.400 0.460 434 96  530 
3.200 3.800  ? ? 0.340 0.260 0.330 783 121 904 
3.000 3.200  ? ? 0.230 0.300 0.240 483 68  551 
# 
_phasing.method   SAD 
# 
loop_
_pdbx_unobs_or_zero_occ_residues.id 
_pdbx_unobs_or_zero_occ_residues.PDB_model_num 
_pdbx_unobs_or_zero_occ_residues.polymer_flag 
_pdbx_unobs_or_zero_occ_residues.occupancy_flag 
_pdbx_unobs_or_zero_occ_residues.auth_asym_id 
_pdbx_unobs_or_zero_occ_residues.auth_comp_id 
_pdbx_unobs_or_zero_occ_residues.auth_seq_id 
_pdbx_unobs_or_zero_occ_residues.PDB_ins_code 
_pdbx_unobs_or_zero_occ_residues.label_asym_id 
_pdbx_unobs_or_zero_occ_residues.label_comp_id 
_pdbx_unobs_or_zero_occ_residues.label_seq_id 
1  1 Y 1 A SER 1532 ? A SER 1  
2  1 Y 1 A ASN 1533 ? A ASN 2  
3  1 Y 1 A ALA 1534 ? A ALA 3  
4  1 Y 1 A ASP 1535 ? A ASP 4  
5  1 Y 1 A PRO 1536 ? A PRO 5  
6  1 Y 1 A GLY 1537 ? A GLY 6  
7  1 Y 1 A ALA 1538 ? A ALA 7  
8  1 Y 1 A GLU 1539 ? A GLU 8  
9  1 Y 1 A PRO 1540 ? A PRO 9  
10 1 Y 1 A GLU 1541 ? A GLU 10 
11 1 Y 1 A ALA 1542 ? A ALA 11 
12 1 Y 1 A GLU 35   ? A GLU 66 
13 1 Y 1 A PRO 36   ? A PRO 67 
14 1 Y 1 A MET 37   ? A MET 68 
15 1 Y 1 B SER 1532 ? B SER 1  
16 1 Y 1 B ASN 1533 ? B ASN 2  
17 1 Y 1 B ALA 1534 ? B ALA 3  
18 1 Y 1 B ASP 1535 ? B ASP 4  
19 1 Y 1 B PRO 1536 ? B PRO 5  
20 1 Y 1 B GLY 1537 ? B GLY 6  
21 1 Y 1 B ALA 1538 ? B ALA 7  
22 1 Y 1 B GLU 1539 ? B GLU 8  
23 1 Y 1 B PRO 1540 ? B PRO 9  
24 1 Y 1 B GLU 1541 ? B GLU 10 
25 1 Y 1 B ALA 1542 ? B ALA 11 
# 
loop_
_chem_comp_atom.comp_id 
_chem_comp_atom.atom_id 
_chem_comp_atom.type_symbol 
_chem_comp_atom.pdbx_aromatic_flag 
_chem_comp_atom.pdbx_stereo_config 
_chem_comp_atom.pdbx_ordinal 
ALA N    N  N N 1   
ALA CA   C  N S 2   
ALA C    C  N N 3   
ALA O    O  N N 4   
ALA CB   C  N N 5   
ALA OXT  O  N N 6   
ALA H    H  N N 7   
ALA H2   H  N N 8   
ALA HA   H  N N 9   
ALA HB1  H  N N 10  
ALA HB2  H  N N 11  
ALA HB3  H  N N 12  
ALA HXT  H  N N 13  
ARG N    N  N N 14  
ARG CA   C  N S 15  
ARG C    C  N N 16  
ARG O    O  N N 17  
ARG CB   C  N N 18  
ARG CG   C  N N 19  
ARG CD   C  N N 20  
ARG NE   N  N N 21  
ARG CZ   C  N N 22  
ARG NH1  N  N N 23  
ARG NH2  N  N N 24  
ARG OXT  O  N N 25  
ARG H    H  N N 26  
ARG H2   H  N N 27  
ARG HA   H  N N 28  
ARG HB2  H  N N 29  
ARG HB3  H  N N 30  
ARG HG2  H  N N 31  
ARG HG3  H  N N 32  
ARG HD2  H  N N 33  
ARG HD3  H  N N 34  
ARG HE   H  N N 35  
ARG HH11 H  N N 36  
ARG HH12 H  N N 37  
ARG HH21 H  N N 38  
ARG HH22 H  N N 39  
ARG HXT  H  N N 40  
ASN N    N  N N 41  
ASN CA   C  N S 42  
ASN C    C  N N 43  
ASN O    O  N N 44  
ASN CB   C  N N 45  
ASN CG   C  N N 46  
ASN OD1  O  N N 47  
ASN ND2  N  N N 48  
ASN OXT  O  N N 49  
ASN H    H  N N 50  
ASN H2   H  N N 51  
ASN HA   H  N N 52  
ASN HB2  H  N N 53  
ASN HB3  H  N N 54  
ASN HD21 H  N N 55  
ASN HD22 H  N N 56  
ASN HXT  H  N N 57  
ASP N    N  N N 58  
ASP CA   C  N S 59  
ASP C    C  N N 60  
ASP O    O  N N 61  
ASP CB   C  N N 62  
ASP CG   C  N N 63  
ASP OD1  O  N N 64  
ASP OD2  O  N N 65  
ASP OXT  O  N N 66  
ASP H    H  N N 67  
ASP H2   H  N N 68  
ASP HA   H  N N 69  
ASP HB2  H  N N 70  
ASP HB3  H  N N 71  
ASP HD2  H  N N 72  
ASP HXT  H  N N 73  
GLN N    N  N N 74  
GLN CA   C  N S 75  
GLN C    C  N N 76  
GLN O    O  N N 77  
GLN CB   C  N N 78  
GLN CG   C  N N 79  
GLN CD   C  N N 80  
GLN OE1  O  N N 81  
GLN NE2  N  N N 82  
GLN OXT  O  N N 83  
GLN H    H  N N 84  
GLN H2   H  N N 85  
GLN HA   H  N N 86  
GLN HB2  H  N N 87  
GLN HB3  H  N N 88  
GLN HG2  H  N N 89  
GLN HG3  H  N N 90  
GLN HE21 H  N N 91  
GLN HE22 H  N N 92  
GLN HXT  H  N N 93  
GLU N    N  N N 94  
GLU CA   C  N S 95  
GLU C    C  N N 96  
GLU O    O  N N 97  
GLU CB   C  N N 98  
GLU CG   C  N N 99  
GLU CD   C  N N 100 
GLU OE1  O  N N 101 
GLU OE2  O  N N 102 
GLU OXT  O  N N 103 
GLU H    H  N N 104 
GLU H2   H  N N 105 
GLU HA   H  N N 106 
GLU HB2  H  N N 107 
GLU HB3  H  N N 108 
GLU HG2  H  N N 109 
GLU HG3  H  N N 110 
GLU HE2  H  N N 111 
GLU HXT  H  N N 112 
GLY N    N  N N 113 
GLY CA   C  N N 114 
GLY C    C  N N 115 
GLY O    O  N N 116 
GLY OXT  O  N N 117 
GLY H    H  N N 118 
GLY H2   H  N N 119 
GLY HA2  H  N N 120 
GLY HA3  H  N N 121 
GLY HXT  H  N N 122 
HOH O    O  N N 123 
HOH H1   H  N N 124 
HOH H2   H  N N 125 
ILE N    N  N N 126 
ILE CA   C  N S 127 
ILE C    C  N N 128 
ILE O    O  N N 129 
ILE CB   C  N S 130 
ILE CG1  C  N N 131 
ILE CG2  C  N N 132 
ILE CD1  C  N N 133 
ILE OXT  O  N N 134 
ILE H    H  N N 135 
ILE H2   H  N N 136 
ILE HA   H  N N 137 
ILE HB   H  N N 138 
ILE HG12 H  N N 139 
ILE HG13 H  N N 140 
ILE HG21 H  N N 141 
ILE HG22 H  N N 142 
ILE HG23 H  N N 143 
ILE HD11 H  N N 144 
ILE HD12 H  N N 145 
ILE HD13 H  N N 146 
ILE HXT  H  N N 147 
LEU N    N  N N 148 
LEU CA   C  N S 149 
LEU C    C  N N 150 
LEU O    O  N N 151 
LEU CB   C  N N 152 
LEU CG   C  N N 153 
LEU CD1  C  N N 154 
LEU CD2  C  N N 155 
LEU OXT  O  N N 156 
LEU H    H  N N 157 
LEU H2   H  N N 158 
LEU HA   H  N N 159 
LEU HB2  H  N N 160 
LEU HB3  H  N N 161 
LEU HG   H  N N 162 
LEU HD11 H  N N 163 
LEU HD12 H  N N 164 
LEU HD13 H  N N 165 
LEU HD21 H  N N 166 
LEU HD22 H  N N 167 
LEU HD23 H  N N 168 
LEU HXT  H  N N 169 
LYS N    N  N N 170 
LYS CA   C  N S 171 
LYS C    C  N N 172 
LYS O    O  N N 173 
LYS CB   C  N N 174 
LYS CG   C  N N 175 
LYS CD   C  N N 176 
LYS CE   C  N N 177 
LYS NZ   N  N N 178 
LYS OXT  O  N N 179 
LYS H    H  N N 180 
LYS H2   H  N N 181 
LYS HA   H  N N 182 
LYS HB2  H  N N 183 
LYS HB3  H  N N 184 
LYS HG2  H  N N 185 
LYS HG3  H  N N 186 
LYS HD2  H  N N 187 
LYS HD3  H  N N 188 
LYS HE2  H  N N 189 
LYS HE3  H  N N 190 
LYS HZ1  H  N N 191 
LYS HZ2  H  N N 192 
LYS HZ3  H  N N 193 
LYS HXT  H  N N 194 
MET N    N  N N 195 
MET CA   C  N S 196 
MET C    C  N N 197 
MET O    O  N N 198 
MET CB   C  N N 199 
MET CG   C  N N 200 
MET SD   S  N N 201 
MET CE   C  N N 202 
MET OXT  O  N N 203 
MET H    H  N N 204 
MET H2   H  N N 205 
MET HA   H  N N 206 
MET HB2  H  N N 207 
MET HB3  H  N N 208 
MET HG2  H  N N 209 
MET HG3  H  N N 210 
MET HE1  H  N N 211 
MET HE2  H  N N 212 
MET HE3  H  N N 213 
MET HXT  H  N N 214 
NA  NA   NA N N 215 
PRO N    N  N N 216 
PRO CA   C  N S 217 
PRO C    C  N N 218 
PRO O    O  N N 219 
PRO CB   C  N N 220 
PRO CG   C  N N 221 
PRO CD   C  N N 222 
PRO OXT  O  N N 223 
PRO H    H  N N 224 
PRO HA   H  N N 225 
PRO HB2  H  N N 226 
PRO HB3  H  N N 227 
PRO HG2  H  N N 228 
PRO HG3  H  N N 229 
PRO HD2  H  N N 230 
PRO HD3  H  N N 231 
PRO HXT  H  N N 232 
SER N    N  N N 233 
SER CA   C  N S 234 
SER C    C  N N 235 
SER O    O  N N 236 
SER CB   C  N N 237 
SER OG   O  N N 238 
SER OXT  O  N N 239 
SER H    H  N N 240 
SER H2   H  N N 241 
SER HA   H  N N 242 
SER HB2  H  N N 243 
SER HB3  H  N N 244 
SER HG   H  N N 245 
SER HXT  H  N N 246 
THR N    N  N N 247 
THR CA   C  N S 248 
THR C    C  N N 249 
THR O    O  N N 250 
THR CB   C  N R 251 
THR OG1  O  N N 252 
THR CG2  C  N N 253 
THR OXT  O  N N 254 
THR H    H  N N 255 
THR H2   H  N N 256 
THR HA   H  N N 257 
THR HB   H  N N 258 
THR HG1  H  N N 259 
THR HG21 H  N N 260 
THR HG22 H  N N 261 
THR HG23 H  N N 262 
THR HXT  H  N N 263 
VAL N    N  N N 264 
VAL CA   C  N S 265 
VAL C    C  N N 266 
VAL O    O  N N 267 
VAL CB   C  N N 268 
VAL CG1  C  N N 269 
VAL CG2  C  N N 270 
VAL OXT  O  N N 271 
VAL H    H  N N 272 
VAL H2   H  N N 273 
VAL HA   H  N N 274 
VAL HB   H  N N 275 
VAL HG11 H  N N 276 
VAL HG12 H  N N 277 
VAL HG13 H  N N 278 
VAL HG21 H  N N 279 
VAL HG22 H  N N 280 
VAL HG23 H  N N 281 
VAL HXT  H  N N 282 
# 
loop_
_chem_comp_bond.comp_id 
_chem_comp_bond.atom_id_1 
_chem_comp_bond.atom_id_2 
_chem_comp_bond.value_order 
_chem_comp_bond.pdbx_aromatic_flag 
_chem_comp_bond.pdbx_stereo_config 
_chem_comp_bond.pdbx_ordinal 
ALA N   CA   sing N N 1   
ALA N   H    sing N N 2   
ALA N   H2   sing N N 3   
ALA CA  C    sing N N 4   
ALA CA  CB   sing N N 5   
ALA CA  HA   sing N N 6   
ALA C   O    doub N N 7   
ALA C   OXT  sing N N 8   
ALA CB  HB1  sing N N 9   
ALA CB  HB2  sing N N 10  
ALA CB  HB3  sing N N 11  
ALA OXT HXT  sing N N 12  
ARG N   CA   sing N N 13  
ARG N   H    sing N N 14  
ARG N   H2   sing N N 15  
ARG CA  C    sing N N 16  
ARG CA  CB   sing N N 17  
ARG CA  HA   sing N N 18  
ARG C   O    doub N N 19  
ARG C   OXT  sing N N 20  
ARG CB  CG   sing N N 21  
ARG CB  HB2  sing N N 22  
ARG CB  HB3  sing N N 23  
ARG CG  CD   sing N N 24  
ARG CG  HG2  sing N N 25  
ARG CG  HG3  sing N N 26  
ARG CD  NE   sing N N 27  
ARG CD  HD2  sing N N 28  
ARG CD  HD3  sing N N 29  
ARG NE  CZ   sing N N 30  
ARG NE  HE   sing N N 31  
ARG CZ  NH1  sing N N 32  
ARG CZ  NH2  doub N N 33  
ARG NH1 HH11 sing N N 34  
ARG NH1 HH12 sing N N 35  
ARG NH2 HH21 sing N N 36  
ARG NH2 HH22 sing N N 37  
ARG OXT HXT  sing N N 38  
ASN N   CA   sing N N 39  
ASN N   H    sing N N 40  
ASN N   H2   sing N N 41  
ASN CA  C    sing N N 42  
ASN CA  CB   sing N N 43  
ASN CA  HA   sing N N 44  
ASN C   O    doub N N 45  
ASN C   OXT  sing N N 46  
ASN CB  CG   sing N N 47  
ASN CB  HB2  sing N N 48  
ASN CB  HB3  sing N N 49  
ASN CG  OD1  doub N N 50  
ASN CG  ND2  sing N N 51  
ASN ND2 HD21 sing N N 52  
ASN ND2 HD22 sing N N 53  
ASN OXT HXT  sing N N 54  
ASP N   CA   sing N N 55  
ASP N   H    sing N N 56  
ASP N   H2   sing N N 57  
ASP CA  C    sing N N 58  
ASP CA  CB   sing N N 59  
ASP CA  HA   sing N N 60  
ASP C   O    doub N N 61  
ASP C   OXT  sing N N 62  
ASP CB  CG   sing N N 63  
ASP CB  HB2  sing N N 64  
ASP CB  HB3  sing N N 65  
ASP CG  OD1  doub N N 66  
ASP CG  OD2  sing N N 67  
ASP OD2 HD2  sing N N 68  
ASP OXT HXT  sing N N 69  
GLN N   CA   sing N N 70  
GLN N   H    sing N N 71  
GLN N   H2   sing N N 72  
GLN CA  C    sing N N 73  
GLN CA  CB   sing N N 74  
GLN CA  HA   sing N N 75  
GLN C   O    doub N N 76  
GLN C   OXT  sing N N 77  
GLN CB  CG   sing N N 78  
GLN CB  HB2  sing N N 79  
GLN CB  HB3  sing N N 80  
GLN CG  CD   sing N N 81  
GLN CG  HG2  sing N N 82  
GLN CG  HG3  sing N N 83  
GLN CD  OE1  doub N N 84  
GLN CD  NE2  sing N N 85  
GLN NE2 HE21 sing N N 86  
GLN NE2 HE22 sing N N 87  
GLN OXT HXT  sing N N 88  
GLU N   CA   sing N N 89  
GLU N   H    sing N N 90  
GLU N   H2   sing N N 91  
GLU CA  C    sing N N 92  
GLU CA  CB   sing N N 93  
GLU CA  HA   sing N N 94  
GLU C   O    doub N N 95  
GLU C   OXT  sing N N 96  
GLU CB  CG   sing N N 97  
GLU CB  HB2  sing N N 98  
GLU CB  HB3  sing N N 99  
GLU CG  CD   sing N N 100 
GLU CG  HG2  sing N N 101 
GLU CG  HG3  sing N N 102 
GLU CD  OE1  doub N N 103 
GLU CD  OE2  sing N N 104 
GLU OE2 HE2  sing N N 105 
GLU OXT HXT  sing N N 106 
GLY N   CA   sing N N 107 
GLY N   H    sing N N 108 
GLY N   H2   sing N N 109 
GLY CA  C    sing N N 110 
GLY CA  HA2  sing N N 111 
GLY CA  HA3  sing N N 112 
GLY C   O    doub N N 113 
GLY C   OXT  sing N N 114 
GLY OXT HXT  sing N N 115 
HOH O   H1   sing N N 116 
HOH O   H2   sing N N 117 
ILE N   CA   sing N N 118 
ILE N   H    sing N N 119 
ILE N   H2   sing N N 120 
ILE CA  C    sing N N 121 
ILE CA  CB   sing N N 122 
ILE CA  HA   sing N N 123 
ILE C   O    doub N N 124 
ILE C   OXT  sing N N 125 
ILE CB  CG1  sing N N 126 
ILE CB  CG2  sing N N 127 
ILE CB  HB   sing N N 128 
ILE CG1 CD1  sing N N 129 
ILE CG1 HG12 sing N N 130 
ILE CG1 HG13 sing N N 131 
ILE CG2 HG21 sing N N 132 
ILE CG2 HG22 sing N N 133 
ILE CG2 HG23 sing N N 134 
ILE CD1 HD11 sing N N 135 
ILE CD1 HD12 sing N N 136 
ILE CD1 HD13 sing N N 137 
ILE OXT HXT  sing N N 138 
LEU N   CA   sing N N 139 
LEU N   H    sing N N 140 
LEU N   H2   sing N N 141 
LEU CA  C    sing N N 142 
LEU CA  CB   sing N N 143 
LEU CA  HA   sing N N 144 
LEU C   O    doub N N 145 
LEU C   OXT  sing N N 146 
LEU CB  CG   sing N N 147 
LEU CB  HB2  sing N N 148 
LEU CB  HB3  sing N N 149 
LEU CG  CD1  sing N N 150 
LEU CG  CD2  sing N N 151 
LEU CG  HG   sing N N 152 
LEU CD1 HD11 sing N N 153 
LEU CD1 HD12 sing N N 154 
LEU CD1 HD13 sing N N 155 
LEU CD2 HD21 sing N N 156 
LEU CD2 HD22 sing N N 157 
LEU CD2 HD23 sing N N 158 
LEU OXT HXT  sing N N 159 
LYS N   CA   sing N N 160 
LYS N   H    sing N N 161 
LYS N   H2   sing N N 162 
LYS CA  C    sing N N 163 
LYS CA  CB   sing N N 164 
LYS CA  HA   sing N N 165 
LYS C   O    doub N N 166 
LYS C   OXT  sing N N 167 
LYS CB  CG   sing N N 168 
LYS CB  HB2  sing N N 169 
LYS CB  HB3  sing N N 170 
LYS CG  CD   sing N N 171 
LYS CG  HG2  sing N N 172 
LYS CG  HG3  sing N N 173 
LYS CD  CE   sing N N 174 
LYS CD  HD2  sing N N 175 
LYS CD  HD3  sing N N 176 
LYS CE  NZ   sing N N 177 
LYS CE  HE2  sing N N 178 
LYS CE  HE3  sing N N 179 
LYS NZ  HZ1  sing N N 180 
LYS NZ  HZ2  sing N N 181 
LYS NZ  HZ3  sing N N 182 
LYS OXT HXT  sing N N 183 
MET N   CA   sing N N 184 
MET N   H    sing N N 185 
MET N   H2   sing N N 186 
MET CA  C    sing N N 187 
MET CA  CB   sing N N 188 
MET CA  HA   sing N N 189 
MET C   O    doub N N 190 
MET C   OXT  sing N N 191 
MET CB  CG   sing N N 192 
MET CB  HB2  sing N N 193 
MET CB  HB3  sing N N 194 
MET CG  SD   sing N N 195 
MET CG  HG2  sing N N 196 
MET CG  HG3  sing N N 197 
MET SD  CE   sing N N 198 
MET CE  HE1  sing N N 199 
MET CE  HE2  sing N N 200 
MET CE  HE3  sing N N 201 
MET OXT HXT  sing N N 202 
PRO N   CA   sing N N 203 
PRO N   CD   sing N N 204 
PRO N   H    sing N N 205 
PRO CA  C    sing N N 206 
PRO CA  CB   sing N N 207 
PRO CA  HA   sing N N 208 
PRO C   O    doub N N 209 
PRO C   OXT  sing N N 210 
PRO CB  CG   sing N N 211 
PRO CB  HB2  sing N N 212 
PRO CB  HB3  sing N N 213 
PRO CG  CD   sing N N 214 
PRO CG  HG2  sing N N 215 
PRO CG  HG3  sing N N 216 
PRO CD  HD2  sing N N 217 
PRO CD  HD3  sing N N 218 
PRO OXT HXT  sing N N 219 
SER N   CA   sing N N 220 
SER N   H    sing N N 221 
SER N   H2   sing N N 222 
SER CA  C    sing N N 223 
SER CA  CB   sing N N 224 
SER CA  HA   sing N N 225 
SER C   O    doub N N 226 
SER C   OXT  sing N N 227 
SER CB  OG   sing N N 228 
SER CB  HB2  sing N N 229 
SER CB  HB3  sing N N 230 
SER OG  HG   sing N N 231 
SER OXT HXT  sing N N 232 
THR N   CA   sing N N 233 
THR N   H    sing N N 234 
THR N   H2   sing N N 235 
THR CA  C    sing N N 236 
THR CA  CB   sing N N 237 
THR CA  HA   sing N N 238 
THR C   O    doub N N 239 
THR C   OXT  sing N N 240 
THR CB  OG1  sing N N 241 
THR CB  CG2  sing N N 242 
THR CB  HB   sing N N 243 
THR OG1 HG1  sing N N 244 
THR CG2 HG21 sing N N 245 
THR CG2 HG22 sing N N 246 
THR CG2 HG23 sing N N 247 
THR OXT HXT  sing N N 248 
VAL N   CA   sing N N 249 
VAL N   H    sing N N 250 
VAL N   H2   sing N N 251 
VAL CA  C    sing N N 252 
VAL CA  CB   sing N N 253 
VAL CA  HA   sing N N 254 
VAL C   O    doub N N 255 
VAL C   OXT  sing N N 256 
VAL CB  CG1  sing N N 257 
VAL CB  CG2  sing N N 258 
VAL CB  HB   sing N N 259 
VAL CG1 HG11 sing N N 260 
VAL CG1 HG12 sing N N 261 
VAL CG1 HG13 sing N N 262 
VAL CG2 HG21 sing N N 263 
VAL CG2 HG22 sing N N 264 
VAL CG2 HG23 sing N N 265 
VAL OXT HXT  sing N N 266 
# 
_atom_sites.entry_id                    3F5H 
_atom_sites.fract_transf_matrix[1][1]   -0.00214105 
_atom_sites.fract_transf_matrix[1][2]   -0.00538379 
_atom_sites.fract_transf_matrix[1][3]   -0.01592369 
_atom_sites.fract_transf_matrix[2][1]   0.00821721 
_atom_sites.fract_transf_matrix[2][2]   0.00137924 
_atom_sites.fract_transf_matrix[2][3]   -0.00157118 
_atom_sites.fract_transf_matrix[3][1]   0.00506873 
_atom_sites.fract_transf_matrix[3][2]   -0.02236207 
_atom_sites.fract_transf_matrix[3][3]   0.00687907 
_atom_sites.fract_transf_vector[1]      0.755975 
_atom_sites.fract_transf_vector[2]      0.323590 
_atom_sites.fract_transf_vector[3]      0.621505 
# 
loop_
_atom_type.symbol 
C  
N  
NA 
O  
S  
# 
loop_
_atom_site.group_PDB 
_atom_site.id 
_atom_site.type_symbol 
_atom_site.label_atom_id 
_atom_site.label_alt_id 
_atom_site.label_comp_id 
_atom_site.label_asym_id 
_atom_site.label_entity_id 
_atom_site.label_seq_id 
_atom_site.pdbx_PDB_ins_code 
_atom_site.Cartn_x 
_atom_site.Cartn_y 
_atom_site.Cartn_z 
_atom_site.occupancy 
_atom_site.B_iso_or_equiv 
_atom_site.pdbx_formal_charge 
_atom_site.auth_seq_id 
_atom_site.auth_comp_id 
_atom_site.auth_asym_id 
_atom_site.auth_atom_id 
_atom_site.pdbx_PDB_model_num 
ATOM   1    N  N   . SER A 1 12 ? -24.775 18.470  14.812  1.00 32.58 ? 1543 SER A N   1 
ATOM   2    C  CA  . SER A 1 12 ? -24.972 19.569  13.818  1.00 31.88 ? 1543 SER A CA  1 
ATOM   3    C  C   . SER A 1 12 ? -24.141 19.344  12.559  1.00 31.13 ? 1543 SER A C   1 
ATOM   4    O  O   . SER A 1 12 ? -22.920 19.179  12.637  1.00 30.26 ? 1543 SER A O   1 
ATOM   5    C  CB  . SER A 1 12 ? -24.599 20.922  14.408  1.00 32.11 ? 1543 SER A CB  1 
ATOM   6    O  OG  . SER A 1 12 ? -24.742 21.915  13.398  1.00 35.50 ? 1543 SER A OG  1 
ATOM   7    N  N   . ILE A 1 13 ? -24.803 19.368  11.400  1.00 29.75 ? 1544 ILE A N   1 
ATOM   8    C  CA  . ILE A 1 13 ? -24.110 19.098  10.141  1.00 27.98 ? 1544 ILE A CA  1 
ATOM   9    C  C   . ILE A 1 13 ? -22.992 20.112  9.871   1.00 27.56 ? 1544 ILE A C   1 
ATOM   10   O  O   . ILE A 1 13 ? -22.008 19.792  9.210   1.00 26.03 ? 1544 ILE A O   1 
ATOM   11   C  CB  . ILE A 1 13 ? -25.108 18.929  8.954   1.00 28.20 ? 1544 ILE A CB  1 
ATOM   12   C  CG1 . ILE A 1 13 ? -25.776 17.565  9.047   1.00 28.38 ? 1544 ILE A CG1 1 
ATOM   13   C  CG2 . ILE A 1 13 ? -24.399 19.026  7.617   1.00 27.49 ? 1544 ILE A CG2 1 
ATOM   14   C  CD1 . ILE A 1 13 ? -27.063 17.440  8.255   1.00 32.30 ? 1544 ILE A CD1 1 
ATOM   15   N  N   . ASP A 1 14 ? -23.112 21.325  10.419  1.00 28.23 ? 1545 ASP A N   1 
ATOM   16   C  CA  . ASP A 1 14 ? -22.071 22.336  10.232  1.00 28.68 ? 1545 ASP A CA  1 
ATOM   17   C  C   . ASP A 1 14 ? -20.755 21.945  10.862  1.00 27.86 ? 1545 ASP A C   1 
ATOM   18   O  O   . ASP A 1 14 ? -19.705 22.469  10.502  1.00 27.63 ? 1545 ASP A O   1 
ATOM   19   C  CB  . ASP A 1 14 ? -22.509 23.673  10.828  1.00 30.40 ? 1545 ASP A CB  1 
ATOM   20   C  CG  . ASP A 1 14 ? -23.585 24.320  10.021  1.00 33.86 ? 1545 ASP A CG  1 
ATOM   21   O  OD1 . ASP A 1 14 ? -23.420 24.341  8.774   1.00 37.40 ? 1545 ASP A OD1 1 
ATOM   22   O  OD2 . ASP A 1 14 ? -24.584 24.779  10.631  1.00 37.87 ? 1545 ASP A OD2 1 
ATOM   23   N  N   . ASP A 1 15 ? -20.823 21.034  11.820  1.00 27.14 ? 1546 ASP A N   1 
ATOM   24   C  CA  . ASP A 1 15 ? -19.627 20.600  12.539  1.00 26.98 ? 1546 ASP A CA  1 
ATOM   25   C  C   . ASP A 1 15 ? -18.912 19.439  11.874  1.00 26.59 ? 1546 ASP A C   1 
ATOM   26   O  O   . ASP A 1 15 ? -17.832 19.051  12.295  1.00 27.46 ? 1546 ASP A O   1 
ATOM   27   C  CB  . ASP A 1 15 ? -20.017 20.204  13.952  1.00 26.94 ? 1546 ASP A CB  1 
ATOM   28   C  CG  . ASP A 1 15 ? -20.380 21.402  14.802  1.00 29.14 ? 1546 ASP A CG  1 
ATOM   29   O  OD1 . ASP A 1 15 ? -19.741 22.455  14.635  1.00 29.53 ? 1546 ASP A OD1 1 
ATOM   30   O  OD2 . ASP A 1 15 ? -21.302 21.281  15.635  1.00 34.20 ? 1546 ASP A OD2 1 
ATOM   31   N  N   . LEU A 1 16 ? -19.511 18.881  10.830  1.00 25.43 ? 1547 LEU A N   1 
ATOM   32   C  CA  . LEU A 1 16 ? -18.938 17.720  10.175  1.00 24.91 ? 1547 LEU A CA  1 
ATOM   33   C  C   . LEU A 1 16 ? -17.943 18.099  9.091   1.00 25.01 ? 1547 LEU A C   1 
ATOM   34   O  O   . LEU A 1 16 ? -18.162 19.054  8.325   1.00 25.25 ? 1547 LEU A O   1 
ATOM   35   C  CB  . LEU A 1 16 ? -20.052 16.886  9.550   1.00 24.59 ? 1547 LEU A CB  1 
ATOM   36   C  CG  . LEU A 1 16 ? -21.100 16.335  10.514  1.00 24.10 ? 1547 LEU A CG  1 
ATOM   37   C  CD1 . LEU A 1 16 ? -22.213 15.621  9.759   1.00 23.37 ? 1547 LEU A CD1 1 
ATOM   38   C  CD2 . LEU A 1 16 ? -20.433 15.401  11.489  1.00 22.50 ? 1547 LEU A CD2 1 
ATOM   39   N  N   . ASP A 1 17 ? -16.878 17.310  8.989   1.00 25.00 ? 1548 ASP A N   1 
ATOM   40   C  CA  . ASP A 1 17 ? -15.880 17.512  7.961   1.00 24.08 ? 1548 ASP A CA  1 
ATOM   41   C  C   . ASP A 1 17 ? -16.294 16.818  6.684   1.00 22.75 ? 1548 ASP A C   1 
ATOM   42   O  O   . ASP A 1 17 ? -17.273 16.067  6.674   1.00 21.86 ? 1548 ASP A O   1 
ATOM   43   C  CB  . ASP A 1 17 ? -14.469 17.059  8.419   1.00 25.44 ? 1548 ASP A CB  1 
ATOM   44   C  CG  . ASP A 1 17 ? -14.361 15.554  8.723   1.00 28.34 ? 1548 ASP A CG  1 
ATOM   45   O  OD1 . ASP A 1 17 ? -15.232 14.725  8.365   1.00 29.16 ? 1548 ASP A OD1 1 
ATOM   46   O  OD2 . ASP A 1 17 ? -13.336 15.174  9.335   1.00 34.25 ? 1548 ASP A OD2 1 
ATOM   47   N  N   . ALA A 1 18 ? -15.548 17.082  5.616   1.00 20.86 ? 1549 ALA A N   1 
ATOM   48   C  CA  . ALA A 1 18 ? -15.848 16.525  4.301   1.00 20.58 ? 1549 ALA A CA  1 
ATOM   49   C  C   . ALA A 1 18 ? -15.964 15.006  4.301   1.00 20.31 ? 1549 ALA A C   1 
ATOM   50   O  O   . ALA A 1 18 ? -16.872 14.452  3.686   1.00 19.95 ? 1549 ALA A O   1 
ATOM   51   C  CB  . ALA A 1 18 ? -14.802 16.990  3.251   1.00 20.08 ? 1549 ALA A CB  1 
ATOM   52   N  N   . GLU A 1 19 ? -15.018 14.325  4.938   1.00 19.82 ? 1550 GLU A N   1 
ATOM   53   C  CA  . GLU A 1 19 ? -15.068 12.873  4.994   1.00 20.01 ? 1550 GLU A CA  1 
ATOM   54   C  C   . GLU A 1 19 ? -16.403 12.356  5.530   1.00 18.80 ? 1550 GLU A C   1 
ATOM   55   O  O   . GLU A 1 19 ? -17.000 11.438  4.979   1.00 17.88 ? 1550 GLU A O   1 
ATOM   56   C  CB  . GLU A 1 19 ? -13.920 12.334  5.863   1.00 21.08 ? 1550 GLU A CB  1 
ATOM   57   C  CG  . GLU A 1 19 ? -13.949 10.831  5.924   1.00 27.04 ? 1550 GLU A CG  1 
ATOM   58   C  CD  . GLU A 1 19 ? -12.664 10.236  6.450   1.00 35.54 ? 1550 GLU A CD  1 
ATOM   59   O  OE1 . GLU A 1 19 ? -12.312 10.554  7.613   1.00 34.92 ? 1550 GLU A OE1 1 
ATOM   60   O  OE2 . GLU A 1 19 ? -12.017 9.452   5.689   1.00 37.80 ? 1550 GLU A OE2 1 
ATOM   61   N  N   . ALA A 1 20 ? -16.907 12.971  6.588   1.00 18.18 ? 1551 ALA A N   1 
ATOM   62   C  CA  . ALA A 1 20 ? -18.155 12.513  7.178   1.00 18.06 ? 1551 ALA A CA  1 
ATOM   63   C  C   . ALA A 1 20 ? -19.360 12.845  6.301   1.00 17.43 ? 1551 ALA A C   1 
ATOM   64   O  O   . ALA A 1 20 ? -20.303 12.055  6.218   1.00 18.79 ? 1551 ALA A O   1 
ATOM   65   C  CB  . ALA A 1 20 ? -18.335 13.139  8.569   1.00 18.83 ? 1551 ALA A CB  1 
ATOM   66   N  N   . LEU A 1 21 ? -19.329 14.007  5.652   1.00 16.41 ? 1552 LEU A N   1 
ATOM   67   C  CA  . LEU A 1 21 ? -20.418 14.406  4.752   1.00 15.55 ? 1552 LEU A CA  1 
ATOM   68   C  C   . LEU A 1 21 ? -20.484 13.430  3.593   1.00 15.27 ? 1552 LEU A C   1 
ATOM   69   O  O   . LEU A 1 21 ? -21.547 12.989  3.188   1.00 14.61 ? 1552 LEU A O   1 
ATOM   70   C  CB  . LEU A 1 21 ? -20.212 15.840  4.216   1.00 15.26 ? 1552 LEU A CB  1 
ATOM   71   C  CG  . LEU A 1 21 ? -20.185 16.932  5.307   1.00 15.11 ? 1552 LEU A CG  1 
ATOM   72   C  CD1 . LEU A 1 21 ? -19.712 18.238  4.742   1.00 15.30 ? 1552 LEU A CD1 1 
ATOM   73   C  CD2 . LEU A 1 21 ? -21.568 17.074  5.930   1.00 16.25 ? 1552 LEU A CD2 1 
ATOM   74   N  N   . ILE A 1 22 ? -19.321 13.108  3.056   1.00 15.46 ? 1553 ILE A N   1 
ATOM   75   C  CA  . ILE A 1 22 ? -19.268 12.222  1.909   1.00 15.71 ? 1553 ILE A CA  1 
ATOM   76   C  C   . ILE A 1 22 ? -19.831 10.858  2.284   1.00 17.30 ? 1553 ILE A C   1 
ATOM   77   O  O   . ILE A 1 22 ? -20.581 10.223  1.509   1.00 17.31 ? 1553 ILE A O   1 
ATOM   78   C  CB  . ILE A 1 22 ? -17.831 12.079  1.420   1.00 15.83 ? 1553 ILE A CB  1 
ATOM   79   C  CG1 . ILE A 1 22 ? -17.346 13.422  0.847   1.00 15.66 ? 1553 ILE A CG1 1 
ATOM   80   C  CG2 . ILE A 1 22 ? -17.749 10.948  0.424   1.00 15.32 ? 1553 ILE A CG2 1 
ATOM   81   C  CD1 . ILE A 1 22 ? -15.815 13.485  0.670   1.00 18.60 ? 1553 ILE A CD1 1 
ATOM   82   N  N   . ARG A 1 23 ? -19.471 10.374  3.470   1.00 16.56 ? 1554 ARG A N   1 
ATOM   83   C  CA  . ARG A 1 23 ? -19.963 9.076   3.887   1.00 18.34 ? 1554 ARG A CA  1 
ATOM   84   C  C   . ARG A 1 23 ? -21.473 9.090   4.075   1.00 17.79 ? 1554 ARG A C   1 
ATOM   85   O  O   . ARG A 1 23 ? -22.161 8.102   3.792   1.00 18.32 ? 1554 ARG A O   1 
ATOM   86   C  CB  . ARG A 1 23 ? -19.290 8.631   5.164   1.00 18.38 ? 1554 ARG A CB  1 
ATOM   87   C  CG  . ARG A 1 23 ? -19.428 7.125   5.366   1.00 23.51 ? 1554 ARG A CG  1 
ATOM   88   C  CD  . ARG A 1 23 ? -18.935 6.767   6.761   1.00 29.80 ? 1554 ARG A CD  1 
ATOM   89   N  NE  . ARG A 1 23 ? -19.830 7.360   7.765   1.00 34.00 ? 1554 ARG A NE  1 
ATOM   90   C  CZ  . ARG A 1 23 ? -19.470 8.263   8.685   1.00 34.31 ? 1554 ARG A CZ  1 
ATOM   91   N  NH1 . ARG A 1 23 ? -18.212 8.678   8.769   1.00 33.55 ? 1554 ARG A NH1 1 
ATOM   92   N  NH2 . ARG A 1 23 ? -20.385 8.735   9.525   1.00 35.52 ? 1554 ARG A NH2 1 
ATOM   93   N  N   . MET A 1 24 ? -22.003 10.217  4.518   1.00 16.82 ? 1555 MET A N   1 
ATOM   94   C  CA  . MET A 1 24 ? -23.430 10.310  4.744   1.00 17.08 ? 1555 MET A CA  1 
ATOM   95   C  C   . MET A 1 24 ? -24.142 10.164  3.418   1.00 15.88 ? 1555 MET A C   1 
ATOM   96   O  O   . MET A 1 24 ? -25.170 9.494   3.318   1.00 16.42 ? 1555 MET A O   1 
ATOM   97   C  CB  . MET A 1 24 ? -23.798 11.635  5.390   1.00 17.38 ? 1555 MET A CB  1 
ATOM   98   C  CG  . MET A 1 24 ? -23.410 11.656  6.855   1.00 19.44 ? 1555 MET A CG  1 
ATOM   99   S  SD  . MET A 1 24 ? -23.522 13.288  7.606   1.00 26.53 ? 1555 MET A SD  1 
ATOM   100  C  CE  . MET A 1 24 ? -25.298 13.568  7.537   1.00 21.14 ? 1555 MET A CE  1 
ATOM   101  N  N   . ALA A 1 25 ? -23.567 10.780  2.396   1.00 15.70 ? 1556 ALA A N   1 
ATOM   102  C  CA  . ALA A 1 25 ? -24.219 10.835  1.110   1.00 15.76 ? 1556 ALA A CA  1 
ATOM   103  C  C   . ALA A 1 25 ? -24.039 9.533   0.324   1.00 17.13 ? 1556 ALA A C   1 
ATOM   104  O  O   . ALA A 1 25 ? -24.938 9.133   -0.420  1.00 17.03 ? 1556 ALA A O   1 
ATOM   105  C  CB  . ALA A 1 25 ? -23.663 12.025  0.296   1.00 15.36 ? 1556 ALA A CB  1 
ATOM   106  N  N   . LEU A 1 26 ? -22.866 8.905   0.440   1.00 15.92 ? 1557 LEU A N   1 
ATOM   107  C  CA  . LEU A 1 26 ? -22.550 7.791   -0.454  1.00 17.45 ? 1557 LEU A CA  1 
ATOM   108  C  C   . LEU A 1 26 ? -22.588 6.442   0.230   1.00 17.87 ? 1557 LEU A C   1 
ATOM   109  O  O   . LEU A 1 26 ? -22.687 5.412   -0.440  1.00 18.22 ? 1557 LEU A O   1 
ATOM   110  C  CB  . LEU A 1 26 ? -21.158 7.980   -1.071  1.00 17.02 ? 1557 LEU A CB  1 
ATOM   111  C  CG  . LEU A 1 26 ? -21.010 9.183   -2.015  1.00 16.93 ? 1557 LEU A CG  1 
ATOM   112  C  CD1 . LEU A 1 26 ? -19.557 9.291   -2.465  1.00 16.15 ? 1557 LEU A CD1 1 
ATOM   113  C  CD2 . LEU A 1 26 ? -21.919 9.019   -3.223  1.00 19.32 ? 1557 LEU A CD2 1 
ATOM   114  N  N   . GLY A 1 27 ? -22.477 6.439   1.560   1.00 18.25 ? 1558 GLY A N   1 
ATOM   115  C  CA  . GLY A 1 27 ? -22.494 5.194   2.319   1.00 18.61 ? 1558 GLY A CA  1 
ATOM   116  C  C   . GLY A 1 27 ? -21.106 4.586   2.495   1.00 19.48 ? 1558 GLY A C   1 
ATOM   117  O  O   . GLY A 1 27 ? -20.196 4.802   1.656   1.00 19.38 ? 1558 GLY A O   1 
ATOM   118  N  N   . PRO A 1 28 ? -20.915 3.816   3.577   1.00 18.54 ? 1559 PRO A N   1 
ATOM   119  C  CA  . PRO A 1 28 ? -19.570 3.318   3.865   1.00 19.03 ? 1559 PRO A CA  1 
ATOM   120  C  C   . PRO A 1 28 ? -19.058 2.295   2.853   1.00 19.16 ? 1559 PRO A C   1 
ATOM   121  O  O   . PRO A 1 28 ? -17.853 2.172   2.682   1.00 19.02 ? 1559 PRO A O   1 
ATOM   122  C  CB  . PRO A 1 28 ? -19.717 2.701   5.267   1.00 18.72 ? 1559 PRO A CB  1 
ATOM   123  C  CG  . PRO A 1 28 ? -21.153 2.311   5.347   1.00 19.42 ? 1559 PRO A CG  1 
ATOM   124  C  CD  . PRO A 1 28 ? -21.913 3.340   4.554   1.00 19.52 ? 1559 PRO A CD  1 
ATOM   125  N  N   . ARG A 1 29 ? -19.933 1.584   2.143   1.00 19.56 ? 1560 ARG A N   1 
ATOM   126  C  CA  . ARG A 1 29 ? -19.383 0.631   1.203   1.00 20.49 ? 1560 ARG A CA  1 
ATOM   127  C  C   . ARG A 1 29 ? -18.614 1.418   0.149   1.00 20.00 ? 1560 ARG A C   1 
ATOM   128  O  O   . ARG A 1 29 ? -17.451 1.110   -0.179  1.00 20.12 ? 1560 ARG A O   1 
ATOM   129  C  CB  . ARG A 1 29 ? -20.450 -0.261  0.575   1.00 20.11 ? 1560 ARG A CB  1 
ATOM   130  C  CG  . ARG A 1 29 ? -19.807 -1.406  -0.244  1.00 24.53 ? 1560 ARG A CG  1 
ATOM   131  C  CD  . ARG A 1 29 ? -20.827 -2.172  -1.096  1.00 27.24 ? 1560 ARG A CD  1 
ATOM   132  N  NE  . ARG A 1 29 ? -21.973 -2.620  -0.300  1.00 33.25 ? 1560 ARG A NE  1 
ATOM   133  C  CZ  . ARG A 1 29 ? -22.103 -3.830  0.254   1.00 35.50 ? 1560 ARG A CZ  1 
ATOM   134  N  NH1 . ARG A 1 29 ? -21.148 -4.756  0.126   1.00 35.16 ? 1560 ARG A NH1 1 
ATOM   135  N  NH2 . ARG A 1 29 ? -23.203 -4.113  0.944   1.00 35.09 ? 1560 ARG A NH2 1 
ATOM   136  N  N   . ASN A 1 30 ? -19.261 2.459   -0.360  1.00 19.00 ? 1561 ASN A N   1 
ATOM   137  C  CA  . ASN A 1 30 ? -18.646 3.318   -1.355  1.00 18.90 ? 1561 ASN A CA  1 
ATOM   138  C  C   . ASN A 1 30 ? -17.354 3.974   -0.876  1.00 18.27 ? 1561 ASN A C   1 
ATOM   139  O  O   . ASN A 1 30 ? -16.324 3.958   -1.586  1.00 18.30 ? 1561 ASN A O   1 
ATOM   140  C  CB  . ASN A 1 30 ? -19.649 4.389   -1.786  1.00 18.49 ? 1561 ASN A CB  1 
ATOM   141  C  CG  . ASN A 1 30 ? -19.049 5.393   -2.765  1.00 22.28 ? 1561 ASN A CG  1 
ATOM   142  O  OD1 . ASN A 1 30 ? -18.136 6.149   -2.422  1.00 23.89 ? 1561 ASN A OD1 1 
ATOM   143  N  ND2 . ASN A 1 30 ? -19.570 5.411   -3.981  1.00 20.48 ? 1561 ASN A ND2 1 
ATOM   144  N  N   . THR A 1 31 ? -17.383 4.563   0.319   1.00 17.89 ? 1562 THR A N   1 
ATOM   145  C  CA  . THR A 1 31 ? -16.216 5.283   0.779   1.00 17.39 ? 1562 THR A CA  1 
ATOM   146  C  C   . THR A 1 31 ? -15.059 4.343   1.142   1.00 17.78 ? 1562 THR A C   1 
ATOM   147  O  O   . THR A 1 31 ? -13.902 4.677   0.896   1.00 16.77 ? 1562 THR A O   1 
ATOM   148  C  CB  . THR A 1 31 ? -16.531 6.200   1.930   1.00 17.44 ? 1562 THR A CB  1 
ATOM   149  O  OG1 . THR A 1 31 ? -17.014 5.420   3.025   1.00 19.11 ? 1562 THR A OG1 1 
ATOM   150  C  CG2 . THR A 1 31 ? -17.616 7.215   1.508   1.00 17.64 ? 1562 THR A CG2 1 
ATOM   151  N  N   . MET A 1 32 ? -15.360 3.177   1.704   1.00 17.61 ? 1    MET A N   1 
ATOM   152  C  CA  A MET A 1 32 ? -14.312 2.182   1.982   0.50 18.28 ? 1    MET A CA  1 
ATOM   153  C  CA  B MET A 1 32 ? -14.312 2.181   1.991   0.50 18.94 ? 1    MET A CA  1 
ATOM   154  C  C   . MET A 1 32 ? -13.717 1.639   0.691   1.00 18.77 ? 1    MET A C   1 
ATOM   155  O  O   . MET A 1 32 ? -12.511 1.413   0.588   1.00 18.45 ? 1    MET A O   1 
ATOM   156  C  CB  A MET A 1 32 ? -14.856 1.041   2.843   0.50 18.18 ? 1    MET A CB  1 
ATOM   157  C  CB  B MET A 1 32 ? -14.860 1.045   2.870   0.50 19.37 ? 1    MET A CB  1 
ATOM   158  C  CG  A MET A 1 32 ? -15.343 1.500   4.203   0.50 18.54 ? 1    MET A CG  1 
ATOM   159  C  CG  B MET A 1 32 ? -13.824 0.026   3.328   0.50 22.54 ? 1    MET A CG  1 
ATOM   160  S  SD  A MET A 1 32 ? -15.755 0.092   5.237   0.50 20.52 ? 1    MET A SD  1 
ATOM   161  S  SD  B MET A 1 32 ? -12.418 0.655   4.281   0.50 32.10 ? 1    MET A SD  1 
ATOM   162  C  CE  A MET A 1 32 ? -14.118 -0.594  5.390   0.50 18.61 ? 1    MET A CE  1 
ATOM   163  C  CE  B MET A 1 32 ? -13.235 1.152   5.800   0.50 30.56 ? 1    MET A CE  1 
ATOM   164  N  N   . THR A 1 33 ? -14.558 1.459   -0.315  1.00 19.19 ? 2    THR A N   1 
ATOM   165  C  CA  . THR A 1 33 ? -14.062 1.002   -1.619  1.00 20.33 ? 2    THR A CA  1 
ATOM   166  C  C   . THR A 1 33 ? -13.134 2.045   -2.244  1.00 20.21 ? 2    THR A C   1 
ATOM   167  O  O   . THR A 1 33 ? -12.047 1.726   -2.749  1.00 20.34 ? 2    THR A O   1 
ATOM   168  C  CB  . THR A 1 33 ? -15.236 0.656   -2.578  1.00 20.61 ? 2    THR A CB  1 
ATOM   169  O  OG1 . THR A 1 33 ? -15.981 -0.443  -2.044  1.00 23.05 ? 2    THR A OG1 1 
ATOM   170  C  CG2 . THR A 1 33 ? -14.726 0.270   -3.966  1.00 23.39 ? 2    THR A CG2 1 
ATOM   171  N  N   . SER A 1 34 ? -13.531 3.307   -2.223  1.00 19.05 ? 3    SER A N   1 
ATOM   172  C  CA  A SER A 1 34 ? -12.683 4.360   -2.778  0.50 18.89 ? 3    SER A CA  1 
ATOM   173  C  CA  B SER A 1 34 ? -12.672 4.338   -2.796  0.50 19.45 ? 3    SER A CA  1 
ATOM   174  C  C   . SER A 1 34 ? -11.365 4.488   -2.004  1.00 19.19 ? 3    SER A C   1 
ATOM   175  O  O   . SER A 1 34 ? -10.316 4.730   -2.588  1.00 18.23 ? 3    SER A O   1 
ATOM   176  C  CB  A SER A 1 34 ? -13.420 5.697   -2.788  0.50 19.16 ? 3    SER A CB  1 
ATOM   177  C  CB  B SER A 1 34 ? -13.403 5.671   -2.875  0.50 19.81 ? 3    SER A CB  1 
ATOM   178  O  OG  A SER A 1 34 ? -14.603 5.616   -3.560  0.50 16.69 ? 3    SER A OG  1 
ATOM   179  O  OG  B SER A 1 34 ? -13.781 6.088   -1.584  0.50 20.84 ? 3    SER A OG  1 
ATOM   180  N  N   . SER A 1 35 ? -11.433 4.346   -0.679  1.00 18.94 ? 4    SER A N   1 
ATOM   181  C  CA  A SER A 1 35 ? -10.227 4.368   0.151   0.50 19.05 ? 4    SER A CA  1 
ATOM   182  C  CA  B SER A 1 35 ? -10.241 4.354   0.155   0.50 19.39 ? 4    SER A CA  1 
ATOM   183  C  C   . SER A 1 35 ? -9.282  3.244   -0.258  1.00 20.20 ? 4    SER A C   1 
ATOM   184  O  O   . SER A 1 35 ? -8.086  3.442   -0.381  1.00 18.70 ? 4    SER A O   1 
ATOM   185  C  CB  A SER A 1 35 ? -10.563 4.204   1.642   0.50 19.38 ? 4    SER A CB  1 
ATOM   186  C  CB  B SER A 1 35 ? -10.635 4.118   1.608   0.50 19.76 ? 4    SER A CB  1 
ATOM   187  O  OG  A SER A 1 35 ? -11.066 5.405   2.221   0.50 18.68 ? 4    SER A OG  1 
ATOM   188  O  OG  B SER A 1 35 ? -9.585  4.487   2.467   0.50 21.13 ? 4    SER A OG  1 
ATOM   189  N  N   . ASN A 1 36 ? -9.826  2.048   -0.426  1.00 19.47 ? 5    ASN A N   1 
ATOM   190  C  CA  . ASN A 1 36 ? -8.985  0.915   -0.781  1.00 20.17 ? 5    ASN A CA  1 
ATOM   191  C  C   . ASN A 1 36 ? -8.389  1.110   -2.175  1.00 19.62 ? 5    ASN A C   1 
ATOM   192  O  O   . ASN A 1 36 ? -7.222  0.834   -2.389  1.00 18.74 ? 5    ASN A O   1 
ATOM   193  C  CB  . ASN A 1 36 ? -9.773  -0.395  -0.678  1.00 20.44 ? 5    ASN A CB  1 
ATOM   194  C  CG  . ASN A 1 36 ? -9.933  -0.904  0.788   1.00 24.11 ? 5    ASN A CG  1 
ATOM   195  O  OD1 . ASN A 1 36 ? -9.384  -0.361  1.758   1.00 24.43 ? 5    ASN A OD1 1 
ATOM   196  N  ND2 . ASN A 1 36 ? -10.722 -1.964  0.932   1.00 27.98 ? 5    ASN A ND2 1 
ATOM   197  N  N   . GLU A 1 37 ? -9.180  1.616   -3.111  1.00 19.12 ? 6    GLU A N   1 
ATOM   198  C  CA  . GLU A 1 37 ? -8.670  1.864   -4.463  1.00 19.77 ? 6    GLU A CA  1 
ATOM   199  C  C   . GLU A 1 37 ? -7.512  2.843   -4.435  1.00 19.32 ? 6    GLU A C   1 
ATOM   200  O  O   . GLU A 1 37 ? -6.528  2.685   -5.163  1.00 19.85 ? 6    GLU A O   1 
ATOM   201  C  CB  . GLU A 1 37 ? -9.783  2.344   -5.411  1.00 20.11 ? 6    GLU A CB  1 
ATOM   202  C  CG  . GLU A 1 37 ? -10.875 1.250   -5.550  1.00 26.63 ? 6    GLU A CG  1 
ATOM   203  C  CD  . GLU A 1 37 ? -11.972 1.581   -6.556  1.00 31.86 ? 6    GLU A CD  1 
ATOM   204  O  OE1 . GLU A 1 37 ? -12.177 2.785   -6.817  1.00 34.72 ? 6    GLU A OE1 1 
ATOM   205  O  OE2 . GLU A 1 37 ? -12.642 0.622   -7.041  1.00 34.33 ? 6    GLU A OE2 1 
ATOM   206  N  N   . GLN A 1 38 ? -7.654  3.898   -3.644  1.00 18.36 ? 7    GLN A N   1 
ATOM   207  C  CA  . GLN A 1 38 ? -6.602  4.898   -3.531  1.00 18.64 ? 7    GLN A CA  1 
ATOM   208  C  C   . GLN A 1 38 ? -5.324  4.346   -2.870  1.00 17.82 ? 7    GLN A C   1 
ATOM   209  O  O   . GLN A 1 38 ? -4.206  4.696   -3.260  1.00 17.63 ? 7    GLN A O   1 
ATOM   210  C  CB  . GLN A 1 38 ? -7.100  6.056   -2.699  1.00 19.67 ? 7    GLN A CB  1 
ATOM   211  C  CG  . GLN A 1 38 ? -6.125  7.162   -2.623  1.00 22.02 ? 7    GLN A CG  1 
ATOM   212  C  CD  . GLN A 1 38 ? -6.753  8.369   -2.010  1.00 26.28 ? 7    GLN A CD  1 
ATOM   213  O  OE1 . GLN A 1 38 ? -7.363  8.269   -0.941  1.00 29.49 ? 7    GLN A OE1 1 
ATOM   214  N  NE2 . GLN A 1 38 ? -6.618  9.520   -2.675  1.00 25.67 ? 7    GLN A NE2 1 
ATOM   215  N  N   . LEU A 1 39 ? -5.510  3.505   -1.863  1.00 16.94 ? 8    LEU A N   1 
ATOM   216  C  CA  . LEU A 1 39 ? -4.389  2.810   -1.215  1.00 16.77 ? 8    LEU A CA  1 
ATOM   217  C  C   . LEU A 1 39 ? -3.660  1.938   -2.208  1.00 16.00 ? 8    LEU A C   1 
ATOM   218  O  O   . LEU A 1 39 ? -2.425  1.899   -2.230  1.00 15.69 ? 8    LEU A O   1 
ATOM   219  C  CB  . LEU A 1 39 ? -4.861  1.984   -0.016  1.00 16.17 ? 8    LEU A CB  1 
ATOM   220  C  CG  . LEU A 1 39 ? -5.101  2.818   1.247   1.00 16.49 ? 8    LEU A CG  1 
ATOM   221  C  CD1 . LEU A 1 39 ? -5.898  1.998   2.303   1.00 19.04 ? 8    LEU A CD1 1 
ATOM   222  C  CD2 . LEU A 1 39 ? -3.792  3.333   1.834   1.00 18.02 ? 8    LEU A CD2 1 
ATOM   223  N  N   . VAL A 1 40 ? -4.426  1.230   -3.037  1.00 16.28 ? 9    VAL A N   1 
ATOM   224  C  CA  . VAL A 1 40 ? -3.835  0.384   -4.087  1.00 16.83 ? 9    VAL A CA  1 
ATOM   225  C  C   . VAL A 1 40 ? -3.051  1.220   -5.107  1.00 17.12 ? 9    VAL A C   1 
ATOM   226  O  O   . VAL A 1 40 ? -1.918  0.870   -5.465  1.00 16.75 ? 9    VAL A O   1 
ATOM   227  C  CB  . VAL A 1 40 ? -4.914  -0.466  -4.795  1.00 17.19 ? 9    VAL A CB  1 
ATOM   228  C  CG1 . VAL A 1 40 ? -4.355  -1.089  -6.047  1.00 17.12 ? 9    VAL A CG1 1 
ATOM   229  C  CG2 . VAL A 1 40 ? -5.458  -1.541  -3.841  1.00 16.81 ? 9    VAL A CG2 1 
ATOM   230  N  N   . ASP A 1 41 ? -3.640  2.328   -5.569  1.00 16.66 ? 10   ASP A N   1 
ATOM   231  C  CA  . ASP A 1 41 ? -2.912  3.271   -6.449  1.00 16.08 ? 10   ASP A CA  1 
ATOM   232  C  C   . ASP A 1 41 ? -1.600  3.767   -5.801  1.00 15.68 ? 10   ASP A C   1 
ATOM   233  O  O   . ASP A 1 41 ? -0.548  3.846   -6.451  1.00 15.77 ? 10   ASP A O   1 
ATOM   234  C  CB  . ASP A 1 41 ? -3.798  4.485   -6.759  1.00 16.47 ? 10   ASP A CB  1 
ATOM   235  C  CG  . ASP A 1 41 ? -4.923  4.173   -7.746  1.00 21.31 ? 10   ASP A CG  1 
ATOM   236  O  OD1 . ASP A 1 41 ? -4.881  3.125   -8.434  1.00 23.25 ? 10   ASP A OD1 1 
ATOM   237  O  OD2 . ASP A 1 41 ? -5.861  5.001   -7.838  1.00 23.62 ? 10   ASP A OD2 1 
ATOM   238  N  N   . ALA A 1 42 ? -1.664  4.154   -4.528  1.00 14.23 ? 11   ALA A N   1 
ATOM   239  C  CA  . ALA A 1 42 ? -0.460  4.589   -3.812  1.00 13.83 ? 11   ALA A CA  1 
ATOM   240  C  C   . ALA A 1 42 ? 0.595   3.469   -3.677  1.00 12.99 ? 11   ALA A C   1 
ATOM   241  O  O   . ALA A 1 42 ? 1.779   3.676   -3.887  1.00 12.69 ? 11   ALA A O   1 
ATOM   242  C  CB  . ALA A 1 42 ? -0.828  5.133   -2.411  1.00 14.04 ? 11   ALA A CB  1 
ATOM   243  N  N   . LEU A 1 43 ? 0.149   2.280   -3.304  1.00 13.18 ? 12   LEU A N   1 
ATOM   244  C  CA  . LEU A 1 43 ? 1.078   1.177   -3.121  1.00 14.12 ? 12   LEU A CA  1 
ATOM   245  C  C   . LEU A 1 43 ? 1.700   0.768   -4.458  1.00 15.24 ? 12   LEU A C   1 
ATOM   246  O  O   . LEU A 1 43 ? 2.883   0.458   -4.542  1.00 14.67 ? 12   LEU A O   1 
ATOM   247  C  CB  . LEU A 1 43 ? 0.333   0.016   -2.425  1.00 14.94 ? 12   LEU A CB  1 
ATOM   248  C  CG  . LEU A 1 43 ? 1.082   -1.290  -2.276  1.00 13.66 ? 12   LEU A CG  1 
ATOM   249  C  CD1 . LEU A 1 43 ? 2.321   -1.091  -1.374  1.00 15.02 ? 12   LEU A CD1 1 
ATOM   250  C  CD2 . LEU A 1 43 ? 0.081   -2.326  -1.725  1.00 15.23 ? 12   LEU A CD2 1 
ATOM   251  N  N   . ARG A 1 44 ? 0.889   0.795   -5.506  1.00 15.68 ? 13   ARG A N   1 
ATOM   252  C  CA  . ARG A 1 44 ? 1.359   0.528   -6.864  1.00 16.33 ? 13   ARG A CA  1 
ATOM   253  C  C   . ARG A 1 44 ? 2.470   1.503   -7.271  1.00 16.03 ? 13   ARG A C   1 
ATOM   254  O  O   . ARG A 1 44 ? 3.545   1.102   -7.758  1.00 16.29 ? 13   ARG A O   1 
ATOM   255  C  CB  . ARG A 1 44 ? 0.206   0.682   -7.843  1.00 17.30 ? 13   ARG A CB  1 
ATOM   256  C  CG  . ARG A 1 44 ? 0.531   0.000   -9.143  1.00 21.65 ? 13   ARG A CG  1 
ATOM   257  C  CD  . ARG A 1 44 ? -0.542  0.121   -10.212 1.00 25.95 ? 13   ARG A CD  1 
ATOM   258  N  NE  . ARG A 1 44 ? -1.846  -0.367  -9.794  1.00 27.49 ? 13   ARG A NE  1 
ATOM   259  C  CZ  . ARG A 1 44 ? -2.200  -1.647  -9.767  1.00 28.33 ? 13   ARG A CZ  1 
ATOM   260  N  NH1 . ARG A 1 44 ? -1.328  -2.603  -10.100 1.00 31.64 ? 13   ARG A NH1 1 
ATOM   261  N  NH2 . ARG A 1 44 ? -3.429  -1.976  -9.404  1.00 29.13 ? 13   ARG A NH2 1 
ATOM   262  N  N   . ALA A 1 45 ? 2.208   2.784   -7.060  1.00 15.33 ? 14   ALA A N   1 
ATOM   263  C  CA  . ALA A 1 45 ? 3.200   3.820   -7.338  1.00 15.83 ? 14   ALA A CA  1 
ATOM   264  C  C   . ALA A 1 45 ? 4.486   3.613   -6.515  1.00 16.20 ? 14   ALA A C   1 
ATOM   265  O  O   . ALA A 1 45 ? 5.597   3.688   -7.048  1.00 15.59 ? 14   ALA A O   1 
ATOM   266  C  CB  . ALA A 1 45 ? 2.594   5.190   -7.103  1.00 15.20 ? 14   ALA A CB  1 
ATOM   267  N  N   . SER A 1 46 ? 4.336   3.369   -5.216  1.00 15.86 ? 15   SER A N   1 
ATOM   268  C  CA  . SER A 1 46 ? 5.482   3.100   -4.360  1.00 16.24 ? 15   SER A CA  1 
ATOM   269  C  C   . SER A 1 46 ? 6.303   1.879   -4.769  1.00 15.94 ? 15   SER A C   1 
ATOM   270  O  O   . SER A 1 46 ? 7.545   1.912   -4.734  1.00 16.91 ? 15   SER A O   1 
ATOM   271  C  CB  . SER A 1 46 ? 5.030   2.976   -2.899  1.00 15.90 ? 15   SER A CB  1 
ATOM   272  O  OG  . SER A 1 46 ? 6.165   2.934   -2.055  1.00 20.14 ? 15   SER A OG  1 
ATOM   273  N  N   . LEU A 1 47 ? 5.640   0.787   -5.152  1.00 16.01 ? 16   LEU A N   1 
ATOM   274  C  CA  . LEU A 1 47 ? 6.355   -0.402  -5.630  1.00 16.29 ? 16   LEU A CA  1 
ATOM   275  C  C   . LEU A 1 47 ? 7.004   -0.193  -7.010  1.00 17.23 ? 16   LEU A C   1 
ATOM   276  O  O   . LEU A 1 47 ? 8.049   -0.777  -7.304  1.00 18.48 ? 16   LEU A O   1 
ATOM   277  C  CB  . LEU A 1 47 ? 5.401   -1.602  -5.673  1.00 16.63 ? 16   LEU A CB  1 
ATOM   278  C  CG  . LEU A 1 47 ? 5.056   -2.174  -4.291  1.00 14.73 ? 16   LEU A CG  1 
ATOM   279  C  CD1 . LEU A 1 47 ? 3.845   -3.089  -4.403  1.00 13.20 ? 16   LEU A CD1 1 
ATOM   280  C  CD2 . LEU A 1 47 ? 6.257   -2.925  -3.715  1.00 17.36 ? 16   LEU A CD2 1 
ATOM   281  N  N   . LYS A 1 48 ? 6.387   0.597   -7.874  1.00 16.69 ? 17   LYS A N   1 
ATOM   282  C  CA  . LYS A 1 48 ? 7.080   0.979   -9.118  1.00 17.28 ? 17   LYS A CA  1 
ATOM   283  C  C   . LYS A 1 48 ? 8.359   1.766   -8.859  1.00 16.94 ? 17   LYS A C   1 
ATOM   284  O  O   . LYS A 1 48 ? 9.367   1.558   -9.525  1.00 17.39 ? 17   LYS A O   1 
ATOM   285  C  CB  . LYS A 1 48 ? 6.174   1.801   -10.016 1.00 17.69 ? 17   LYS A CB  1 
ATOM   286  C  CG  . LYS A 1 48 ? 5.062   0.980   -10.604 1.00 21.99 ? 17   LYS A CG  1 
ATOM   287  C  CD  . LYS A 1 48 ? 4.548   1.643   -11.889 1.00 30.12 ? 17   LYS A CD  1 
ATOM   288  C  CE  . LYS A 1 48 ? 3.051   1.559   -11.958 1.00 33.32 ? 17   LYS A CE  1 
ATOM   289  N  NZ  . LYS A 1 48 ? 2.545   2.355   -13.125 1.00 36.95 ? 17   LYS A NZ  1 
ATOM   290  N  N   . GLU A 1 49 ? 8.304   2.693   -7.910  1.00 16.58 ? 18   GLU A N   1 
ATOM   291  C  CA  . GLU A 1 49 ? 9.486   3.454   -7.482  1.00 16.64 ? 18   GLU A CA  1 
ATOM   292  C  C   . GLU A 1 49 ? 10.539  2.525   -6.875  1.00 16.85 ? 18   GLU A C   1 
ATOM   293  O  O   . GLU A 1 49 ? 11.731  2.669   -7.136  1.00 17.56 ? 18   GLU A O   1 
ATOM   294  C  CB  . GLU A 1 49 ? 9.069   4.535   -6.485  1.00 16.79 ? 18   GLU A CB  1 
ATOM   295  C  CG  . GLU A 1 49 ? 10.216  5.154   -5.691  1.00 16.26 ? 18   GLU A CG  1 
ATOM   296  C  CD  . GLU A 1 49 ? 11.156  5.963   -6.553  1.00 20.79 ? 18   GLU A CD  1 
ATOM   297  O  OE1 . GLU A 1 49 ? 10.929  6.048   -7.767  1.00 21.94 ? 18   GLU A OE1 1 
ATOM   298  O  OE2 . GLU A 1 49 ? 12.130  6.533   -6.022  1.00 20.46 ? 18   GLU A OE2 1 
ATOM   299  N  N   . ASN A 1 50 ? 10.105  1.578   -6.050  1.00 16.22 ? 19   ASN A N   1 
ATOM   300  C  CA  . ASN A 1 50 ? 11.004  0.534   -5.563  1.00 16.96 ? 19   ASN A CA  1 
ATOM   301  C  C   . ASN A 1 50 ? 11.702  -0.204  -6.708  1.00 17.09 ? 19   ASN A C   1 
ATOM   302  O  O   . ASN A 1 50 ? 12.925  -0.378  -6.687  1.00 16.73 ? 19   ASN A O   1 
ATOM   303  C  CB  . ASN A 1 50 ? 10.239  -0.458  -4.659  1.00 16.86 ? 19   ASN A CB  1 
ATOM   304  C  CG  . ASN A 1 50 ? 11.164  -1.449  -3.968  1.00 19.46 ? 19   ASN A CG  1 
ATOM   305  O  OD1 . ASN A 1 50 ? 11.331  -2.575  -4.428  1.00 22.56 ? 19   ASN A OD1 1 
ATOM   306  N  ND2 . ASN A 1 50 ? 11.765  -1.030  -2.844  1.00 20.56 ? 19   ASN A ND2 1 
ATOM   307  N  N   . GLU A 1 51 ? 10.940  -0.635  -7.722  1.00 17.81 ? 20   GLU A N   1 
ATOM   308  C  CA  . GLU A 1 51 ? 11.520  -1.317  -8.896  1.00 19.72 ? 20   GLU A CA  1 
ATOM   309  C  C   . GLU A 1 51 ? 12.577  -0.427  -9.587  1.00 19.47 ? 20   GLU A C   1 
ATOM   310  O  O   . GLU A 1 51 ? 13.690  -0.874  -9.904  1.00 20.28 ? 20   GLU A O   1 
ATOM   311  C  CB  . GLU A 1 51 ? 10.426  -1.715  -9.911  1.00 20.02 ? 20   GLU A CB  1 
ATOM   312  C  CG  . GLU A 1 51 ? 10.935  -2.488  -11.134 1.00 24.58 ? 20   GLU A CG  1 
ATOM   313  C  CD  . GLU A 1 51 ? 9.790   -3.018  -12.025 1.00 29.78 ? 20   GLU A CD  1 
ATOM   314  O  OE1 . GLU A 1 51 ? 8.792   -2.298  -12.268 1.00 30.95 ? 20   GLU A OE1 1 
ATOM   315  O  OE2 . GLU A 1 51 ? 9.898   -4.171  -12.486 1.00 34.52 ? 20   GLU A OE2 1 
ATOM   316  N  N   . GLU A 1 52 ? 12.241  0.828   -9.808  1.00 19.50 ? 21   GLU A N   1 
ATOM   317  C  CA  . GLU A 1 52 ? 13.192  1.770   -10.423 1.00 20.16 ? 21   GLU A CA  1 
ATOM   318  C  C   . GLU A 1 52 ? 14.482  1.981   -9.605  1.00 19.99 ? 21   GLU A C   1 
ATOM   319  O  O   . GLU A 1 52 ? 15.600  2.015   -10.158 1.00 20.01 ? 21   GLU A O   1 
ATOM   320  C  CB  . GLU A 1 52 ? 12.507  3.103   -10.666 1.00 21.31 ? 21   GLU A CB  1 
ATOM   321  C  CG  . GLU A 1 52 ? 11.446  3.033   -11.764 1.00 26.80 ? 21   GLU A CG  1 
ATOM   322  C  CD  . GLU A 1 52 ? 12.035  2.517   -13.068 1.00 32.67 ? 21   GLU A CD  1 
ATOM   323  O  OE1 . GLU A 1 52 ? 13.139  2.993   -13.438 1.00 34.04 ? 21   GLU A OE1 1 
ATOM   324  O  OE2 . GLU A 1 52 ? 11.406  1.625   -13.698 1.00 35.61 ? 21   GLU A OE2 1 
ATOM   325  N  N   . LEU A 1 53 ? 14.326  2.137   -8.293  1.00 18.37 ? 22   LEU A N   1 
ATOM   326  C  CA  . LEU A 1 53 ? 15.464  2.272   -7.392  1.00 18.20 ? 22   LEU A CA  1 
ATOM   327  C  C   . LEU A 1 53 ? 16.377  1.040   -7.479  1.00 18.93 ? 22   LEU A C   1 
ATOM   328  O  O   . LEU A 1 53 ? 17.605  1.159   -7.558  1.00 18.56 ? 22   LEU A O   1 
ATOM   329  C  CB  . LEU A 1 53 ? 14.972  2.414   -5.946  1.00 18.45 ? 22   LEU A CB  1 
ATOM   330  C  CG  . LEU A 1 53 ? 14.347  3.755   -5.547  1.00 17.47 ? 22   LEU A CG  1 
ATOM   331  C  CD1 . LEU A 1 53 ? 13.760  3.698   -4.141  1.00 20.29 ? 22   LEU A CD1 1 
ATOM   332  C  CD2 . LEU A 1 53 ? 15.392  4.876   -5.674  1.00 19.81 ? 22   LEU A CD2 1 
ATOM   333  N  N   . ARG A 1 54 ? 15.771  -0.147  -7.439  1.00 19.17 ? 23   ARG A N   1 
ATOM   334  C  CA  . ARG A 1 54 ? 16.545  -1.389  -7.593  1.00 20.76 ? 23   ARG A CA  1 
ATOM   335  C  C   . ARG A 1 54 ? 17.258  -1.489  -8.963  1.00 21.25 ? 23   ARG A C   1 
ATOM   336  O  O   . ARG A 1 54 ? 18.414  -1.937  -9.035  1.00 20.55 ? 23   ARG A O   1 
ATOM   337  C  CB  . ARG A 1 54 ? 15.667  -2.619  -7.330  1.00 20.63 ? 23   ARG A CB  1 
ATOM   338  C  CG  . ARG A 1 54 ? 15.233  -2.767  -5.884  1.00 22.86 ? 23   ARG A CG  1 
ATOM   339  C  CD  . ARG A 1 54 ? 14.264  -3.947  -5.733  1.00 27.58 ? 23   ARG A CD  1 
ATOM   340  N  NE  . ARG A 1 54 ? 13.813  -4.094  -4.354  1.00 33.70 ? 23   ARG A NE  1 
ATOM   341  C  CZ  . ARG A 1 54 ? 14.602  -4.459  -3.340  1.00 38.05 ? 23   ARG A CZ  1 
ATOM   342  N  NH1 . ARG A 1 54 ? 15.888  -4.710  -3.536  1.00 39.60 ? 23   ARG A NH1 1 
ATOM   343  N  NH2 . ARG A 1 54 ? 14.106  -4.564  -2.116  1.00 40.91 ? 23   ARG A NH2 1 
ATOM   344  N  N   . LYS A 1 55 ? 16.583  -1.067  -10.037 1.00 21.46 ? 24   LYS A N   1 
ATOM   345  C  CA  . LYS A 1 55 ? 17.219  -1.023  -11.345 1.00 23.06 ? 24   LYS A CA  1 
ATOM   346  C  C   . LYS A 1 55 ? 18.411  -0.079  -11.368 1.00 22.98 ? 24   LYS A C   1 
ATOM   347  O  O   . LYS A 1 55 ? 19.458  -0.426  -11.919 1.00 22.60 ? 24   LYS A O   1 
ATOM   348  C  CB  . LYS A 1 55 ? 16.254  -0.604  -12.450 1.00 23.07 ? 24   LYS A CB  1 
ATOM   349  C  CG  . LYS A 1 55 ? 15.199  -1.630  -12.791 1.00 27.17 ? 24   LYS A CG  1 
ATOM   350  C  CD  . LYS A 1 55 ? 14.399  -1.155  -14.007 1.00 30.83 ? 24   LYS A CD  1 
ATOM   351  C  CE  . LYS A 1 55 ? 12.959  -1.626  -13.935 1.00 37.04 ? 24   LYS A CE  1 
ATOM   352  N  NZ  . LYS A 1 55 ? 12.200  -1.160  -15.137 1.00 41.07 ? 24   LYS A NZ  1 
ATOM   353  N  N   . GLU A 1 56 ? 18.252  1.109   -10.784 1.00 22.35 ? 25   GLU A N   1 
ATOM   354  C  CA  . GLU A 1 56 ? 19.343  2.081   -10.725 1.00 23.13 ? 25   GLU A CA  1 
ATOM   355  C  C   . GLU A 1 56 ? 20.515  1.506   -9.934  1.00 23.86 ? 25   GLU A C   1 
ATOM   356  O  O   . GLU A 1 56 ? 21.674  1.627   -10.357 1.00 24.13 ? 25   GLU A O   1 
ATOM   357  C  CB  . GLU A 1 56 ? 18.849  3.404   -10.134 1.00 23.00 ? 25   GLU A CB  1 
ATOM   358  C  CG  . GLU A 1 56 ? 17.853  4.070   -11.073 1.00 24.28 ? 25   GLU A CG  1 
ATOM   359  C  CD  . GLU A 1 56 ? 16.983  5.141   -10.403 1.00 27.59 ? 25   GLU A CD  1 
ATOM   360  O  OE1 . GLU A 1 56 ? 17.016  5.281   -9.172  1.00 27.16 ? 25   GLU A OE1 1 
ATOM   361  O  OE2 . GLU A 1 56 ? 16.244  5.834   -11.120 1.00 30.27 ? 25   GLU A OE2 1 
ATOM   362  N  N   . SER A 1 57 ? 20.207  0.851   -8.811  1.00 23.68 ? 26   SER A N   1 
ATOM   363  C  CA  . SER A 1 57 ? 21.215  0.225   -7.958  1.00 24.52 ? 26   SER A CA  1 
ATOM   364  C  C   . SER A 1 57 ? 22.014  -0.857  -8.703  1.00 25.82 ? 26   SER A C   1 
ATOM   365  O  O   . SER A 1 57 ? 23.246  -0.974  -8.551  1.00 24.62 ? 26   SER A O   1 
ATOM   366  C  CB  . SER A 1 57 ? 20.534  -0.417  -6.750  1.00 24.31 ? 26   SER A CB  1 
ATOM   367  O  OG  . SER A 1 57 ? 21.504  -1.017  -5.906  1.00 25.27 ? 26   SER A OG  1 
ATOM   368  N  N   . ARG A 1 58 ? 21.301  -1.679  -9.467  1.00 26.36 ? 27   ARG A N   1 
ATOM   369  C  CA  . ARG A 1 58 ? 21.949  -2.747  -10.228 1.00 28.64 ? 27   ARG A CA  1 
ATOM   370  C  C   . ARG A 1 58 ? 22.885  -2.175  -11.297 1.00 28.60 ? 27   ARG A C   1 
ATOM   371  O  O   . ARG A 1 58 ? 24.033  -2.626  -11.427 1.00 28.78 ? 27   ARG A O   1 
ATOM   372  C  CB  . ARG A 1 58 ? 20.910  -3.698  -10.843 1.00 29.07 ? 27   ARG A CB  1 
ATOM   373  C  CG  . ARG A 1 58 ? 20.282  -4.657  -9.837  1.00 33.48 ? 27   ARG A CG  1 
ATOM   374  C  CD  . ARG A 1 58 ? 19.591  -5.857  -10.536 1.00 41.40 ? 27   ARG A CD  1 
ATOM   375  N  NE  . ARG A 1 58 ? 19.176  -6.902  -9.581  1.00 47.77 ? 27   ARG A NE  1 
ATOM   376  C  CZ  . ARG A 1 58 ? 18.724  -8.119  -9.918  1.00 51.42 ? 27   ARG A CZ  1 
ATOM   377  N  NH1 . ARG A 1 58 ? 18.609  -8.475  -11.196 1.00 52.54 ? 27   ARG A NH1 1 
ATOM   378  N  NH2 . ARG A 1 58 ? 18.382  -8.992  -8.974  1.00 52.55 ? 27   ARG A NH2 1 
ATOM   379  N  N   . ARG A 1 59 ? 22.412  -1.174  -12.030 1.00 27.93 ? 28   ARG A N   1 
ATOM   380  C  CA  . ARG A 1 59 ? 23.231  -0.520  -13.044 1.00 28.83 ? 28   ARG A CA  1 
ATOM   381  C  C   . ARG A 1 59 ? 24.538  -0.017  -12.454 1.00 29.02 ? 28   ARG A C   1 
ATOM   382  O  O   . ARG A 1 59 ? 25.599  -0.217  -13.044 1.00 28.72 ? 28   ARG A O   1 
ATOM   383  C  CB  . ARG A 1 59 ? 22.495  0.646   -13.689 1.00 29.39 ? 28   ARG A CB  1 
ATOM   384  C  CG  . ARG A 1 59 ? 21.396  0.217   -14.613 1.00 32.27 ? 28   ARG A CG  1 
ATOM   385  C  CD  . ARG A 1 59 ? 21.014  1.345   -15.556 1.00 36.71 ? 28   ARG A CD  1 
ATOM   386  N  NE  . ARG A 1 59 ? 20.140  2.326   -14.926 1.00 40.30 ? 28   ARG A NE  1 
ATOM   387  C  CZ  . ARG A 1 59 ? 18.811  2.256   -14.941 1.00 42.90 ? 28   ARG A CZ  1 
ATOM   388  N  NH1 . ARG A 1 59 ? 18.196  1.240   -15.543 1.00 43.99 ? 28   ARG A NH1 1 
ATOM   389  N  NH2 . ARG A 1 59 ? 18.092  3.199   -14.352 1.00 42.83 ? 28   ARG A NH2 1 
ATOM   390  N  N   . ARG A 1 60 ? 24.457  0.631   -11.290 1.00 28.20 ? 29   ARG A N   1 
ATOM   391  C  CA  . ARG A 1 60 ? 25.648  1.144   -10.614 1.00 28.87 ? 29   ARG A CA  1 
ATOM   392  C  C   . ARG A 1 60 ? 26.552  0.062   -10.091 1.00 29.61 ? 29   ARG A C   1 
ATOM   393  O  O   . ARG A 1 60 ? 27.769  0.204   -10.170 1.00 29.95 ? 29   ARG A O   1 
ATOM   394  C  CB  . ARG A 1 60 ? 25.281  2.083   -9.479  1.00 28.07 ? 29   ARG A CB  1 
ATOM   395  C  CG  . ARG A 1 60 ? 24.788  3.405   -9.987  1.00 27.56 ? 29   ARG A CG  1 
ATOM   396  C  CD  . ARG A 1 60 ? 24.473  4.389   -8.875  1.00 25.24 ? 29   ARG A CD  1 
ATOM   397  N  NE  . ARG A 1 60 ? 24.227  5.683   -9.493  1.00 25.60 ? 29   ARG A NE  1 
ATOM   398  C  CZ  . ARG A 1 60 ? 23.039  6.100   -9.926  1.00 28.03 ? 29   ARG A CZ  1 
ATOM   399  N  NH1 . ARG A 1 60 ? 21.964  5.327   -9.782  1.00 26.51 ? 29   ARG A NH1 1 
ATOM   400  N  NH2 . ARG A 1 60 ? 22.927  7.294   -10.498 1.00 26.92 ? 29   ARG A NH2 1 
ATOM   401  N  N   . ALA A 1 61 ? 25.989  -1.008  -9.545  1.00 30.63 ? 30   ALA A N   1 
ATOM   402  C  CA  . ALA A 1 61 ? 26.828  -2.133  -9.152  1.00 32.61 ? 30   ALA A CA  1 
ATOM   403  C  C   . ALA A 1 61 ? 27.598  -2.646  -10.387 1.00 34.39 ? 30   ALA A C   1 
ATOM   404  O  O   . ALA A 1 61 ? 28.782  -2.979  -10.308 1.00 34.83 ? 30   ALA A O   1 
ATOM   405  C  CB  . ALA A 1 61 ? 25.998  -3.235  -8.534  1.00 31.96 ? 30   ALA A CB  1 
ATOM   406  N  N   . ASP A 1 62 ? 26.932  -2.681  -11.534 1.00 36.23 ? 31   ASP A N   1 
ATOM   407  C  CA  . ASP A 1 62 ? 27.577  -3.147  -12.753 1.00 38.23 ? 31   ASP A CA  1 
ATOM   408  C  C   . ASP A 1 62 ? 28.653  -2.157  -13.193 1.00 39.44 ? 31   ASP A C   1 
ATOM   409  O  O   . ASP A 1 62 ? 29.796  -2.551  -13.445 1.00 39.73 ? 31   ASP A O   1 
ATOM   410  C  CB  . ASP A 1 62 ? 26.549  -3.413  -13.865 1.00 38.79 ? 31   ASP A CB  1 
ATOM   411  C  CG  . ASP A 1 62 ? 25.608  -4.605  -13.546 1.00 39.69 ? 31   ASP A CG  1 
ATOM   412  O  OD1 . ASP A 1 62 ? 25.888  -5.396  -12.608 1.00 40.84 ? 31   ASP A OD1 1 
ATOM   413  O  OD2 . ASP A 1 62 ? 24.571  -4.751  -14.233 1.00 40.09 ? 31   ASP A OD2 1 
ATOM   414  N  N   . ARG A 1 63 ? 28.307  -0.874  -13.269 1.00 40.59 ? 32   ARG A N   1 
ATOM   415  C  CA  . ARG A 1 63 ? 29.309  0.163   -13.519 1.00 42.06 ? 32   ARG A CA  1 
ATOM   416  C  C   . ARG A 1 63 ? 30.532  0.008   -12.610 1.00 42.66 ? 32   ARG A C   1 
ATOM   417  O  O   . ARG A 1 63 ? 31.666  0.039   -13.081 1.00 42.79 ? 32   ARG A O   1 
ATOM   418  C  CB  . ARG A 1 63 ? 28.713  1.558   -13.331 1.00 42.29 ? 32   ARG A CB  1 
ATOM   419  C  CG  . ARG A 1 63 ? 28.492  2.357   -14.609 1.00 43.76 ? 32   ARG A CG  1 
ATOM   420  C  CD  . ARG A 1 63 ? 28.141  3.818   -14.277 1.00 46.23 ? 32   ARG A CD  1 
ATOM   421  N  NE  . ARG A 1 63 ? 26.701  3.990   -14.069 1.00 47.86 ? 32   ARG A NE  1 
ATOM   422  C  CZ  . ARG A 1 63 ? 26.134  4.941   -13.318 1.00 48.37 ? 32   ARG A CZ  1 
ATOM   423  N  NH1 . ARG A 1 63 ? 26.872  5.840   -12.661 1.00 45.08 ? 32   ARG A NH1 1 
ATOM   424  N  NH2 . ARG A 1 63 ? 24.805  4.976   -13.218 1.00 48.60 ? 32   ARG A NH2 1 
ATOM   425  N  N   . ARG A 1 64 ? 30.306  -0.172  -11.313 1.00 43.36 ? 33   ARG A N   1 
ATOM   426  C  CA  . ARG A 1 64 ? 31.406  -0.296  -10.360 1.00 44.80 ? 33   ARG A CA  1 
ATOM   427  C  C   . ARG A 1 64 ? 32.167  -1.622  -10.477 1.00 46.12 ? 33   ARG A C   1 
ATOM   428  O  O   . ARG A 1 64 ? 33.199  -1.808  -9.839  1.00 46.45 ? 33   ARG A O   1 
ATOM   429  C  CB  . ARG A 1 64 ? 30.910  -0.074  -8.933  1.00 44.26 ? 33   ARG A CB  1 
ATOM   430  C  CG  . ARG A 1 64 ? 30.252  1.282   -8.757  1.00 43.85 ? 33   ARG A CG  1 
ATOM   431  C  CD  . ARG A 1 64 ? 29.997  1.614   -7.296  1.00 44.70 ? 33   ARG A CD  1 
ATOM   432  N  NE  . ARG A 1 64 ? 28.698  1.142   -6.829  1.00 46.55 ? 33   ARG A NE  1 
ATOM   433  C  CZ  . ARG A 1 64 ? 27.698  1.932   -6.442  1.00 45.82 ? 33   ARG A CZ  1 
ATOM   434  N  NH1 . ARG A 1 64 ? 27.818  3.266   -6.440  1.00 44.52 ? 33   ARG A NH1 1 
ATOM   435  N  NH2 . ARG A 1 64 ? 26.570  1.371   -6.042  1.00 46.48 ? 33   ARG A NH2 1 
ATOM   436  N  N   . GLN A 1 65 ? 31.666  -2.527  -11.314 1.00 47.59 ? 34   GLN A N   1 
ATOM   437  C  CA  . GLN A 1 65 ? 32.305  -3.823  -11.545 1.00 48.95 ? 34   GLN A CA  1 
ATOM   438  C  C   . GLN A 1 65 ? 31.873  -4.859  -10.516 1.00 49.48 ? 34   GLN A C   1 
ATOM   439  O  O   . GLN A 1 65 ? 31.230  -5.858  -10.855 1.00 50.19 ? 34   GLN A O   1 
ATOM   440  C  CB  . GLN A 1 65 ? 33.832  -3.699  -11.548 1.00 49.57 ? 34   GLN A CB  1 
ATOM   441  C  CG  . GLN A 1 65 ? 34.409  -2.722  -12.573 1.00 51.69 ? 34   GLN A CG  1 
ATOM   442  C  CD  . GLN A 1 65 ? 33.916  -2.995  -13.963 1.00 54.53 ? 34   GLN A CD  1 
ATOM   443  O  OE1 . GLN A 1 65 ? 33.835  -4.149  -14.376 1.00 57.53 ? 34   GLN A OE1 1 
ATOM   444  N  NE2 . GLN A 1 65 ? 33.579  -1.941  -14.700 1.00 55.53 ? 34   GLN A NE2 1 
ATOM   445  N  N   . SER B 1 12 ? -22.734 -24.485 -4.519  1.00 39.39 ? 1543 SER B N   1 
ATOM   446  C  CA  . SER B 1 12 ? -22.995 -24.541 -3.053  1.00 38.75 ? 1543 SER B CA  1 
ATOM   447  C  C   . SER B 1 12 ? -21.761 -24.119 -2.254  1.00 38.49 ? 1543 SER B C   1 
ATOM   448  O  O   . SER B 1 12 ? -20.728 -23.743 -2.822  1.00 38.46 ? 1543 SER B O   1 
ATOM   449  C  CB  . SER B 1 12 ? -23.409 -25.950 -2.649  1.00 38.71 ? 1543 SER B CB  1 
ATOM   450  O  OG  . SER B 1 12 ? -22.286 -26.811 -2.645  1.00 39.50 ? 1543 SER B OG  1 
ATOM   451  N  N   . ILE B 1 13 ? -21.870 -24.199 -0.931  1.00 38.04 ? 1544 ILE B N   1 
ATOM   452  C  CA  . ILE B 1 13 ? -20.783 -23.818 -0.028  1.00 37.59 ? 1544 ILE B CA  1 
ATOM   453  C  C   . ILE B 1 13 ? -19.512 -24.551 -0.408  1.00 37.72 ? 1544 ILE B C   1 
ATOM   454  O  O   . ILE B 1 13 ? -18.429 -24.005 -0.308  1.00 37.86 ? 1544 ILE B O   1 
ATOM   455  C  CB  . ILE B 1 13 ? -21.159 -24.108 1.449   1.00 37.30 ? 1544 ILE B CB  1 
ATOM   456  C  CG1 . ILE B 1 13 ? -22.399 -23.289 1.836   1.00 38.27 ? 1544 ILE B CG1 1 
ATOM   457  C  CG2 . ILE B 1 13 ? -20.025 -23.759 2.388   1.00 36.48 ? 1544 ILE B CG2 1 
ATOM   458  C  CD1 . ILE B 1 13 ? -22.821 -23.406 3.270   1.00 36.57 ? 1544 ILE B CD1 1 
ATOM   459  N  N   . ASP B 1 14 ? -19.655 -25.788 -0.868  1.00 38.34 ? 1545 ASP B N   1 
ATOM   460  C  CA  . ASP B 1 14 ? -18.514 -26.574 -1.338  1.00 39.35 ? 1545 ASP B CA  1 
ATOM   461  C  C   . ASP B 1 14 ? -17.750 -25.961 -2.490  1.00 39.19 ? 1545 ASP B C   1 
ATOM   462  O  O   . ASP B 1 14 ? -16.575 -26.260 -2.679  1.00 39.90 ? 1545 ASP B O   1 
ATOM   463  C  CB  . ASP B 1 14 ? -18.969 -27.958 -1.754  1.00 40.05 ? 1545 ASP B CB  1 
ATOM   464  C  CG  . ASP B 1 14 ? -18.949 -28.920 -0.613  1.00 43.18 ? 1545 ASP B CG  1 
ATOM   465  O  OD1 . ASP B 1 14 ? -17.829 -29.271 -0.172  1.00 47.07 ? 1545 ASP B OD1 1 
ATOM   466  O  OD2 . ASP B 1 14 ? -20.042 -29.315 -0.138  1.00 46.81 ? 1545 ASP B OD2 1 
ATOM   467  N  N   . ASP B 1 15 ? -18.407 -25.124 -3.280  1.00 38.93 ? 1546 ASP B N   1 
ATOM   468  C  CA  . ASP B 1 15 ? -17.750 -24.566 -4.452  1.00 38.85 ? 1546 ASP B CA  1 
ATOM   469  C  C   . ASP B 1 15 ? -17.056 -23.243 -4.168  1.00 37.76 ? 1546 ASP B C   1 
ATOM   470  O  O   . ASP B 1 15 ? -16.387 -22.702 -5.050  1.00 38.18 ? 1546 ASP B O   1 
ATOM   471  C  CB  . ASP B 1 15 ? -18.758 -24.321 -5.580  1.00 39.87 ? 1546 ASP B CB  1 
ATOM   472  C  CG  . ASP B 1 15 ? -19.537 -25.563 -5.955  1.00 42.14 ? 1546 ASP B CG  1 
ATOM   473  O  OD1 . ASP B 1 15 ? -18.909 -26.646 -6.048  1.00 44.90 ? 1546 ASP B OD1 1 
ATOM   474  O  OD2 . ASP B 1 15 ? -20.778 -25.442 -6.165  1.00 43.58 ? 1546 ASP B OD2 1 
ATOM   475  N  N   . LEU B 1 16 ? -17.235 -22.687 -2.971  1.00 35.24 ? 1547 LEU B N   1 
ATOM   476  C  CA  . LEU B 1 16 ? -16.732 -21.338 -2.722  1.00 32.89 ? 1547 LEU B CA  1 
ATOM   477  C  C   . LEU B 1 16 ? -15.252 -21.344 -2.360  1.00 31.81 ? 1547 LEU B C   1 
ATOM   478  O  O   . LEU B 1 16 ? -14.785 -22.227 -1.647  1.00 31.34 ? 1547 LEU B O   1 
ATOM   479  C  CB  . LEU B 1 16 ? -17.535 -20.648 -1.622  1.00 32.21 ? 1547 LEU B CB  1 
ATOM   480  C  CG  . LEU B 1 16 ? -19.035 -20.494 -1.849  1.00 31.48 ? 1547 LEU B CG  1 
ATOM   481  C  CD1 . LEU B 1 16 ? -19.623 -19.626 -0.753  1.00 31.55 ? 1547 LEU B CD1 1 
ATOM   482  C  CD2 . LEU B 1 16 ? -19.332 -19.891 -3.222  1.00 31.82 ? 1547 LEU B CD2 1 
ATOM   483  N  N   . ASP B 1 17 ? -14.508 -20.355 -2.832  1.00 30.35 ? 1548 ASP B N   1 
ATOM   484  C  CA  . ASP B 1 17 ? -13.116 -20.290 -2.415  1.00 29.63 ? 1548 ASP B CA  1 
ATOM   485  C  C   . ASP B 1 17 ? -12.999 -19.658 -1.039  1.00 27.35 ? 1548 ASP B C   1 
ATOM   486  O  O   . ASP B 1 17 ? -13.990 -19.201 -0.472  1.00 26.24 ? 1548 ASP B O   1 
ATOM   487  C  CB  . ASP B 1 17 ? -12.206 -19.602 -3.448  1.00 30.68 ? 1548 ASP B CB  1 
ATOM   488  C  CG  . ASP B 1 17 ? -12.544 -18.141 -3.670  1.00 36.13 ? 1548 ASP B CG  1 
ATOM   489  O  OD1 . ASP B 1 17 ? -13.200 -17.510 -2.794  1.00 39.11 ? 1548 ASP B OD1 1 
ATOM   490  O  OD2 . ASP B 1 17 ? -12.126 -17.612 -4.735  1.00 41.05 ? 1548 ASP B OD2 1 
ATOM   491  N  N   . ALA B 1 18 ? -11.788 -19.659 -0.500  1.00 25.82 ? 1549 ALA B N   1 
ATOM   492  C  CA  . ALA B 1 18 ? -11.554 -19.179 0.860   1.00 24.46 ? 1549 ALA B CA  1 
ATOM   493  C  C   . ALA B 1 18 ? -12.057 -17.760 1.093   1.00 24.20 ? 1549 ALA B C   1 
ATOM   494  O  O   . ALA B 1 18 ? -12.643 -17.481 2.129   1.00 21.90 ? 1549 ALA B O   1 
ATOM   495  C  CB  . ALA B 1 18 ? -10.079 -19.270 1.220   1.00 24.35 ? 1549 ALA B CB  1 
ATOM   496  N  N   . GLU B 1 19 ? -11.782 -16.861 0.150   1.00 22.76 ? 1550 GLU B N   1 
ATOM   497  C  CA  . GLU B 1 19 ? -12.171 -15.476 0.325   1.00 23.59 ? 1550 GLU B CA  1 
ATOM   498  C  C   . GLU B 1 19 ? -13.696 -15.355 0.498   1.00 21.28 ? 1550 GLU B C   1 
ATOM   499  O  O   . GLU B 1 19 ? -14.189 -14.570 1.300   1.00 20.82 ? 1550 GLU B O   1 
ATOM   500  C  CB  . GLU B 1 19 ? -11.673 -14.632 -0.863  1.00 24.27 ? 1550 GLU B CB  1 
ATOM   501  C  CG  . GLU B 1 19 ? -11.840 -13.146 -0.681  1.00 29.93 ? 1550 GLU B CG  1 
ATOM   502  C  CD  . GLU B 1 19 ? -13.142 -12.636 -1.287  1.00 36.38 ? 1550 GLU B CD  1 
ATOM   503  O  OE1 . GLU B 1 19 ? -13.455 -11.434 -1.096  1.00 41.34 ? 1550 GLU B OE1 1 
ATOM   504  O  OE2 . GLU B 1 19 ? -13.842 -13.417 -1.973  1.00 35.39 ? 1550 GLU B OE2 1 
ATOM   505  N  N   . ALA B 1 20 ? -14.435 -16.163 -0.230  1.00 19.47 ? 1551 ALA B N   1 
ATOM   506  C  CA  . ALA B 1 20 ? -15.875 -16.091 -0.185  1.00 19.66 ? 1551 ALA B CA  1 
ATOM   507  C  C   . ALA B 1 20 ? -16.387 -16.701 1.113   1.00 19.22 ? 1551 ALA B C   1 
ATOM   508  O  O   . ALA B 1 20 ? -17.395 -16.261 1.647   1.00 19.06 ? 1551 ALA B O   1 
ATOM   509  C  CB  . ALA B 1 20 ? -16.482 -16.831 -1.369  1.00 19.68 ? 1551 ALA B CB  1 
ATOM   510  N  N   . LEU B 1 21 ? -15.704 -17.731 1.609   1.00 18.92 ? 1552 LEU B N   1 
ATOM   511  C  CA  . LEU B 1 21 ? -16.127 -18.320 2.885   1.00 17.72 ? 1552 LEU B CA  1 
ATOM   512  C  C   . LEU B 1 21 ? -15.940 -17.311 4.001   1.00 17.66 ? 1552 LEU B C   1 
ATOM   513  O  O   . LEU B 1 21 ? -16.770 -17.222 4.906   1.00 17.64 ? 1552 LEU B O   1 
ATOM   514  C  CB  . LEU B 1 21 ? -15.319 -19.583 3.213   1.00 17.89 ? 1552 LEU B CB  1 
ATOM   515  C  CG  . LEU B 1 21 ? -15.498 -20.775 2.286   1.00 17.77 ? 1552 LEU B CG  1 
ATOM   516  C  CD1 . LEU B 1 21 ? -14.550 -21.923 2.665   1.00 17.97 ? 1552 LEU B CD1 1 
ATOM   517  C  CD2 . LEU B 1 21 ? -16.958 -21.230 2.267   1.00 20.58 ? 1552 LEU B CD2 1 
ATOM   518  N  N   . ILE B 1 22 ? -14.819 -16.597 3.982   1.00 17.09 ? 1553 ILE B N   1 
ATOM   519  C  CA  . ILE B 1 22 ? -14.545 -15.642 5.044   1.00 17.24 ? 1553 ILE B CA  1 
ATOM   520  C  C   . ILE B 1 22 ? -15.599 -14.527 5.000   1.00 17.66 ? 1553 ILE B C   1 
ATOM   521  O  O   . ILE B 1 22 ? -16.138 -14.131 6.032   1.00 18.03 ? 1553 ILE B O   1 
ATOM   522  C  CB  . ILE B 1 22 ? -13.143 -15.049 4.902   1.00 16.96 ? 1553 ILE B CB  1 
ATOM   523  C  CG1 . ILE B 1 22 ? -12.071 -16.131 5.187   1.00 16.77 ? 1553 ILE B CG1 1 
ATOM   524  C  CG2 . ILE B 1 22 ? -12.999 -13.816 5.823   1.00 16.83 ? 1553 ILE B CG2 1 
ATOM   525  C  CD1 . ILE B 1 22 ? -10.642 -15.756 4.670   1.00 18.90 ? 1553 ILE B CD1 1 
ATOM   526  N  N   . ARG B 1 23 ? -15.907 -14.036 3.800   1.00 17.18 ? 1554 ARG B N   1 
ATOM   527  C  CA  . ARG B 1 23 ? -16.947 -13.008 3.644   1.00 17.23 ? 1554 ARG B CA  1 
ATOM   528  C  C   . ARG B 1 23 ? -18.309 -13.526 4.099   1.00 16.53 ? 1554 ARG B C   1 
ATOM   529  O  O   . ARG B 1 23 ? -19.064 -12.811 4.740   1.00 17.75 ? 1554 ARG B O   1 
ATOM   530  C  CB  . ARG B 1 23 ? -17.032 -12.544 2.174   1.00 18.16 ? 1554 ARG B CB  1 
ATOM   531  C  CG  . ARG B 1 23 ? -16.124 -11.366 1.850   1.00 21.60 ? 1554 ARG B CG  1 
ATOM   532  C  CD  . ARG B 1 23 ? -16.405 -10.818 0.426   1.00 23.43 ? 1554 ARG B CD  1 
ATOM   533  N  NE  . ARG B 1 23 ? -16.185 -11.862 -0.573  1.00 25.39 ? 1554 ARG B NE  1 
ATOM   534  C  CZ  . ARG B 1 23 ? -17.142 -12.336 -1.368  1.00 28.02 ? 1554 ARG B CZ  1 
ATOM   535  N  NH1 . ARG B 1 23 ? -18.366 -11.833 -1.281  1.00 29.30 ? 1554 ARG B NH1 1 
ATOM   536  N  NH2 . ARG B 1 23 ? -16.881 -13.304 -2.243  1.00 27.86 ? 1554 ARG B NH2 1 
ATOM   537  N  N   . MET B 1 24 ? -18.619 -14.771 3.799   1.00 16.05 ? 1555 MET B N   1 
ATOM   538  C  CA  . MET B 1 24 ? -19.859 -15.370 4.280   1.00 15.90 ? 1555 MET B CA  1 
ATOM   539  C  C   . MET B 1 24 ? -19.961 -15.358 5.807   1.00 16.54 ? 1555 MET B C   1 
ATOM   540  O  O   . MET B 1 24 ? -21.024 -15.101 6.372   1.00 16.71 ? 1555 MET B O   1 
ATOM   541  C  CB  . MET B 1 24 ? -20.023 -16.782 3.706   1.00 16.91 ? 1555 MET B CB  1 
ATOM   542  C  CG  . MET B 1 24 ? -21.296 -17.454 4.148   1.00 18.12 ? 1555 MET B CG  1 
ATOM   543  S  SD  . MET B 1 24 ? -21.474 -19.156 3.586   1.00 23.67 ? 1555 MET B SD  1 
ATOM   544  C  CE  . MET B 1 24 ? -21.962 -18.840 1.897   1.00 23.87 ? 1555 MET B CE  1 
ATOM   545  N  N   . ALA B 1 25 ? -18.851 -15.632 6.472   1.00 14.98 ? 1556 ALA B N   1 
ATOM   546  C  CA  . ALA B 1 25 ? -18.849 -15.700 7.926   1.00 15.88 ? 1556 ALA B CA  1 
ATOM   547  C  C   . ALA B 1 25 ? -18.754 -14.321 8.563   1.00 15.98 ? 1556 ALA B C   1 
ATOM   548  O  O   . ALA B 1 25 ? -19.336 -14.081 9.641   1.00 16.74 ? 1556 ALA B O   1 
ATOM   549  C  CB  . ALA B 1 25 ? -17.700 -16.567 8.399   1.00 15.91 ? 1556 ALA B CB  1 
ATOM   550  N  N   . LEU B 1 26 ? -18.007 -13.409 7.946   1.00 15.37 ? 1557 LEU B N   1 
ATOM   551  C  CA  . LEU B 1 26 ? -17.652 -12.154 8.657   1.00 16.04 ? 1557 LEU B CA  1 
ATOM   552  C  C   . LEU B 1 26 ? -18.320 -10.898 8.077   1.00 16.30 ? 1557 LEU B C   1 
ATOM   553  O  O   . LEU B 1 26 ? -18.386 -9.875  8.729   1.00 16.36 ? 1557 LEU B O   1 
ATOM   554  C  CB  . LEU B 1 26 ? -16.125 -11.952 8.663   1.00 16.02 ? 1557 LEU B CB  1 
ATOM   555  C  CG  . LEU B 1 26 ? -15.302 -12.985 9.436   1.00 16.30 ? 1557 LEU B CG  1 
ATOM   556  C  CD1 . LEU B 1 26 ? -13.835 -12.626 9.356   1.00 17.43 ? 1557 LEU B CD1 1 
ATOM   557  C  CD2 . LEU B 1 26 ? -15.752 -13.067 10.918  1.00 13.93 ? 1557 LEU B CD2 1 
ATOM   558  N  N   . GLY B 1 27 ? -18.759 -10.977 6.828   1.00 16.40 ? 1558 GLY B N   1 
ATOM   559  C  CA  . GLY B 1 27 ? -19.405 -9.847  6.160   1.00 18.00 ? 1558 GLY B CA  1 
ATOM   560  C  C   . GLY B 1 27 ? -18.416 -8.887  5.531   1.00 19.50 ? 1558 GLY B C   1 
ATOM   561  O  O   . GLY B 1 27 ? -17.211 -8.931  5.820   1.00 18.51 ? 1558 GLY B O   1 
ATOM   562  N  N   . PRO B 1 28 ? -18.918 -8.007  4.665   1.00 21.14 ? 1559 PRO B N   1 
ATOM   563  C  CA  . PRO B 1 28 ? -18.049 -7.150  3.844   1.00 22.30 ? 1559 PRO B CA  1 
ATOM   564  C  C   . PRO B 1 28 ? -17.421 -6.027  4.634   1.00 22.83 ? 1559 PRO B C   1 
ATOM   565  O  O   . PRO B 1 28 ? -16.303 -5.611  4.309   1.00 23.52 ? 1559 PRO B O   1 
ATOM   566  C  CB  . PRO B 1 28 ? -19.018 -6.584  2.797   1.00 22.59 ? 1559 PRO B CB  1 
ATOM   567  C  CG  . PRO B 1 28 ? -20.335 -6.556  3.532   1.00 23.09 ? 1559 PRO B CG  1 
ATOM   568  C  CD  . PRO B 1 28 ? -20.335 -7.848  4.299   1.00 22.17 ? 1559 PRO B CD  1 
ATOM   569  N  N   . ARG B 1 29 ? -18.096 -5.524  5.662   1.00 22.77 ? 1560 ARG B N   1 
ATOM   570  C  CA  . ARG B 1 29 ? -17.465 -4.446  6.426   1.00 23.78 ? 1560 ARG B CA  1 
ATOM   571  C  C   . ARG B 1 29 ? -16.176 -4.934  7.073   1.00 23.03 ? 1560 ARG B C   1 
ATOM   572  O  O   . ARG B 1 29 ? -15.147 -4.231  7.056   1.00 22.27 ? 1560 ARG B O   1 
ATOM   573  C  CB  . ARG B 1 29 ? -18.376 -3.847  7.487   1.00 24.68 ? 1560 ARG B CB  1 
ATOM   574  C  CG  . ARG B 1 29 ? -17.654 -2.757  8.279   1.00 27.61 ? 1560 ARG B CG  1 
ATOM   575  C  CD  . ARG B 1 29 ? -18.496 -2.133  9.378   1.00 33.81 ? 1560 ARG B CD  1 
ATOM   576  N  NE  . ARG B 1 29 ? -19.683 -1.456  8.846   1.00 37.91 ? 1560 ARG B NE  1 
ATOM   577  C  CZ  . ARG B 1 29 ? -19.796 -0.138  8.629   1.00 40.07 ? 1560 ARG B CZ  1 
ATOM   578  N  NH1 . ARG B 1 29 ? -18.790 0.698   8.885   1.00 40.82 ? 1560 ARG B NH1 1 
ATOM   579  N  NH2 . ARG B 1 29 ? -20.934 0.343   8.148   1.00 40.76 ? 1560 ARG B NH2 1 
ATOM   580  N  N   . ASN B 1 30 ? -16.233 -6.132  7.651   1.00 21.40 ? 1561 ASN B N   1 
ATOM   581  C  CA  . ASN B 1 30 ? -15.044 -6.703  8.290   1.00 21.51 ? 1561 ASN B CA  1 
ATOM   582  C  C   . ASN B 1 30 ? -13.954 -7.012  7.255   1.00 19.98 ? 1561 ASN B C   1 
ATOM   583  O  O   . ASN B 1 30 ? -12.787 -6.661  7.442   1.00 20.01 ? 1561 ASN B O   1 
ATOM   584  C  CB  . ASN B 1 30 ? -15.395 -7.963  9.123   1.00 21.49 ? 1561 ASN B CB  1 
ATOM   585  C  CG  . ASN B 1 30 ? -14.148 -8.759  9.539   1.00 24.02 ? 1561 ASN B CG  1 
ATOM   586  O  OD1 . ASN B 1 30 ? -13.371 -9.208  8.692   1.00 30.46 ? 1561 ASN B OD1 1 
ATOM   587  N  ND2 . ASN B 1 30 ? -13.961 -8.942  10.836  1.00 30.48 ? 1561 ASN B ND2 1 
ATOM   588  N  N   . THR B 1 31 ? -14.308 -7.641  6.143   1.00 20.12 ? 1562 THR B N   1 
ATOM   589  C  CA  . THR B 1 31 ? -13.252 -8.018  5.201   1.00 18.53 ? 1562 THR B CA  1 
ATOM   590  C  C   . THR B 1 31 ? -12.641 -6.779  4.497   1.00 19.18 ? 1562 THR B C   1 
ATOM   591  O  O   . THR B 1 31 ? -11.426 -6.719  4.261   1.00 19.44 ? 1562 THR B O   1 
ATOM   592  C  CB  . THR B 1 31 ? -13.741 -9.045  4.180   1.00 19.66 ? 1562 THR B CB  1 
ATOM   593  O  OG1 . THR B 1 31 ? -14.852 -8.487  3.486   1.00 19.10 ? 1562 THR B OG1 1 
ATOM   594  C  CG2 . THR B 1 31 ? -14.200 -10.357 4.902   1.00 18.20 ? 1562 THR B CG2 1 
ATOM   595  N  N   . MET B 1 32 ? -13.464 -5.784  4.187   1.00 18.64 ? 1    MET B N   1 
ATOM   596  C  CA  . MET B 1 32 ? -12.940 -4.551  3.581   1.00 19.46 ? 1    MET B CA  1 
ATOM   597  C  C   . MET B 1 32 ? -12.058 -3.774  4.528   1.00 19.50 ? 1    MET B C   1 
ATOM   598  O  O   . MET B 1 32 ? -11.055 -3.166  4.116   1.00 19.39 ? 1    MET B O   1 
ATOM   599  C  CB  . MET B 1 32 ? -14.086 -3.644  3.116   1.00 19.50 ? 1    MET B CB  1 
ATOM   600  C  CG  . MET B 1 32 ? -14.991 -4.300  2.118   1.00 22.91 ? 1    MET B CG  1 
ATOM   601  S  SD  . MET B 1 32 ? -16.211 -3.127  1.460   1.00 33.47 ? 1    MET B SD  1 
ATOM   602  C  CE  . MET B 1 32 ? -15.080 -2.023  0.656   1.00 29.44 ? 1    MET B CE  1 
ATOM   603  N  N   . THR B 1 33 ? -12.444 -3.767  5.798   1.00 19.53 ? 2    THR B N   1 
ATOM   604  C  CA  . THR B 1 33 ? -11.658 -3.115  6.837   1.00 19.45 ? 2    THR B CA  1 
ATOM   605  C  C   . THR B 1 33 ? -10.309 -3.812  7.021   1.00 18.96 ? 2    THR B C   1 
ATOM   606  O  O   . THR B 1 33 ? -9.267  -3.161  7.157   1.00 19.01 ? 2    THR B O   1 
ATOM   607  C  CB  . THR B 1 33 ? -12.415 -3.122  8.175   1.00 19.85 ? 2    THR B CB  1 
ATOM   608  O  OG1 . THR B 1 33 ? -13.570 -2.284  8.058   1.00 22.28 ? 2    THR B OG1 1 
ATOM   609  C  CG2 . THR B 1 33 ? -11.514 -2.602  9.300   1.00 21.18 ? 2    THR B CG2 1 
ATOM   610  N  N   . SER B 1 34 ? -10.313 -5.141  7.026   1.00 18.31 ? 3    SER B N   1 
ATOM   611  C  CA  A SER B 1 34 ? -9.059  -5.882  7.066   0.50 18.50 ? 3    SER B CA  1 
ATOM   612  C  CA  B SER B 1 34 ? -9.067  -5.908  7.053   0.50 18.87 ? 3    SER B CA  1 
ATOM   613  C  C   . SER B 1 34 ? -8.182  -5.601  5.842   1.00 18.95 ? 3    SER B C   1 
ATOM   614  O  O   . SER B 1 34 ? -6.964  -5.441  5.967   1.00 18.77 ? 3    SER B O   1 
ATOM   615  C  CB  A SER B 1 34 ? -9.339  -7.369  7.218   0.50 18.31 ? 3    SER B CB  1 
ATOM   616  C  CB  B SER B 1 34 ? -9.359  -7.405  7.105   0.50 18.70 ? 3    SER B CB  1 
ATOM   617  O  OG  A SER B 1 34 ? -9.963  -7.596  8.465   0.50 17.50 ? 3    SER B OG  1 
ATOM   618  O  OG  B SER B 1 34 ? -8.155  -8.143  6.994   0.50 20.32 ? 3    SER B OG  1 
ATOM   619  N  N   . SER B 1 35 ? -8.791  -5.532  4.662   1.00 18.91 ? 4    SER B N   1 
ATOM   620  C  CA  . SER B 1 35 ? -8.037  -5.207  3.446   1.00 19.87 ? 4    SER B CA  1 
ATOM   621  C  C   . SER B 1 35 ? -7.408  -3.828  3.552   1.00 20.18 ? 4    SER B C   1 
ATOM   622  O  O   . SER B 1 35 ? -6.254  -3.636  3.201   1.00 19.16 ? 4    SER B O   1 
ATOM   623  C  CB  . SER B 1 35 ? -8.953  -5.255  2.218   1.00 20.52 ? 4    SER B CB  1 
ATOM   624  O  OG  . SER B 1 35 ? -9.302  -6.591  1.913   1.00 24.26 ? 4    SER B OG  1 
ATOM   625  N  N   . ASN B 1 36 ? -8.183  -2.862  4.038   1.00 20.95 ? 5    ASN B N   1 
ATOM   626  C  CA  . ASN B 1 36 ? -7.703  -1.487  4.247   1.00 22.50 ? 5    ASN B CA  1 
ATOM   627  C  C   . ASN B 1 36 ? -6.476  -1.445  5.145   1.00 21.56 ? 5    ASN B C   1 
ATOM   628  O  O   . ASN B 1 36 ? -5.473  -0.807  4.817   1.00 21.31 ? 5    ASN B O   1 
ATOM   629  C  CB  . ASN B 1 36 ? -8.838  -0.634  4.850   1.00 22.94 ? 5    ASN B CB  1 
ATOM   630  C  CG  . ASN B 1 36 ? -8.417  0.806   5.160   1.00 27.42 ? 5    ASN B CG  1 
ATOM   631  O  OD1 . ASN B 1 36 ? -7.880  1.098   6.241   1.00 31.35 ? 5    ASN B OD1 1 
ATOM   632  N  ND2 . ASN B 1 36 ? -8.702  1.713   4.234   1.00 29.95 ? 5    ASN B ND2 1 
ATOM   633  N  N   . GLU B 1 37 ? -6.568  -2.111  6.285   1.00 20.70 ? 6    GLU B N   1 
ATOM   634  C  CA  . GLU B 1 37 ? -5.488  -2.138  7.252   1.00 21.10 ? 6    GLU B CA  1 
ATOM   635  C  C   . GLU B 1 37 ? -4.230  -2.769  6.664   1.00 20.07 ? 6    GLU B C   1 
ATOM   636  O  O   . GLU B 1 37 ? -3.122  -2.283  6.909   1.00 19.43 ? 6    GLU B O   1 
ATOM   637  C  CB  . GLU B 1 37 ? -5.929  -2.862  8.520   1.00 22.41 ? 6    GLU B CB  1 
ATOM   638  C  CG  . GLU B 1 37 ? -7.040  -2.086  9.169   1.00 27.84 ? 6    GLU B CG  1 
ATOM   639  C  CD  . GLU B 1 37 ? -7.649  -2.748  10.380  1.00 33.70 ? 6    GLU B CD  1 
ATOM   640  O  OE1 . GLU B 1 37 ? -7.468  -3.975  10.558  1.00 37.13 ? 6    GLU B OE1 1 
ATOM   641  O  OE2 . GLU B 1 37 ? -8.342  -2.015  11.129  1.00 35.98 ? 6    GLU B OE2 1 
ATOM   642  N  N   . GLN B 1 38 ? -4.398  -3.829  5.876   1.00 19.03 ? 7    GLN B N   1 
ATOM   643  C  CA  . GLN B 1 38 ? -3.252  -4.476  5.246   1.00 19.01 ? 7    GLN B CA  1 
ATOM   644  C  C   . GLN B 1 38 ? -2.621  -3.557  4.203   1.00 17.70 ? 7    GLN B C   1 
ATOM   645  O  O   . GLN B 1 38 ? -1.396  -3.489  4.057   1.00 17.52 ? 7    GLN B O   1 
ATOM   646  C  CB  . GLN B 1 38 ? -3.713  -5.757  4.565   1.00 19.65 ? 7    GLN B CB  1 
ATOM   647  C  CG  . GLN B 1 38 ? -2.606  -6.584  4.104   1.00 23.41 ? 7    GLN B CG  1 
ATOM   648  C  CD  . GLN B 1 38 ? -3.044  -8.010  3.878   1.00 30.01 ? 7    GLN B CD  1 
ATOM   649  O  OE1 . GLN B 1 38 ? -4.049  -8.258  3.189   1.00 35.53 ? 7    GLN B OE1 1 
ATOM   650  N  NE2 . GLN B 1 38 ? -2.293  -8.959  4.430   1.00 27.85 ? 7    GLN B NE2 1 
ATOM   651  N  N   . LEU B 1 39 ? -3.473  -2.872  3.458   1.00 15.97 ? 8    LEU B N   1 
ATOM   652  C  CA  . LEU B 1 39 ? -2.988  -1.926  2.460   1.00 16.19 ? 8    LEU B CA  1 
ATOM   653  C  C   . LEU B 1 39 ? -2.218  -0.778  3.100   1.00 16.37 ? 8    LEU B C   1 
ATOM   654  O  O   . LEU B 1 39 ? -1.177  -0.382  2.592   1.00 16.10 ? 8    LEU B O   1 
ATOM   655  C  CB  . LEU B 1 39 ? -4.164  -1.415  1.596   1.00 15.07 ? 8    LEU B CB  1 
ATOM   656  C  CG  . LEU B 1 39 ? -4.716  -2.391  0.553   1.00 15.54 ? 8    LEU B CG  1 
ATOM   657  C  CD1 . LEU B 1 39 ? -6.013  -1.835  -0.027  1.00 15.97 ? 8    LEU B CD1 1 
ATOM   658  C  CD2 . LEU B 1 39 ? -3.688  -2.586  -0.567  1.00 14.42 ? 8    LEU B CD2 1 
ATOM   659  N  N   . VAL B 1 40 ? -2.713  -0.240  4.217   1.00 16.55 ? 9    VAL B N   1 
ATOM   660  C  CA  . VAL B 1 40 ? -1.964  0.814   4.899   1.00 16.66 ? 9    VAL B CA  1 
ATOM   661  C  C   . VAL B 1 40 ? -0.621  0.259   5.335   1.00 16.74 ? 9    VAL B C   1 
ATOM   662  O  O   . VAL B 1 40 ? 0.407   0.873   5.091   1.00 16.44 ? 9    VAL B O   1 
ATOM   663  C  CB  . VAL B 1 40 ? -2.723  1.360   6.113   1.00 17.75 ? 9    VAL B CB  1 
ATOM   664  C  CG1 . VAL B 1 40 ? -1.836  2.306   6.904   1.00 17.79 ? 9    VAL B CG1 1 
ATOM   665  C  CG2 . VAL B 1 40 ? -3.973  2.078   5.623   1.00 18.93 ? 9    VAL B CG2 1 
ATOM   666  N  N   . ASP B 1 41 ? -0.624  -0.926  5.943   1.00 15.81 ? 10   ASP B N   1 
ATOM   667  C  CA  . ASP B 1 41 ? 0.635   -1.543  6.381   1.00 16.76 ? 10   ASP B CA  1 
ATOM   668  C  C   . ASP B 1 41 ? 1.616   -1.723  5.231   1.00 15.83 ? 10   ASP B C   1 
ATOM   669  O  O   . ASP B 1 41 ? 2.801   -1.446  5.374   1.00 16.81 ? 10   ASP B O   1 
ATOM   670  C  CB  . ASP B 1 41 ? 0.386   -2.897  7.057   1.00 17.09 ? 10   ASP B CB  1 
ATOM   671  C  CG  . ASP B 1 41 ? -0.182  -2.759  8.459   1.00 19.91 ? 10   ASP B CG  1 
ATOM   672  O  OD1 . ASP B 1 41 ? -0.243  -1.621  8.990   1.00 22.45 ? 10   ASP B OD1 1 
ATOM   673  O  OD2 . ASP B 1 41 ? -0.585  -3.805  9.018   1.00 22.43 ? 10   ASP B OD2 1 
ATOM   674  N  N   . ALA B 1 42 ? 1.121   -2.221  4.103   1.00 14.90 ? 11   ALA B N   1 
ATOM   675  C  CA  . ALA B 1 42 ? 1.952   -2.432  2.910   1.00 15.27 ? 11   ALA B CA  1 
ATOM   676  C  C   . ALA B 1 42 ? 2.511   -1.123  2.361   1.00 14.16 ? 11   ALA B C   1 
ATOM   677  O  O   . ALA B 1 42 ? 3.674   -1.058  1.978   1.00 14.92 ? 11   ALA B O   1 
ATOM   678  C  CB  . ALA B 1 42 ? 1.157   -3.139  1.824   1.00 14.23 ? 11   ALA B CB  1 
ATOM   679  N  N   . LEU B 1 43 ? 1.657   -0.114  2.263   1.00 13.59 ? 12   LEU B N   1 
ATOM   680  C  CA  . LEU B 1 43 ? 2.087   1.199   1.802   1.00 14.45 ? 12   LEU B CA  1 
ATOM   681  C  C   . LEU B 1 43 ? 3.216   1.718   2.685   1.00 14.82 ? 12   LEU B C   1 
ATOM   682  O  O   . LEU B 1 43 ? 4.250   2.188   2.196   1.00 14.62 ? 12   LEU B O   1 
ATOM   683  C  CB  . LEU B 1 43 ? 0.904   2.171   1.867   1.00 13.07 ? 12   LEU B CB  1 
ATOM   684  C  CG  . LEU B 1 43 ? 1.274   3.603   1.437   1.00 13.46 ? 12   LEU B CG  1 
ATOM   685  C  CD1 . LEU B 1 43 ? 1.967   3.567   0.037   1.00 13.02 ? 12   LEU B CD1 1 
ATOM   686  C  CD2 . LEU B 1 43 ? 0.015   4.452   1.352   1.00 12.93 ? 12   LEU B CD2 1 
ATOM   687  N  N   . ARG B 1 44 ? 2.991   1.698   3.994   1.00 14.77 ? 13   ARG B N   1 
ATOM   688  C  CA  A ARG B 1 44 ? 4.008   2.170   4.918   0.50 15.30 ? 13   ARG B CA  1 
ATOM   689  C  CA  B ARG B 1 44 ? 4.007   2.145   4.937   0.50 15.66 ? 13   ARG B CA  1 
ATOM   690  C  C   . ARG B 1 44 ? 5.337   1.422   4.723   1.00 15.23 ? 13   ARG B C   1 
ATOM   691  O  O   . ARG B 1 44 ? 6.394   2.046   4.582   1.00 15.22 ? 13   ARG B O   1 
ATOM   692  C  CB  A ARG B 1 44 ? 3.524   2.051   6.374   0.50 15.49 ? 13   ARG B CB  1 
ATOM   693  C  CB  B ARG B 1 44 ? 3.543   1.915   6.384   0.50 15.95 ? 13   ARG B CB  1 
ATOM   694  C  CG  A ARG B 1 44 ? 4.340   2.893   7.364   0.50 15.96 ? 13   ARG B CG  1 
ATOM   695  C  CG  B ARG B 1 44 ? 4.649   2.180   7.413   0.50 18.35 ? 13   ARG B CG  1 
ATOM   696  C  CD  A ARG B 1 44 ? 3.971   2.542   8.804   0.50 14.46 ? 13   ARG B CD  1 
ATOM   697  C  CD  B ARG B 1 44 ? 4.166   1.866   8.823   0.50 18.55 ? 13   ARG B CD  1 
ATOM   698  N  NE  A ARG B 1 44 ? 2.539   2.733   9.059   0.50 14.80 ? 13   ARG B NE  1 
ATOM   699  N  NE  B ARG B 1 44 ? 2.811   2.356   9.011   0.50 20.72 ? 13   ARG B NE  1 
ATOM   700  C  CZ  A ARG B 1 44 ? 1.964   3.922   9.197   0.50 13.68 ? 13   ARG B CZ  1 
ATOM   701  C  CZ  B ARG B 1 44 ? 1.748   1.593   9.229   0.50 22.40 ? 13   ARG B CZ  1 
ATOM   702  N  NH1 A ARG B 1 44 ? 2.687   5.022   9.099   0.50 14.59 ? 13   ARG B NH1 1 
ATOM   703  N  NH1 B ARG B 1 44 ? 1.864   0.268   9.335   0.50 22.14 ? 13   ARG B NH1 1 
ATOM   704  N  NH2 A ARG B 1 44 ? 0.668   4.014   9.426   0.50 16.09 ? 13   ARG B NH2 1 
ATOM   705  N  NH2 B ARG B 1 44 ? 0.566   2.171   9.373   0.50 23.07 ? 13   ARG B NH2 1 
ATOM   706  N  N   . ALA B 1 45 ? 5.282   0.095   4.712   1.00 15.36 ? 14   ALA B N   1 
ATOM   707  C  CA  . ALA B 1 45 ? 6.486   -0.737  4.516   1.00 15.25 ? 14   ALA B CA  1 
ATOM   708  C  C   . ALA B 1 45 ? 7.165   -0.419  3.186   1.00 15.62 ? 14   ALA B C   1 
ATOM   709  O  O   . ALA B 1 45 ? 8.390   -0.295  3.129   1.00 15.60 ? 14   ALA B O   1 
ATOM   710  C  CB  . ALA B 1 45 ? 6.110   -2.189  4.565   1.00 15.84 ? 14   ALA B CB  1 
ATOM   711  N  N   . SER B 1 46 ? 6.379   -0.245  2.119   1.00 15.46 ? 15   SER B N   1 
ATOM   712  C  CA  . SER B 1 46 ? 6.964   0.032   0.798   1.00 15.65 ? 15   SER B CA  1 
ATOM   713  C  C   . SER B 1 46 ? 7.699   1.389   0.799   1.00 16.34 ? 15   SER B C   1 
ATOM   714  O  O   . SER B 1 46 ? 8.826   1.519   0.287   1.00 14.89 ? 15   SER B O   1 
ATOM   715  C  CB  . SER B 1 46 ? 5.865   0.025   -0.272  1.00 16.10 ? 15   SER B CB  1 
ATOM   716  O  OG  . SER B 1 46 ? 6.385   0.345   -1.545  1.00 17.07 ? 15   SER B OG  1 
ATOM   717  N  N   . LEU B 1 47 ? 7.073   2.400   1.397   1.00 15.99 ? 16   LEU B N   1 
ATOM   718  C  CA  . LEU B 1 47 ? 7.699   3.716   1.452   1.00 16.67 ? 16   LEU B CA  1 
ATOM   719  C  C   . LEU B 1 47 ? 8.964   3.692   2.305   1.00 17.16 ? 16   LEU B C   1 
ATOM   720  O  O   . LEU B 1 47 ? 9.960   4.334   1.972   1.00 17.43 ? 16   LEU B O   1 
ATOM   721  C  CB  . LEU B 1 47 ? 6.703   4.755   1.965   1.00 17.02 ? 16   LEU B CB  1 
ATOM   722  C  CG  . LEU B 1 47 ? 5.521   5.052   1.049   1.00 16.62 ? 16   LEU B CG  1 
ATOM   723  C  CD1 . LEU B 1 47 ? 4.430   5.836   1.828   1.00 15.75 ? 16   LEU B CD1 1 
ATOM   724  C  CD2 . LEU B 1 47 ? 5.985   5.811   -0.183  1.00 17.04 ? 16   LEU B CD2 1 
ATOM   725  N  N   . LYS B 1 48 ? 8.925   2.967   3.415   1.00 17.50 ? 17   LYS B N   1 
ATOM   726  C  CA  . LYS B 1 48 ? 10.114  2.855   4.260   1.00 18.42 ? 17   LYS B CA  1 
ATOM   727  C  C   . LYS B 1 48 ? 11.233  2.143   3.530   1.00 17.37 ? 17   LYS B C   1 
ATOM   728  O  O   . LYS B 1 48 ? 12.364  2.548   3.616   1.00 16.74 ? 17   LYS B O   1 
ATOM   729  C  CB  . LYS B 1 48 ? 9.840   2.078   5.539   1.00 18.24 ? 17   LYS B CB  1 
ATOM   730  C  CG  . LYS B 1 48 ? 9.047   2.829   6.578   1.00 25.37 ? 17   LYS B CG  1 
ATOM   731  C  CD  . LYS B 1 48 ? 9.058   2.012   7.870   1.00 30.91 ? 17   LYS B CD  1 
ATOM   732  C  CE  . LYS B 1 48 ? 7.658   1.904   8.414   1.00 35.47 ? 17   LYS B CE  1 
ATOM   733  N  NZ  . LYS B 1 48 ? 7.617   0.962   9.613   1.00 40.22 ? 17   LYS B NZ  1 
ATOM   734  N  N   . GLU B 1 49 ? 10.920  1.063   2.834   1.00 17.27 ? 18   GLU B N   1 
ATOM   735  C  CA  A GLU B 1 49 ? 11.907  0.320   2.051   0.50 18.27 ? 18   GLU B CA  1 
ATOM   736  C  CA  B GLU B 1 49 ? 11.953  0.346   2.104   0.50 18.06 ? 18   GLU B CA  1 
ATOM   737  C  C   . GLU B 1 49 ? 12.582  1.221   1.013   1.00 18.03 ? 18   GLU B C   1 
ATOM   738  O  O   . GLU B 1 49 ? 13.812  1.195   0.817   1.00 18.31 ? 18   GLU B O   1 
ATOM   739  C  CB  A GLU B 1 49 ? 11.217  -0.842  1.336   0.50 18.84 ? 18   GLU B CB  1 
ATOM   740  C  CB  B GLU B 1 49 ? 11.402  -0.938  1.505   0.50 18.66 ? 18   GLU B CB  1 
ATOM   741  C  CG  A GLU B 1 49 ? 12.129  -1.594  0.377   0.50 21.10 ? 18   GLU B CG  1 
ATOM   742  C  CG  B GLU B 1 49 ? 12.461  -1.699  0.740   0.50 19.61 ? 18   GLU B CG  1 
ATOM   743  C  CD  A GLU B 1 49 ? 13.326  -2.211  1.072   0.50 24.38 ? 18   GLU B CD  1 
ATOM   744  C  CD  B GLU B 1 49 ? 11.971  -3.023  0.238   0.50 22.22 ? 18   GLU B CD  1 
ATOM   745  O  OE1 A GLU B 1 49 ? 13.197  -2.601  2.246   0.50 27.52 ? 18   GLU B OE1 1 
ATOM   746  O  OE1 B GLU B 1 49 ? 11.259  -3.720  0.989   0.50 23.64 ? 18   GLU B OE1 1 
ATOM   747  O  OE2 A GLU B 1 49 ? 14.400  -2.319  0.447   0.50 27.47 ? 18   GLU B OE2 1 
ATOM   748  O  OE2 B GLU B 1 49 ? 12.310  -3.365  -0.913  0.50 23.82 ? 18   GLU B OE2 1 
ATOM   749  N  N   . ASN B 1 50 ? 11.769  1.997   0.305   1.00 17.60 ? 19   ASN B N   1 
ATOM   750  C  CA  . ASN B 1 50 ? 12.312  2.956   -0.649  1.00 17.15 ? 19   ASN B CA  1 
ATOM   751  C  C   . ASN B 1 50 ? 13.322  3.919   0.029   1.00 17.56 ? 19   ASN B C   1 
ATOM   752  O  O   . ASN B 1 50 ? 14.426  4.134   -0.476  1.00 17.14 ? 19   ASN B O   1 
ATOM   753  C  CB  . ASN B 1 50 ? 11.196  3.735   -1.353  1.00 17.15 ? 19   ASN B CB  1 
ATOM   754  C  CG  . ASN B 1 50 ? 10.367  2.844   -2.296  1.00 16.73 ? 19   ASN B CG  1 
ATOM   755  O  OD1 . ASN B 1 50 ? 10.676  1.676   -2.480  1.00 18.07 ? 19   ASN B OD1 1 
ATOM   756  N  ND2 . ASN B 1 50 ? 9.298   3.401   -2.866  1.00 18.27 ? 19   ASN B ND2 1 
ATOM   757  N  N   . GLU B 1 51 ? 12.950  4.477   1.172   1.00 18.34 ? 20   GLU B N   1 
ATOM   758  C  CA  . GLU B 1 51 ? 13.876  5.334   1.951   1.00 20.69 ? 20   GLU B CA  1 
ATOM   759  C  C   . GLU B 1 51 ? 15.187  4.622   2.266   1.00 20.12 ? 20   GLU B C   1 
ATOM   760  O  O   . GLU B 1 51 ? 16.272  5.208   2.144   1.00 19.94 ? 20   GLU B O   1 
ATOM   761  C  CB  . GLU B 1 51 ? 13.221  5.740   3.281   1.00 21.90 ? 20   GLU B CB  1 
ATOM   762  C  CG  . GLU B 1 51 ? 13.746  7.002   3.917   1.00 28.76 ? 20   GLU B CG  1 
ATOM   763  C  CD  . GLU B 1 51 ? 13.013  7.310   5.246   1.00 37.65 ? 20   GLU B CD  1 
ATOM   764  O  OE1 . GLU B 1 51 ? 12.812  6.369   6.064   1.00 40.24 ? 20   GLU B OE1 1 
ATOM   765  O  OE2 . GLU B 1 51 ? 12.617  8.485   5.457   1.00 42.11 ? 20   GLU B OE2 1 
ATOM   766  N  N   . GLU B 1 52 ? 15.096  3.365   2.700   1.00 20.13 ? 21   GLU B N   1 
ATOM   767  C  CA  . GLU B 1 52 ? 16.305  2.585   3.017   1.00 20.61 ? 21   GLU B CA  1 
ATOM   768  C  C   . GLU B 1 52 ? 17.172  2.357   1.778   1.00 19.67 ? 21   GLU B C   1 
ATOM   769  O  O   . GLU B 1 52 ? 18.408  2.416   1.856   1.00 18.97 ? 21   GLU B O   1 
ATOM   770  C  CB  . GLU B 1 52 ? 15.945  1.252   3.663   1.00 21.41 ? 21   GLU B CB  1 
ATOM   771  C  CG  . GLU B 1 52 ? 15.303  1.438   5.016   1.00 26.95 ? 21   GLU B CG  1 
ATOM   772  C  CD  . GLU B 1 52 ? 16.233  2.203   5.950   1.00 34.42 ? 21   GLU B CD  1 
ATOM   773  O  OE1 . GLU B 1 52 ? 17.437  1.822   5.985   1.00 36.08 ? 21   GLU B OE1 1 
ATOM   774  O  OE2 . GLU B 1 52 ? 15.777  3.189   6.603   1.00 35.82 ? 21   GLU B OE2 1 
ATOM   775  N  N   . LEU B 1 53 ? 16.539  2.114   0.629   1.00 18.11 ? 22   LEU B N   1 
ATOM   776  C  CA  . LEU B 1 53 ? 17.299  1.957   -0.610  1.00 17.73 ? 22   LEU B CA  1 
ATOM   777  C  C   . LEU B 1 53 ? 18.013  3.253   -0.975  1.00 17.45 ? 22   LEU B C   1 
ATOM   778  O  O   . LEU B 1 53 ? 19.166  3.246   -1.441  1.00 16.36 ? 22   LEU B O   1 
ATOM   779  C  CB  . LEU B 1 53 ? 16.378  1.535   -1.756  1.00 17.29 ? 22   LEU B CB  1 
ATOM   780  C  CG  . LEU B 1 53 ? 15.892  0.080   -1.710  1.00 18.37 ? 22   LEU B CG  1 
ATOM   781  C  CD1 . LEU B 1 53 ? 14.965  -0.154  -2.876  1.00 19.15 ? 22   LEU B CD1 1 
ATOM   782  C  CD2 . LEU B 1 53 ? 17.090  -0.929  -1.724  1.00 18.37 ? 22   LEU B CD2 1 
ATOM   783  N  N   . ARG B 1 54 ? 17.344  4.379   -0.772  1.00 16.72 ? 23   ARG B N   1 
ATOM   784  C  CA  . ARG B 1 54 ? 17.998  5.661   -1.087  1.00 17.68 ? 23   ARG B CA  1 
ATOM   785  C  C   . ARG B 1 54 ? 19.197  5.888   -0.159  1.00 18.72 ? 23   ARG B C   1 
ATOM   786  O  O   . ARG B 1 54 ? 20.259  6.350   -0.605  1.00 18.89 ? 23   ARG B O   1 
ATOM   787  C  CB  . ARG B 1 54 ? 17.002  6.834   -0.989  1.00 17.83 ? 23   ARG B CB  1 
ATOM   788  C  CG  . ARG B 1 54 ? 15.897  6.785   -2.033  1.00 17.01 ? 23   ARG B CG  1 
ATOM   789  C  CD  . ARG B 1 54 ? 15.011  8.044   -2.040  1.00 17.30 ? 23   ARG B CD  1 
ATOM   790  N  NE  . ARG B 1 54 ? 13.855  7.755   -2.890  1.00 18.39 ? 23   ARG B NE  1 
ATOM   791  C  CZ  . ARG B 1 54 ? 12.694  7.297   -2.419  1.00 21.19 ? 23   ARG B CZ  1 
ATOM   792  N  NH1 . ARG B 1 54 ? 12.519  7.168   -1.091  1.00 19.10 ? 23   ARG B NH1 1 
ATOM   793  N  NH2 . ARG B 1 54 ? 11.709  6.975   -3.264  1.00 18.29 ? 23   ARG B NH2 1 
ATOM   794  N  N   . LYS B 1 55 ? 19.036  5.592   1.132   1.00 19.03 ? 24   LYS B N   1 
ATOM   795  C  CA  . LYS B 1 55 ? 20.180  5.654   2.030   1.00 20.18 ? 24   LYS B CA  1 
ATOM   796  C  C   . LYS B 1 55 ? 21.302  4.733   1.572   1.00 20.37 ? 24   LYS B C   1 
ATOM   797  O  O   . LYS B 1 55 ? 22.473  5.106   1.631   1.00 20.39 ? 24   LYS B O   1 
ATOM   798  C  CB  . LYS B 1 55 ? 19.807  5.278   3.463   1.00 21.50 ? 24   LYS B CB  1 
ATOM   799  C  CG  . LYS B 1 55 ? 18.909  6.288   4.179   1.00 24.53 ? 24   LYS B CG  1 
ATOM   800  C  CD  . LYS B 1 55 ? 18.291  5.638   5.421   1.00 30.19 ? 24   LYS B CD  1 
ATOM   801  C  CE  . LYS B 1 55 ? 17.565  6.665   6.280   1.00 34.52 ? 24   LYS B CE  1 
ATOM   802  N  NZ  . LYS B 1 55 ? 16.802  5.993   7.362   1.00 34.75 ? 24   LYS B NZ  1 
ATOM   803  N  N   . GLU B 1 56 ? 20.963  3.530   1.125   1.00 19.60 ? 25   GLU B N   1 
ATOM   804  C  CA  . GLU B 1 56 ? 21.989  2.583   0.717   1.00 21.23 ? 25   GLU B CA  1 
ATOM   805  C  C   . GLU B 1 56 ? 22.740  3.123   -0.481  1.00 21.00 ? 25   GLU B C   1 
ATOM   806  O  O   . GLU B 1 56 ? 23.964  2.976   -0.558  1.00 21.08 ? 25   GLU B O   1 
ATOM   807  C  CB  . GLU B 1 56 ? 21.400  1.213   0.381   1.00 21.52 ? 25   GLU B CB  1 
ATOM   808  C  CG  . GLU B 1 56 ? 22.444  0.149   0.026   1.00 26.18 ? 25   GLU B CG  1 
ATOM   809  C  CD  . GLU B 1 56 ? 23.475  -0.152  1.153   1.00 32.61 ? 25   GLU B CD  1 
ATOM   810  O  OE1 . GLU B 1 56 ? 23.285  0.255   2.323   1.00 34.02 ? 25   GLU B OE1 1 
ATOM   811  O  OE2 . GLU B 1 56 ? 24.497  -0.817  0.843   1.00 36.39 ? 25   GLU B OE2 1 
ATOM   812  N  N   . SER B 1 57 ? 22.022  3.742   -1.424  1.00 21.00 ? 26   SER B N   1 
ATOM   813  C  CA  . SER B 1 57 ? 22.705  4.278   -2.593  1.00 21.48 ? 26   SER B CA  1 
ATOM   814  C  C   . SER B 1 57 ? 23.691  5.402   -2.206  1.00 20.80 ? 26   SER B C   1 
ATOM   815  O  O   . SER B 1 57 ? 24.765  5.490   -2.783  1.00 20.85 ? 26   SER B O   1 
ATOM   816  C  CB  . SER B 1 57 ? 21.728  4.671   -3.710  1.00 21.46 ? 26   SER B CB  1 
ATOM   817  O  OG  . SER B 1 57 ? 21.273  5.995   -3.562  1.00 26.24 ? 26   SER B OG  1 
ATOM   818  N  N   . ARG B 1 58 ? 23.334  6.246   -1.232  1.00 19.80 ? 27   ARG B N   1 
ATOM   819  C  CA  . ARG B 1 58 ? 24.264  7.259   -0.731  1.00 21.24 ? 27   ARG B CA  1 
ATOM   820  C  C   . ARG B 1 58 ? 25.513  6.604   -0.138  1.00 20.95 ? 27   ARG B C   1 
ATOM   821  O  O   . ARG B 1 58 ? 26.623  7.036   -0.396  1.00 21.54 ? 27   ARG B O   1 
ATOM   822  C  CB  . ARG B 1 58 ? 23.604  8.140   0.320   1.00 21.24 ? 27   ARG B CB  1 
ATOM   823  C  CG  . ARG B 1 58 ? 22.700  9.234   -0.258  1.00 28.26 ? 27   ARG B CG  1 
ATOM   824  C  CD  . ARG B 1 58 ? 22.487  10.336  0.797   1.00 35.25 ? 27   ARG B CD  1 
ATOM   825  N  NE  . ARG B 1 58 ? 21.262  11.114  0.644   1.00 41.24 ? 27   ARG B NE  1 
ATOM   826  C  CZ  . ARG B 1 58 ? 20.781  11.883  1.620   1.00 47.49 ? 27   ARG B CZ  1 
ATOM   827  N  NH1 . ARG B 1 58 ? 21.421  11.940  2.783   1.00 49.88 ? 27   ARG B NH1 1 
ATOM   828  N  NH2 . ARG B 1 58 ? 19.656  12.568  1.464   1.00 49.64 ? 27   ARG B NH2 1 
ATOM   829  N  N   . ARG B 1 59 ? 25.335  5.543   0.632   1.00 20.57 ? 28   ARG B N   1 
ATOM   830  C  CA  . ARG B 1 59 ? 26.481  4.882   1.230   1.00 21.45 ? 28   ARG B CA  1 
ATOM   831  C  C   . ARG B 1 59 ? 27.384  4.249   0.181   1.00 21.31 ? 28   ARG B C   1 
ATOM   832  O  O   . ARG B 1 59 ? 28.611  4.302   0.307   1.00 20.26 ? 28   ARG B O   1 
ATOM   833  C  CB  . ARG B 1 59 ? 26.025  3.828   2.247   1.00 22.45 ? 28   ARG B CB  1 
ATOM   834  C  CG  . ARG B 1 59 ? 25.323  4.457   3.430   1.00 25.99 ? 28   ARG B CG  1 
ATOM   835  C  CD  . ARG B 1 59 ? 25.109  3.451   4.570   1.00 32.69 ? 28   ARG B CD  1 
ATOM   836  N  NE  . ARG B 1 59 ? 24.154  2.417   4.182   1.00 36.70 ? 28   ARG B NE  1 
ATOM   837  C  CZ  . ARG B 1 59 ? 22.895  2.335   4.620   1.00 36.91 ? 28   ARG B CZ  1 
ATOM   838  N  NH1 . ARG B 1 59 ? 22.415  3.208   5.498   1.00 37.82 ? 28   ARG B NH1 1 
ATOM   839  N  NH2 . ARG B 1 59 ? 22.123  1.356   4.184   1.00 36.99 ? 28   ARG B NH2 1 
ATOM   840  N  N   . ARG B 1 60 ? 26.793  3.654   -0.854  1.00 20.11 ? 29   ARG B N   1 
ATOM   841  C  CA  . ARG B 1 60 ? 27.583  2.992   -1.874  1.00 20.30 ? 29   ARG B CA  1 
ATOM   842  C  C   . ARG B 1 60 ? 28.263  3.981   -2.817  1.00 19.87 ? 29   ARG B C   1 
ATOM   843  O  O   . ARG B 1 60 ? 29.240  3.633   -3.468  1.00 20.24 ? 29   ARG B O   1 
ATOM   844  C  CB  . ARG B 1 60 ? 26.705  2.053   -2.677  1.00 20.78 ? 29   ARG B CB  1 
ATOM   845  C  CG  . ARG B 1 60 ? 26.118  0.924   -1.837  1.00 22.15 ? 29   ARG B CG  1 
ATOM   846  C  CD  . ARG B 1 60 ? 25.595  -0.159  -2.737  1.00 27.86 ? 29   ARG B CD  1 
ATOM   847  N  NE  . ARG B 1 60 ? 25.122  -1.287  -1.945  1.00 32.21 ? 29   ARG B NE  1 
ATOM   848  C  CZ  . ARG B 1 60 ? 24.508  -2.346  -2.464  1.00 36.40 ? 29   ARG B CZ  1 
ATOM   849  N  NH1 . ARG B 1 60 ? 24.292  -2.423  -3.780  1.00 35.93 ? 29   ARG B NH1 1 
ATOM   850  N  NH2 . ARG B 1 60 ? 24.109  -3.323  -1.671  1.00 37.06 ? 29   ARG B NH2 1 
ATOM   851  N  N   . ALA B 1 61 ? 27.749  5.202   -2.883  1.00 19.54 ? 30   ALA B N   1 
ATOM   852  C  CA  . ALA B 1 61 ? 28.382  6.281   -3.661  1.00 20.30 ? 30   ALA B CA  1 
ATOM   853  C  C   . ALA B 1 61 ? 29.746  6.649   -3.109  1.00 20.59 ? 30   ALA B C   1 
ATOM   854  O  O   . ALA B 1 61 ? 30.575  7.221   -3.811  1.00 21.58 ? 30   ALA B O   1 
ATOM   855  C  CB  . ALA B 1 61 ? 27.504  7.509   -3.677  1.00 19.77 ? 30   ALA B CB  1 
ATOM   856  N  N   . ASP B 1 62 ? 29.960  6.386   -1.822  1.00 20.88 ? 31   ASP B N   1 
ATOM   857  C  CA  . ASP B 1 62 ? 31.285  6.572   -1.217  1.00 20.04 ? 31   ASP B CA  1 
ATOM   858  C  C   . ASP B 1 62 ? 32.021  5.269   -1.410  1.00 19.61 ? 31   ASP B C   1 
ATOM   859  O  O   . ASP B 1 62 ? 31.797  4.306   -0.685  1.00 18.78 ? 31   ASP B O   1 
ATOM   860  C  CB  . ASP B 1 62 ? 31.144  6.939   0.261   1.00 20.45 ? 31   ASP B CB  1 
ATOM   861  C  CG  . ASP B 1 62 ? 32.482  7.124   0.965   1.00 22.32 ? 31   ASP B CG  1 
ATOM   862  O  OD1 . ASP B 1 62 ? 33.557  6.920   0.363   1.00 20.42 ? 31   ASP B OD1 1 
ATOM   863  O  OD2 . ASP B 1 62 ? 32.448  7.450   2.171   1.00 22.95 ? 31   ASP B OD2 1 
ATOM   864  N  N   . ARG B 1 63 ? 32.844  5.198   -2.450  1.00 19.12 ? 32   ARG B N   1 
ATOM   865  C  CA  . ARG B 1 63 ? 33.468  3.944   -2.777  1.00 19.72 ? 32   ARG B CA  1 
ATOM   866  C  C   . ARG B 1 63 ? 34.643  3.582   -1.877  1.00 19.98 ? 32   ARG B C   1 
ATOM   867  O  O   . ARG B 1 63 ? 35.250  2.535   -2.063  1.00 19.78 ? 32   ARG B O   1 
ATOM   868  C  CB  . ARG B 1 63 ? 33.862  3.882   -4.260  1.00 18.76 ? 32   ARG B CB  1 
ATOM   869  C  CG  . ARG B 1 63 ? 32.688  4.116   -5.199  1.00 20.07 ? 32   ARG B CG  1 
ATOM   870  C  CD  . ARG B 1 63 ? 33.117  3.804   -6.654  1.00 19.00 ? 32   ARG B CD  1 
ATOM   871  N  NE  . ARG B 1 63 ? 33.465  2.393   -6.851  1.00 19.64 ? 32   ARG B NE  1 
ATOM   872  C  CZ  . ARG B 1 63 ? 33.869  1.879   -8.017  1.00 23.13 ? 32   ARG B CZ  1 
ATOM   873  N  NH1 . ARG B 1 63 ? 34.000  2.661   -9.078  1.00 24.77 ? 32   ARG B NH1 1 
ATOM   874  N  NH2 . ARG B 1 63 ? 34.156  0.596   -8.118  1.00 25.02 ? 32   ARG B NH2 1 
ATOM   875  N  N   . ARG B 1 64 ? 34.959  4.427   -0.907  1.00 20.67 ? 33   ARG B N   1 
ATOM   876  C  CA  . ARG B 1 64 ? 36.079  4.125   -0.032  1.00 22.73 ? 33   ARG B CA  1 
ATOM   877  C  C   . ARG B 1 64 ? 35.860  2.832   0.760   1.00 24.87 ? 33   ARG B C   1 
ATOM   878  O  O   . ARG B 1 64 ? 36.809  2.095   1.015   1.00 25.17 ? 33   ARG B O   1 
ATOM   879  C  CB  . ARG B 1 64 ? 36.337  5.280   0.919   1.00 22.22 ? 33   ARG B CB  1 
ATOM   880  C  CG  . ARG B 1 64 ? 36.869  6.503   0.250   1.00 22.18 ? 33   ARG B CG  1 
ATOM   881  C  CD  . ARG B 1 64 ? 37.077  7.595   1.271   1.00 24.17 ? 33   ARG B CD  1 
ATOM   882  N  NE  . ARG B 1 64 ? 35.812  8.020   1.863   1.00 22.49 ? 33   ARG B NE  1 
ATOM   883  C  CZ  . ARG B 1 64 ? 35.720  8.687   3.007   1.00 25.41 ? 33   ARG B CZ  1 
ATOM   884  N  NH1 . ARG B 1 64 ? 36.833  8.976   3.678   1.00 27.02 ? 33   ARG B NH1 1 
ATOM   885  N  NH2 . ARG B 1 64 ? 34.533  9.046   3.496   1.00 22.20 ? 33   ARG B NH2 1 
ATOM   886  N  N   . GLN B 1 65 ? 34.622  2.551   1.149   1.00 26.76 ? 34   GLN B N   1 
ATOM   887  C  CA  . GLN B 1 65 ? 34.349  1.359   1.972   1.00 29.67 ? 34   GLN B CA  1 
ATOM   888  C  C   . GLN B 1 65 ? 33.937  0.121   1.173   1.00 30.96 ? 34   GLN B C   1 
ATOM   889  O  O   . GLN B 1 65 ? 33.494  -0.885  1.742   1.00 31.52 ? 34   GLN B O   1 
ATOM   890  C  CB  . GLN B 1 65 ? 33.289  1.671   3.039   1.00 29.98 ? 34   GLN B CB  1 
ATOM   891  C  CG  . GLN B 1 65 ? 33.660  2.867   3.902   1.00 31.20 ? 34   GLN B CG  1 
ATOM   892  C  CD  . GLN B 1 65 ? 33.217  4.163   3.261   1.00 32.68 ? 34   GLN B CD  1 
ATOM   893  O  OE1 . GLN B 1 65 ? 32.472  4.148   2.273   1.00 32.64 ? 34   GLN B OE1 1 
ATOM   894  N  NE2 . GLN B 1 65 ? 33.657  5.284   3.816   1.00 32.40 ? 34   GLN B NE2 1 
ATOM   895  N  N   . GLU B 1 66 ? 34.112  0.194   -0.140  1.00 31.98 ? 35   GLU B N   1 
ATOM   896  C  CA  . GLU B 1 66 ? 33.620  -0.804  -1.066  1.00 33.15 ? 35   GLU B CA  1 
ATOM   897  C  C   . GLU B 1 66 ? 34.290  -2.158  -0.870  1.00 34.30 ? 35   GLU B C   1 
ATOM   898  O  O   . GLU B 1 66 ? 35.511  -2.270  -0.916  1.00 33.91 ? 35   GLU B O   1 
ATOM   899  C  CB  . GLU B 1 66 ? 33.924  -0.322  -2.469  1.00 32.69 ? 35   GLU B CB  1 
ATOM   900  C  CG  . GLU B 1 66 ? 33.069  -0.890  -3.551  1.00 33.07 ? 35   GLU B CG  1 
ATOM   901  C  CD  . GLU B 1 66 ? 33.262  -0.106  -4.811  1.00 32.81 ? 35   GLU B CD  1 
ATOM   902  O  OE1 . GLU B 1 66 ? 34.298  -0.322  -5.487  1.00 34.26 ? 35   GLU B OE1 1 
ATOM   903  O  OE2 . GLU B 1 66 ? 32.411  0.757   -5.097  1.00 30.27 ? 35   GLU B OE2 1 
ATOM   904  N  N   . PRO B 1 67 ? 33.485  -3.209  -0.686  1.00 35.85 ? 36   PRO B N   1 
ATOM   905  C  CA  . PRO B 1 67 ? 34.139  -4.506  -0.607  1.00 36.76 ? 36   PRO B CA  1 
ATOM   906  C  C   . PRO B 1 67 ? 34.713  -4.836  -1.986  1.00 37.85 ? 36   PRO B C   1 
ATOM   907  O  O   . PRO B 1 67 ? 34.330  -4.219  -2.974  1.00 37.82 ? 36   PRO B O   1 
ATOM   908  C  CB  . PRO B 1 67 ? 33.000  -5.454  -0.219  1.00 36.89 ? 36   PRO B CB  1 
ATOM   909  C  CG  . PRO B 1 67 ? 31.728  -4.764  -0.634  1.00 36.47 ? 36   PRO B CG  1 
ATOM   910  C  CD  . PRO B 1 67 ? 32.010  -3.293  -0.715  1.00 35.99 ? 36   PRO B CD  1 
ATOM   911  N  N   . MET B 1 68 ? 35.649  -5.766  -2.072  1.00 39.33 ? 37   MET B N   1 
ATOM   912  C  CA  . MET B 1 68 ? 36.106  -6.170  -3.404  1.00 40.58 ? 37   MET B CA  1 
ATOM   913  C  C   . MET B 1 68 ? 36.268  -7.678  -3.550  1.00 41.40 ? 37   MET B C   1 
ATOM   914  O  O   . MET B 1 68 ? 36.554  -8.134  -4.663  1.00 42.19 ? 37   MET B O   1 
ATOM   915  C  CB  . MET B 1 68 ? 37.375  -5.418  -3.831  1.00 40.67 ? 37   MET B CB  1 
ATOM   916  C  CG  . MET B 1 68 ? 38.360  -5.211  -2.723  1.00 39.87 ? 37   MET B CG  1 
ATOM   917  S  SD  . MET B 1 68 ? 39.773  -4.175  -3.161  1.00 38.51 ? 37   MET B SD  1 
ATOM   918  C  CE  . MET B 1 68 ? 40.612  -5.171  -4.391  1.00 33.90 ? 37   MET B CE  1 
ATOM   919  O  OXT . MET B 1 68 ? 36.076  -8.454  -2.596  1.00 41.65 ? 37   MET B OXT 1 
HETATM 920  NA NA  . NA  C 2 .  ? 30.571  3.191   0.843   1.00 29.55 ? 1563 NA  B NA  1 
HETATM 921  O  O   . HOH D 3 .  ? -21.521 25.849  7.520   1.00 52.49 ? 38   HOH A O   1 
HETATM 922  O  O   . HOH D 3 .  ? -8.990  7.041   3.221   1.00 40.51 ? 39   HOH A O   1 
HETATM 923  O  O   . HOH D 3 .  ? 1.507   3.960   -10.545 1.00 33.13 ? 40   HOH A O   1 
HETATM 924  O  O   . HOH D 3 .  ? -10.440 5.806   -5.115  1.00 30.39 ? 43   HOH A O   1 
HETATM 925  O  O   . HOH D 3 .  ? -22.723 -7.124  0.859   1.00 40.16 ? 47   HOH A O   1 
HETATM 926  O  O   . HOH D 3 .  ? -27.861 19.961  11.044  1.00 53.54 ? 48   HOH A O   1 
HETATM 927  O  O   . HOH D 3 .  ? 22.358  -3.868  -6.714  1.00 44.79 ? 50   HOH A O   1 
HETATM 928  O  O   . HOH D 3 .  ? 5.883   5.326   -9.237  1.00 27.46 ? 51   HOH A O   1 
HETATM 929  O  O   . HOH D 3 .  ? -24.954 27.647  9.349   1.00 54.82 ? 53   HOH A O   1 
HETATM 930  O  O   . HOH D 3 .  ? 24.535  -0.395  -6.320  1.00 28.59 ? 54   HOH A O   1 
HETATM 931  O  O   . HOH D 3 .  ? -16.289 7.869   -2.856  1.00 38.94 ? 55   HOH A O   1 
HETATM 932  O  O   . HOH D 3 .  ? -10.622 10.769  -1.922  1.00 34.72 ? 57   HOH A O   1 
HETATM 933  O  O   . HOH D 3 .  ? 8.961   0.514   -12.196 1.00 36.83 ? 59   HOH A O   1 
HETATM 934  O  O   . HOH D 3 .  ? -14.185 5.688   -6.074  1.00 42.60 ? 63   HOH A O   1 
HETATM 935  O  O   . HOH D 3 .  ? 18.860  -4.646  -5.185  1.00 59.04 ? 65   HOH A O   1 
HETATM 936  O  O   . HOH D 3 .  ? 22.076  3.878   -12.356 1.00 46.15 ? 67   HOH A O   1 
HETATM 937  O  O   . HOH D 3 .  ? 24.365  -2.726  -16.486 1.00 49.86 ? 69   HOH A O   1 
HETATM 938  O  O   . HOH D 3 .  ? 37.186  -1.748  -15.157 1.00 56.10 ? 70   HOH A O   1 
HETATM 939  O  O   . HOH D 3 .  ? -16.179 18.215  14.140  1.00 33.15 ? 71   HOH A O   1 
HETATM 940  O  O   . HOH D 3 .  ? -6.613  10.202  1.425   1.00 33.30 ? 75   HOH A O   1 
HETATM 941  O  O   . HOH D 3 .  ? 15.952  -6.564  -7.257  1.00 51.68 ? 77   HOH A O   1 
HETATM 942  O  O   . HOH D 3 .  ? -2.815  2.267   -10.111 1.00 42.67 ? 78   HOH A O   1 
HETATM 943  O  O   . HOH D 3 .  ? 18.563  5.852   -7.370  1.00 38.47 ? 81   HOH A O   1 
HETATM 944  O  O   . HOH D 3 .  ? 27.643  -1.152  -5.686  1.00 47.68 ? 83   HOH A O   1 
HETATM 945  O  O   . HOH D 3 .  ? 19.267  -2.144  -14.095 1.00 47.98 ? 84   HOH A O   1 
HETATM 946  O  O   . HOH D 3 .  ? -23.918 5.472   -2.970  1.00 40.21 ? 85   HOH A O   1 
HETATM 947  O  O   . HOH D 3 .  ? 21.625  -3.669  -14.657 1.00 47.49 ? 86   HOH A O   1 
HETATM 948  O  O   . HOH D 3 .  ? -22.781 19.681  16.944  1.00 39.13 ? 89   HOH A O   1 
HETATM 949  O  O   . HOH D 3 .  ? -21.168 26.772  10.089  1.00 58.38 ? 90   HOH A O   1 
HETATM 950  O  O   . HOH D 3 .  ? 23.753  2.351   -5.693  1.00 15.73 ? 94   HOH A O   1 
HETATM 951  O  O   . HOH D 3 .  ? 12.991  11.166  -5.776  1.00 20.83 ? 95   HOH A O   1 
HETATM 952  O  O   . HOH D 3 .  ? -15.675 21.289  14.992  1.00 43.73 ? 97   HOH A O   1 
HETATM 953  O  O   . HOH D 3 .  ? -24.513 21.317  17.987  1.00 37.35 ? 98   HOH A O   1 
HETATM 954  O  O   . HOH D 3 .  ? -4.595  11.351  0.890   1.00 25.15 ? 99   HOH A O   1 
HETATM 955  O  O   . HOH D 3 .  ? 13.756  -4.276  -10.207 1.00 54.60 ? 102  HOH A O   1 
HETATM 956  O  O   . HOH D 3 .  ? 36.752  0.560   -16.932 1.00 49.85 ? 104  HOH A O   1 
HETATM 957  O  O   . HOH D 3 .  ? 17.849  -4.614  -13.327 1.00 52.13 ? 106  HOH A O   1 
HETATM 958  O  O   . HOH D 3 .  ? -26.471 20.653  20.501  1.00 60.23 ? 107  HOH A O   1 
HETATM 959  O  O   . HOH D 3 .  ? -26.551 18.270  18.563  1.00 52.12 ? 108  HOH A O   1 
HETATM 960  O  O   . HOH D 3 .  ? -25.728 16.592  17.173  1.00 41.16 ? 109  HOH A O   1 
HETATM 961  O  O   . HOH D 3 .  ? -5.326  7.572   -7.518  1.00 33.35 ? 111  HOH A O   1 
HETATM 962  O  O   . HOH D 3 .  ? -21.959 3.554   -4.481  1.00 46.45 ? 112  HOH A O   1 
HETATM 963  O  O   . HOH D 3 .  ? -18.126 7.628   -5.774  1.00 36.38 ? 113  HOH A O   1 
HETATM 964  O  O   . HOH D 3 .  ? -5.962  9.405   -4.945  1.00 34.39 ? 115  HOH A O   1 
HETATM 965  O  O   . HOH D 3 .  ? -17.060 5.459   -6.426  1.00 46.90 ? 116  HOH A O   1 
HETATM 966  O  O   . HOH D 3 .  ? -12.715 4.668   4.360   1.00 43.97 ? 117  HOH A O   1 
HETATM 967  O  O   . HOH D 3 .  ? 25.849  -0.680  -15.774 1.00 49.33 ? 119  HOH A O   1 
HETATM 968  O  O   . HOH D 3 .  ? 16.609  -5.148  -10.627 1.00 43.30 ? 122  HOH A O   1 
HETATM 969  O  O   . HOH D 3 .  ? -18.781 -4.688  -1.047  1.00 47.65 ? 124  HOH A O   1 
HETATM 970  O  O   . HOH D 3 .  ? -14.680 7.711   5.229   1.00 39.54 ? 125  HOH A O   1 
HETATM 971  O  O   . HOH D 3 .  ? -23.272 6.690   7.079   1.00 53.17 ? 126  HOH A O   1 
HETATM 972  O  O   . HOH D 3 .  ? -12.393 15.330  5.985   1.00 28.11 ? 127  HOH A O   1 
HETATM 973  O  O   . HOH D 3 .  ? -28.012 10.659  3.747   1.00 39.77 ? 129  HOH A O   1 
HETATM 974  O  O   . HOH D 3 .  ? -26.104 6.813   -2.208  1.00 48.73 ? 132  HOH A O   1 
HETATM 975  O  O   . HOH D 3 .  ? -6.432  7.334   -5.945  1.00 40.93 ? 134  HOH A O   1 
HETATM 976  O  O   . HOH D 3 .  ? -14.990 2.800   -7.043  1.00 45.61 ? 135  HOH A O   1 
HETATM 977  O  O   . HOH D 3 .  ? 29.914  -4.894  -14.758 1.00 45.57 ? 137  HOH A O   1 
HETATM 978  O  O   . HOH D 3 .  ? 29.667  4.847   -7.560  1.00 42.24 ? 143  HOH A O   1 
HETATM 979  O  O   . HOH D 3 .  ? 36.739  -4.199  -15.826 1.00 53.34 ? 149  HOH A O   1 
HETATM 980  O  O   . HOH D 3 .  ? -24.452 6.500   5.233   1.00 46.51 ? 151  HOH A O   1 
HETATM 981  O  O   . HOH D 3 .  ? -13.605 19.564  5.701   1.00 40.80 ? 1563 HOH A O   1 
HETATM 982  O  O   . HOH D 3 .  ? -14.947 5.113   4.911   1.00 30.73 ? 1564 HOH A O   1 
HETATM 983  O  O   . HOH D 3 .  ? -22.134 2.843   -0.029  1.00 17.15 ? 1565 HOH A O   1 
HETATM 984  O  O   . HOH D 3 .  ? -16.208 3.889   6.944   1.00 54.93 ? 1566 HOH A O   1 
HETATM 985  O  O   . HOH D 3 .  ? -8.017  11.981  -1.736  1.00 25.72 ? 1567 HOH A O   1 
HETATM 986  O  O   . HOH D 3 .  ? -15.113 20.294  9.440   1.00 54.15 ? 1568 HOH A O   1 
HETATM 987  O  O   . HOH D 3 .  ? 21.451  3.704   -7.245  1.00 23.16 ? 1569 HOH A O   1 
HETATM 988  O  O   . HOH D 3 .  ? -15.672 9.619   3.314   1.00 23.88 ? 1570 HOH A O   1 
HETATM 989  O  O   . HOH D 3 .  ? -12.984 7.316   0.562   1.00 27.42 ? 1571 HOH A O   1 
HETATM 990  O  O   . HOH D 3 .  ? -10.667 7.982   -0.926  1.00 31.38 ? 1572 HOH A O   1 
HETATM 991  O  O   . HOH D 3 .  ? -0.479  4.230   -9.049  1.00 26.18 ? 1573 HOH A O   1 
HETATM 992  O  O   . HOH D 3 .  ? 18.998  2.965   -6.127  1.00 25.46 ? 1574 HOH A O   1 
HETATM 993  O  O   . HOH D 3 .  ? -24.916 -1.645  1.024   1.00 47.74 ? 1575 HOH A O   1 
HETATM 994  O  O   . HOH D 3 .  ? 13.989  8.481   -5.581  1.00 20.27 ? 1576 HOH A O   1 
HETATM 995  O  O   . HOH D 3 .  ? -21.667 5.198   7.786   1.00 45.02 ? 1577 HOH A O   1 
HETATM 996  O  O   . HOH D 3 .  ? 22.305  0.562   -3.913  1.00 28.06 ? 1578 HOH A O   1 
HETATM 997  O  O   . HOH D 3 .  ? -7.024  1.167   -7.387  1.00 32.70 ? 1579 HOH A O   1 
HETATM 998  O  O   . HOH D 3 .  ? -16.431 3.753   -4.560  1.00 31.68 ? 1580 HOH A O   1 
HETATM 999  O  O   . HOH D 3 .  ? 8.806   -3.345  -6.585  1.00 32.55 ? 1581 HOH A O   1 
HETATM 1000 O  O   . HOH E 3 .  ? 35.121  0.659   -11.619 1.00 45.60 ? 41   HOH B O   1 
HETATM 1001 O  O   . HOH E 3 .  ? 19.807  1.535   -3.440  1.00 27.05 ? 42   HOH B O   1 
HETATM 1002 O  O   . HOH E 3 .  ? 29.475  1.748   2.225   1.00 39.27 ? 44   HOH B O   1 
HETATM 1003 O  O   . HOH E 3 .  ? 16.128  8.127   2.400   1.00 35.98 ? 45   HOH B O   1 
HETATM 1004 O  O   . HOH E 3 .  ? -1.908  -6.644  7.544   1.00 42.09 ? 46   HOH B O   1 
HETATM 1005 O  O   . HOH E 3 .  ? -11.759 -6.170  0.676   1.00 34.07 ? 49   HOH B O   1 
HETATM 1006 O  O   . HOH E 3 .  ? -13.715 -7.796  0.926   1.00 32.60 ? 52   HOH B O   1 
HETATM 1007 O  O   . HOH E 3 .  ? -15.777 -18.363 -4.621  1.00 42.67 ? 56   HOH B O   1 
HETATM 1008 O  O   . HOH E 3 .  ? 16.873  -2.456  1.785   1.00 52.01 ? 58   HOH B O   1 
HETATM 1009 O  O   . HOH E 3 .  ? 30.309  7.956   3.612   1.00 44.73 ? 60   HOH B O   1 
HETATM 1010 O  O   . HOH E 3 .  ? -2.896  -0.612  9.198   1.00 28.73 ? 61   HOH B O   1 
HETATM 1011 O  O   . HOH E 3 .  ? -21.791 -3.585  8.956   1.00 39.38 ? 62   HOH B O   1 
HETATM 1012 O  O   . HOH E 3 .  ? -4.603  1.222   9.443   1.00 45.33 ? 64   HOH B O   1 
HETATM 1013 O  O   . HOH E 3 .  ? -5.750  -6.538  8.047   1.00 29.97 ? 66   HOH B O   1 
HETATM 1014 O  O   . HOH E 3 .  ? -8.184  -7.090  10.465  1.00 52.92 ? 68   HOH B O   1 
HETATM 1015 O  O   . HOH E 3 .  ? 31.005  -1.914  2.344   1.00 53.42 ? 72   HOH B O   1 
HETATM 1016 O  O   . HOH E 3 .  ? 16.933  7.972   -6.340  1.00 44.69 ? 73   HOH B O   1 
HETATM 1017 O  O   . HOH E 3 .  ? 13.126  3.754   6.060   1.00 37.05 ? 74   HOH B O   1 
HETATM 1018 O  O   . HOH E 3 .  ? 23.094  -5.744  -3.041  1.00 50.86 ? 76   HOH B O   1 
HETATM 1019 O  O   . HOH E 3 .  ? -4.404  -3.796  11.193  1.00 54.47 ? 79   HOH B O   1 
HETATM 1020 O  O   . HOH E 3 .  ? -24.225 -25.479 0.346   1.00 42.81 ? 80   HOH B O   1 
HETATM 1021 O  O   . HOH E 3 .  ? 7.419   8.390   -2.867  1.00 35.82 ? 82   HOH B O   1 
HETATM 1022 O  O   . HOH E 3 .  ? -17.013 5.206   10.148  1.00 52.91 ? 87   HOH B O   1 
HETATM 1023 O  O   . HOH E 3 .  ? 8.581   -1.983  7.378   1.00 40.59 ? 88   HOH B O   1 
HETATM 1024 O  O   . HOH E 3 .  ? -10.030 -7.591  12.557  1.00 48.08 ? 91   HOH B O   1 
HETATM 1025 O  O   . HOH E 3 .  ? 23.852  5.836   6.360   1.00 57.34 ? 92   HOH B O   1 
HETATM 1026 O  O   . HOH E 3 .  ? 38.646  5.299   4.059   1.00 37.27 ? 93   HOH B O   1 
HETATM 1027 O  O   . HOH E 3 .  ? 38.996  -8.895  -1.074  1.00 23.86 ? 96   HOH B O   1 
HETATM 1028 O  O   . HOH E 3 .  ? -12.488 -10.137 0.683   1.00 34.52 ? 100  HOH B O   1 
HETATM 1029 O  O   . HOH E 3 .  ? 27.159  0.064   1.918   1.00 42.73 ? 101  HOH B O   1 
HETATM 1030 O  O   . HOH E 3 .  ? 36.809  -10.872 -1.613  1.00 44.15 ? 103  HOH B O   1 
HETATM 1031 O  O   . HOH E 3 .  ? 29.472  -0.907  0.549   1.00 34.28 ? 105  HOH B O   1 
HETATM 1032 O  O   . HOH E 3 .  ? -18.737 3.757   9.075   1.00 41.60 ? 110  HOH B O   1 
HETATM 1033 O  O   . HOH E 3 .  ? -19.998 -30.745 -3.585  1.00 52.91 ? 114  HOH B O   1 
HETATM 1034 O  O   . HOH E 3 .  ? 23.044  6.973   3.703   1.00 42.66 ? 118  HOH B O   1 
HETATM 1035 O  O   . HOH E 3 .  ? -7.328  4.129   6.333   1.00 39.41 ? 120  HOH B O   1 
HETATM 1036 O  O   . HOH E 3 .  ? 24.621  8.601   4.351   1.00 57.05 ? 121  HOH B O   1 
HETATM 1037 O  O   . HOH E 3 .  ? 19.909  -1.123  4.270   1.00 44.37 ? 123  HOH B O   1 
HETATM 1038 O  O   . HOH E 3 .  ? -13.997 -4.888  11.508  1.00 44.96 ? 128  HOH B O   1 
HETATM 1039 O  O   . HOH E 3 .  ? 14.089  -1.614  4.454   1.00 51.99 ? 130  HOH B O   1 
HETATM 1040 O  O   . HOH E 3 .  ? 14.377  -4.884  2.302   1.00 63.09 ? 131  HOH B O   1 
HETATM 1041 O  O   . HOH E 3 .  ? -1.282  0.964   10.414  1.00 47.08 ? 133  HOH B O   1 
HETATM 1042 O  O   . HOH E 3 .  ? -6.530  -4.062  13.615  1.00 50.61 ? 136  HOH B O   1 
HETATM 1043 O  O   . HOH E 3 .  ? 30.520  1.291   -3.202  1.00 18.26 ? 138  HOH B O   1 
HETATM 1044 O  O   . HOH E 3 .  ? 3.941   -1.530  7.748   1.00 22.68 ? 139  HOH B O   1 
HETATM 1045 O  O   . HOH E 3 .  ? 30.789  1.385   -0.465  1.00 29.09 ? 140  HOH B O   1 
HETATM 1046 O  O   . HOH E 3 .  ? 8.560   -3.359  1.690   1.00 26.96 ? 141  HOH B O   1 
HETATM 1047 O  O   . HOH E 3 .  ? 6.418   -0.610  8.244   1.00 29.03 ? 142  HOH B O   1 
HETATM 1048 O  O   . HOH E 3 .  ? -18.479 -11.653 13.272  1.00 31.33 ? 144  HOH B O   1 
HETATM 1049 O  O   . HOH E 3 .  ? 30.064  10.593  -2.061  1.00 32.35 ? 145  HOH B O   1 
HETATM 1050 O  O   . HOH E 3 .  ? 6.066   6.901   -5.286  1.00 34.56 ? 146  HOH B O   1 
HETATM 1051 O  O   . HOH E 3 .  ? 12.549  -0.778  5.366   1.00 47.70 ? 147  HOH B O   1 
HETATM 1052 O  O   . HOH E 3 .  ? 18.390  6.167   -5.174  1.00 38.32 ? 148  HOH B O   1 
HETATM 1053 O  O   . HOH E 3 .  ? -17.412 -9.240  11.341  1.00 42.44 ? 150  HOH B O   1 
HETATM 1054 O  O   . HOH E 3 .  ? 9.198   6.274   -2.209  1.00 20.05 ? 1564 HOH B O   1 
HETATM 1055 O  O   . HOH E 3 .  ? -11.831 -6.134  10.430  1.00 29.05 ? 1565 HOH B O   1 
HETATM 1056 O  O   . HOH E 3 .  ? 9.895   -1.662  5.138   1.00 22.06 ? 1566 HOH B O   1 
HETATM 1057 O  O   . HOH E 3 .  ? 10.006  6.457   0.252   1.00 17.59 ? 1567 HOH B O   1 
HETATM 1058 O  O   . HOH E 3 .  ? -18.768 -7.229  8.430   1.00 18.34 ? 1568 HOH B O   1 
HETATM 1059 O  O   . HOH E 3 .  ? -19.543 -9.432  0.355   1.00 33.38 ? 1569 HOH B O   1 
HETATM 1060 O  O   . HOH E 3 .  ? -9.702  -21.424 -1.787  1.00 37.64 ? 1570 HOH B O   1 
HETATM 1061 O  O   . HOH E 3 .  ? 13.778  8.729   0.883   1.00 28.95 ? 1571 HOH B O   1 
HETATM 1062 O  O   . HOH E 3 .  ? 39.626  8.145   3.878   1.00 26.33 ? 1572 HOH B O   1 
HETATM 1063 O  O   . HOH E 3 .  ? 29.036  -1.041  -3.217  1.00 41.52 ? 1573 HOH B O   1 
HETATM 1064 O  O   . HOH E 3 .  ? 8.776   -0.636  -1.987  1.00 23.45 ? 1574 HOH B O   1 
HETATM 1065 O  O   . HOH E 3 .  ? 19.331  1.212   4.172   1.00 42.74 ? 1575 HOH B O   1 
HETATM 1066 O  O   . HOH E 3 .  ? -14.191 -14.985 -3.664  1.00 34.56 ? 1576 HOH B O   1 
HETATM 1067 O  O   . HOH E 3 .  ? 27.867  9.453   -0.339  1.00 30.37 ? 1577 HOH B O   1 
HETATM 1068 O  O   . HOH E 3 .  ? -26.661 -25.791 -1.027  1.00 54.73 ? 1578 HOH B O   1 
HETATM 1069 O  O   . HOH E 3 .  ? 20.541  8.779   -1.953  1.00 36.82 ? 1579 HOH B O   1 
HETATM 1070 O  O   . HOH E 3 .  ? -20.822 -6.035  6.839   1.00 31.23 ? 1580 HOH B O   1 
HETATM 1071 O  O   . HOH E 3 .  ? -9.638  -17.296 -1.777  1.00 33.92 ? 1581 HOH B O   1 
# 
